data_3WH0
# 
_entry.id   3WH0 
# 
_audit_conform.dict_name       mmcif_pdbx.dic 
_audit_conform.dict_version    5.392 
_audit_conform.dict_location   http://mmcif.pdb.org/dictionaries/ascii/mmcif_pdbx.dic 
# 
loop_
_database_2.database_id 
_database_2.database_code 
_database_2.pdbx_database_accession 
_database_2.pdbx_DOI 
PDB   3WH0         pdb_00003wh0 10.2210/pdb3wh0/pdb 
RCSB  RCSB096323   ?            ?                   
WWPDB D_1000096323 ?            ?                   
# 
loop_
_pdbx_audit_revision_history.ordinal 
_pdbx_audit_revision_history.data_content_type 
_pdbx_audit_revision_history.major_revision 
_pdbx_audit_revision_history.minor_revision 
_pdbx_audit_revision_history.revision_date 
1 'Structure model' 1 0 2014-10-15 
2 'Structure model' 1 1 2022-08-24 
3 'Structure model' 1 2 2024-05-29 
# 
_pdbx_audit_revision_details.ordinal             1 
_pdbx_audit_revision_details.revision_ordinal    1 
_pdbx_audit_revision_details.data_content_type   'Structure model' 
_pdbx_audit_revision_details.provider            repository 
_pdbx_audit_revision_details.type                'Initial release' 
_pdbx_audit_revision_details.description         ? 
_pdbx_audit_revision_details.details             ? 
# 
loop_
_pdbx_audit_revision_group.ordinal 
_pdbx_audit_revision_group.revision_ordinal 
_pdbx_audit_revision_group.data_content_type 
_pdbx_audit_revision_group.group 
1 2 'Structure model' 'Database references'  
2 2 'Structure model' 'Derived calculations' 
3 3 'Structure model' 'Data collection'      
# 
loop_
_pdbx_audit_revision_category.ordinal 
_pdbx_audit_revision_category.revision_ordinal 
_pdbx_audit_revision_category.data_content_type 
_pdbx_audit_revision_category.category 
1 2 'Structure model' citation           
2 2 'Structure model' citation_author    
3 2 'Structure model' database_2         
4 2 'Structure model' struct_ref_seq_dif 
5 2 'Structure model' struct_site        
6 3 'Structure model' chem_comp_atom     
7 3 'Structure model' chem_comp_bond     
# 
loop_
_pdbx_audit_revision_item.ordinal 
_pdbx_audit_revision_item.revision_ordinal 
_pdbx_audit_revision_item.data_content_type 
_pdbx_audit_revision_item.item 
1  2 'Structure model' '_citation.journal_volume'            
2  2 'Structure model' '_citation.page_first'                
3  2 'Structure model' '_citation.page_last'                 
4  2 'Structure model' '_citation.title'                     
5  2 'Structure model' '_citation_author.name'               
6  2 'Structure model' '_database_2.pdbx_DOI'                
7  2 'Structure model' '_database_2.pdbx_database_accession' 
8  2 'Structure model' '_struct_ref_seq_dif.details'         
9  2 'Structure model' '_struct_site.pdbx_auth_asym_id'      
10 2 'Structure model' '_struct_site.pdbx_auth_comp_id'      
11 2 'Structure model' '_struct_site.pdbx_auth_seq_id'       
# 
_pdbx_database_status.status_code                     REL 
_pdbx_database_status.entry_id                        3WH0 
_pdbx_database_status.recvd_initial_deposition_date   2013-08-20 
_pdbx_database_status.deposit_site                    PDBJ 
_pdbx_database_status.process_site                    PDBJ 
_pdbx_database_status.methods_development_category    ? 
_pdbx_database_status.status_code_sf                  REL 
_pdbx_database_status.status_code_mr                  ? 
_pdbx_database_status.SG_entry                        ? 
_pdbx_database_status.status_code_cs                  ? 
_pdbx_database_status.pdb_format_compatible           Y 
_pdbx_database_status.status_code_nmr_data            ? 
# 
loop_
_audit_author.name 
_audit_author.pdbx_ordinal 
'Lee, C.C.'    1 
'Liu, C.I.'    2 
'Jeng, W.Y.'   3 
'Wang, A.H.J.' 4 
# 
_citation.id                        primary 
_citation.title                     'Crowning proteins: modulating the protein surface properties using crown ethers.' 
_citation.journal_abbrev            Angew.Chem.Int.Ed.Engl. 
_citation.journal_volume            53 
_citation.page_first                13054 
_citation.page_last                 13058 
_citation.year                      2014 
_citation.journal_id_ASTM           ACIEAY 
_citation.country                   GE 
_citation.journal_id_ISSN           1521-3773 
_citation.journal_id_CSD            0179 
_citation.book_publisher            ? 
_citation.pdbx_database_id_PubMed   25287606 
_citation.pdbx_database_id_DOI      10.1002/anie.201405664 
# 
loop_
_citation_author.citation_id 
_citation_author.name 
_citation_author.ordinal 
_citation_author.identifier_ORCID 
primary 'Lee, C.C.'         1  ? 
primary 'Maestre-Reyna, M.' 2  ? 
primary 'Hsu, K.C.'         3  ? 
primary 'Wang, H.C.'        4  ? 
primary 'Liu, C.I.'         5  ? 
primary 'Jeng, W.Y.'        6  ? 
primary 'Lin, L.L.'         7  ? 
primary 'Wood, R.'          8  ? 
primary 'Chou, C.C.'        9  ? 
primary 'Yang, J.M.'        10 ? 
primary 'Wang, A.H.'        11 ? 
# 
loop_
_entity.id 
_entity.type 
_entity.src_method 
_entity.pdbx_description 
_entity.formula_weight 
_entity.pdbx_number_of_molecules 
_entity.pdbx_ec 
_entity.pdbx_mutation 
_entity.pdbx_fragment 
_entity.details 
1 polymer     man 'Peptidyl-prolyl cis-trans isomerase NIMA-interacting 1' 18185.193 1   5.2.1.8 R14A ? ? 
2 non-polymer syn 'SULFATE ION'                                            96.063    1   ?       ?    ? ? 
3 non-polymer syn 1,4,7,10,13,16-HEXAOXACYCLOOCTADECANE                    264.315   2   ?       ?    ? ? 
4 non-polymer syn 2,3-DIHYDROXY-1,4-DITHIOBUTANE                           154.251   1   ?       ?    ? ? 
5 water       nat water                                                    18.015    181 ?       ?    ? ? 
# 
_entity_name_com.entity_id   1 
_entity_name_com.name        'Peptidyl-prolyl cis-trans isomerase Pin1, PPIase Pin1, Rotamase Pin1' 
# 
_entity_poly.entity_id                      1 
_entity_poly.type                           'polypeptide(L)' 
_entity_poly.nstd_linkage                   no 
_entity_poly.nstd_monomer                   no 
_entity_poly.pdbx_seq_one_letter_code       
;MADEEKLPPGWEKAMSRSSGRVYYFNHITNASQWERPSGNSSSGGKNGQGEPARVRCSHLLVKHSQSRRPSSWRQEKITR
TKEEALELINGYIQKIKSGEEDFESLASQFSDCSSAKARGDLGAFSRGQMQKPFEDASFALRTGEMSGPVFTDSGIHIIL
RTE
;
_entity_poly.pdbx_seq_one_letter_code_can   
;MADEEKLPPGWEKAMSRSSGRVYYFNHITNASQWERPSGNSSSGGKNGQGEPARVRCSHLLVKHSQSRRPSSWRQEKITR
TKEEALELINGYIQKIKSGEEDFESLASQFSDCSSAKARGDLGAFSRGQMQKPFEDASFALRTGEMSGPVFTDSGIHIIL
RTE
;
_entity_poly.pdbx_strand_id                 A 
_entity_poly.pdbx_target_identifier         ? 
# 
loop_
_pdbx_entity_nonpoly.entity_id 
_pdbx_entity_nonpoly.name 
_pdbx_entity_nonpoly.comp_id 
2 'SULFATE ION'                         SO4 
3 1,4,7,10,13,16-HEXAOXACYCLOOCTADECANE O4B 
4 2,3-DIHYDROXY-1,4-DITHIOBUTANE        DTT 
5 water                                 HOH 
# 
loop_
_entity_poly_seq.entity_id 
_entity_poly_seq.num 
_entity_poly_seq.mon_id 
_entity_poly_seq.hetero 
1 1   MET n 
1 2   ALA n 
1 3   ASP n 
1 4   GLU n 
1 5   GLU n 
1 6   LYS n 
1 7   LEU n 
1 8   PRO n 
1 9   PRO n 
1 10  GLY n 
1 11  TRP n 
1 12  GLU n 
1 13  LYS n 
1 14  ALA n 
1 15  MET n 
1 16  SER n 
1 17  ARG n 
1 18  SER n 
1 19  SER n 
1 20  GLY n 
1 21  ARG n 
1 22  VAL n 
1 23  TYR n 
1 24  TYR n 
1 25  PHE n 
1 26  ASN n 
1 27  HIS n 
1 28  ILE n 
1 29  THR n 
1 30  ASN n 
1 31  ALA n 
1 32  SER n 
1 33  GLN n 
1 34  TRP n 
1 35  GLU n 
1 36  ARG n 
1 37  PRO n 
1 38  SER n 
1 39  GLY n 
1 40  ASN n 
1 41  SER n 
1 42  SER n 
1 43  SER n 
1 44  GLY n 
1 45  GLY n 
1 46  LYS n 
1 47  ASN n 
1 48  GLY n 
1 49  GLN n 
1 50  GLY n 
1 51  GLU n 
1 52  PRO n 
1 53  ALA n 
1 54  ARG n 
1 55  VAL n 
1 56  ARG n 
1 57  CYS n 
1 58  SER n 
1 59  HIS n 
1 60  LEU n 
1 61  LEU n 
1 62  VAL n 
1 63  LYS n 
1 64  HIS n 
1 65  SER n 
1 66  GLN n 
1 67  SER n 
1 68  ARG n 
1 69  ARG n 
1 70  PRO n 
1 71  SER n 
1 72  SER n 
1 73  TRP n 
1 74  ARG n 
1 75  GLN n 
1 76  GLU n 
1 77  LYS n 
1 78  ILE n 
1 79  THR n 
1 80  ARG n 
1 81  THR n 
1 82  LYS n 
1 83  GLU n 
1 84  GLU n 
1 85  ALA n 
1 86  LEU n 
1 87  GLU n 
1 88  LEU n 
1 89  ILE n 
1 90  ASN n 
1 91  GLY n 
1 92  TYR n 
1 93  ILE n 
1 94  GLN n 
1 95  LYS n 
1 96  ILE n 
1 97  LYS n 
1 98  SER n 
1 99  GLY n 
1 100 GLU n 
1 101 GLU n 
1 102 ASP n 
1 103 PHE n 
1 104 GLU n 
1 105 SER n 
1 106 LEU n 
1 107 ALA n 
1 108 SER n 
1 109 GLN n 
1 110 PHE n 
1 111 SER n 
1 112 ASP n 
1 113 CYS n 
1 114 SER n 
1 115 SER n 
1 116 ALA n 
1 117 LYS n 
1 118 ALA n 
1 119 ARG n 
1 120 GLY n 
1 121 ASP n 
1 122 LEU n 
1 123 GLY n 
1 124 ALA n 
1 125 PHE n 
1 126 SER n 
1 127 ARG n 
1 128 GLY n 
1 129 GLN n 
1 130 MET n 
1 131 GLN n 
1 132 LYS n 
1 133 PRO n 
1 134 PHE n 
1 135 GLU n 
1 136 ASP n 
1 137 ALA n 
1 138 SER n 
1 139 PHE n 
1 140 ALA n 
1 141 LEU n 
1 142 ARG n 
1 143 THR n 
1 144 GLY n 
1 145 GLU n 
1 146 MET n 
1 147 SER n 
1 148 GLY n 
1 149 PRO n 
1 150 VAL n 
1 151 PHE n 
1 152 THR n 
1 153 ASP n 
1 154 SER n 
1 155 GLY n 
1 156 ILE n 
1 157 HIS n 
1 158 ILE n 
1 159 ILE n 
1 160 LEU n 
1 161 ARG n 
1 162 THR n 
1 163 GLU n 
# 
_entity_src_gen.entity_id                          1 
_entity_src_gen.pdbx_src_id                        1 
_entity_src_gen.pdbx_alt_source_flag               sample 
_entity_src_gen.pdbx_seq_type                      ? 
_entity_src_gen.pdbx_beg_seq_num                   ? 
_entity_src_gen.pdbx_end_seq_num                   ? 
_entity_src_gen.gene_src_common_name               human 
_entity_src_gen.gene_src_genus                     ? 
_entity_src_gen.pdbx_gene_src_gene                 PIN1 
_entity_src_gen.gene_src_species                   ? 
_entity_src_gen.gene_src_strain                    ? 
_entity_src_gen.gene_src_tissue                    ? 
_entity_src_gen.gene_src_tissue_fraction           ? 
_entity_src_gen.gene_src_details                   ? 
_entity_src_gen.pdbx_gene_src_fragment             ? 
_entity_src_gen.pdbx_gene_src_scientific_name      'Homo sapiens' 
_entity_src_gen.pdbx_gene_src_ncbi_taxonomy_id     9606 
_entity_src_gen.pdbx_gene_src_variant              ? 
_entity_src_gen.pdbx_gene_src_cell_line            ? 
_entity_src_gen.pdbx_gene_src_atcc                 ? 
_entity_src_gen.pdbx_gene_src_organ                ? 
_entity_src_gen.pdbx_gene_src_organelle            ? 
_entity_src_gen.pdbx_gene_src_cell                 ? 
_entity_src_gen.pdbx_gene_src_cellular_location    ? 
_entity_src_gen.host_org_common_name               ? 
_entity_src_gen.pdbx_host_org_scientific_name      'Escherichia coli' 
_entity_src_gen.pdbx_host_org_ncbi_taxonomy_id     562 
_entity_src_gen.host_org_genus                     ? 
_entity_src_gen.pdbx_host_org_gene                 ? 
_entity_src_gen.pdbx_host_org_organ                ? 
_entity_src_gen.host_org_species                   ? 
_entity_src_gen.pdbx_host_org_tissue               ? 
_entity_src_gen.pdbx_host_org_tissue_fraction      ? 
_entity_src_gen.pdbx_host_org_strain               ? 
_entity_src_gen.pdbx_host_org_variant              ? 
_entity_src_gen.pdbx_host_org_cell_line            ? 
_entity_src_gen.pdbx_host_org_atcc                 ? 
_entity_src_gen.pdbx_host_org_culture_collection   ? 
_entity_src_gen.pdbx_host_org_cell                 ? 
_entity_src_gen.pdbx_host_org_organelle            ? 
_entity_src_gen.pdbx_host_org_cellular_location    ? 
_entity_src_gen.pdbx_host_org_vector_type          ? 
_entity_src_gen.pdbx_host_org_vector               ? 
_entity_src_gen.host_org_details                   ? 
_entity_src_gen.expression_system_id               ? 
_entity_src_gen.plasmid_name                       ? 
_entity_src_gen.plasmid_details                    ? 
_entity_src_gen.pdbx_description                   ? 
# 
loop_
_chem_comp.id 
_chem_comp.type 
_chem_comp.mon_nstd_flag 
_chem_comp.name 
_chem_comp.pdbx_synonyms 
_chem_comp.formula 
_chem_comp.formula_weight 
ALA 'L-peptide linking' y ALANINE                               ?                  'C3 H7 N O2'     89.093  
ARG 'L-peptide linking' y ARGININE                              ?                  'C6 H15 N4 O2 1' 175.209 
ASN 'L-peptide linking' y ASPARAGINE                            ?                  'C4 H8 N2 O3'    132.118 
ASP 'L-peptide linking' y 'ASPARTIC ACID'                       ?                  'C4 H7 N O4'     133.103 
CYS 'L-peptide linking' y CYSTEINE                              ?                  'C3 H7 N O2 S'   121.158 
DTT non-polymer         . 2,3-DIHYDROXY-1,4-DITHIOBUTANE        1,4-DITHIOTHREITOL 'C4 H10 O2 S2'   154.251 
GLN 'L-peptide linking' y GLUTAMINE                             ?                  'C5 H10 N2 O3'   146.144 
GLU 'L-peptide linking' y 'GLUTAMIC ACID'                       ?                  'C5 H9 N O4'     147.129 
GLY 'peptide linking'   y GLYCINE                               ?                  'C2 H5 N O2'     75.067  
HIS 'L-peptide linking' y HISTIDINE                             ?                  'C6 H10 N3 O2 1' 156.162 
HOH non-polymer         . WATER                                 ?                  'H2 O'           18.015  
ILE 'L-peptide linking' y ISOLEUCINE                            ?                  'C6 H13 N O2'    131.173 
LEU 'L-peptide linking' y LEUCINE                               ?                  'C6 H13 N O2'    131.173 
LYS 'L-peptide linking' y LYSINE                                ?                  'C6 H15 N2 O2 1' 147.195 
MET 'L-peptide linking' y METHIONINE                            ?                  'C5 H11 N O2 S'  149.211 
O4B non-polymer         . 1,4,7,10,13,16-HEXAOXACYCLOOCTADECANE ?                  'C12 H24 O6'     264.315 
PHE 'L-peptide linking' y PHENYLALANINE                         ?                  'C9 H11 N O2'    165.189 
PRO 'L-peptide linking' y PROLINE                               ?                  'C5 H9 N O2'     115.130 
SER 'L-peptide linking' y SERINE                                ?                  'C3 H7 N O3'     105.093 
SO4 non-polymer         . 'SULFATE ION'                         ?                  'O4 S -2'        96.063  
THR 'L-peptide linking' y THREONINE                             ?                  'C4 H9 N O3'     119.119 
TRP 'L-peptide linking' y TRYPTOPHAN                            ?                  'C11 H12 N2 O2'  204.225 
TYR 'L-peptide linking' y TYROSINE                              ?                  'C9 H11 N O3'    181.189 
VAL 'L-peptide linking' y VALINE                                ?                  'C5 H11 N O2'    117.146 
# 
loop_
_pdbx_poly_seq_scheme.asym_id 
_pdbx_poly_seq_scheme.entity_id 
_pdbx_poly_seq_scheme.seq_id 
_pdbx_poly_seq_scheme.mon_id 
_pdbx_poly_seq_scheme.ndb_seq_num 
_pdbx_poly_seq_scheme.pdb_seq_num 
_pdbx_poly_seq_scheme.auth_seq_num 
_pdbx_poly_seq_scheme.pdb_mon_id 
_pdbx_poly_seq_scheme.auth_mon_id 
_pdbx_poly_seq_scheme.pdb_strand_id 
_pdbx_poly_seq_scheme.pdb_ins_code 
_pdbx_poly_seq_scheme.hetero 
A 1 1   MET 1   1   ?   ?   ?   A . n 
A 1 2   ALA 2   2   ?   ?   ?   A . n 
A 1 3   ASP 3   3   ?   ?   ?   A . n 
A 1 4   GLU 4   4   ?   ?   ?   A . n 
A 1 5   GLU 5   5   ?   ?   ?   A . n 
A 1 6   LYS 6   6   ?   ?   ?   A . n 
A 1 7   LEU 7   7   7   LEU LEU A . n 
A 1 8   PRO 8   8   8   PRO PRO A . n 
A 1 9   PRO 9   9   9   PRO PRO A . n 
A 1 10  GLY 10  10  10  GLY GLY A . n 
A 1 11  TRP 11  11  11  TRP TRP A . n 
A 1 12  GLU 12  12  12  GLU GLU A . n 
A 1 13  LYS 13  13  13  LYS LYS A . n 
A 1 14  ALA 14  14  14  ALA ALA A . n 
A 1 15  MET 15  15  15  MET MET A . n 
A 1 16  SER 16  16  16  SER SER A . n 
A 1 17  ARG 17  17  17  ARG ARG A . n 
A 1 18  SER 18  18  18  SER SER A . n 
A 1 19  SER 19  19  19  SER SER A . n 
A 1 20  GLY 20  20  20  GLY GLY A . n 
A 1 21  ARG 21  21  21  ARG ARG A . n 
A 1 22  VAL 22  22  22  VAL VAL A . n 
A 1 23  TYR 23  23  23  TYR TYR A . n 
A 1 24  TYR 24  24  24  TYR TYR A . n 
A 1 25  PHE 25  25  25  PHE PHE A . n 
A 1 26  ASN 26  26  26  ASN ASN A . n 
A 1 27  HIS 27  27  27  HIS HIS A . n 
A 1 28  ILE 28  28  28  ILE ILE A . n 
A 1 29  THR 29  29  29  THR THR A . n 
A 1 30  ASN 30  30  30  ASN ASN A . n 
A 1 31  ALA 31  31  31  ALA ALA A . n 
A 1 32  SER 32  32  32  SER SER A . n 
A 1 33  GLN 33  33  33  GLN GLN A . n 
A 1 34  TRP 34  34  34  TRP TRP A . n 
A 1 35  GLU 35  35  35  GLU GLU A . n 
A 1 36  ARG 36  36  36  ARG ARG A . n 
A 1 37  PRO 37  37  37  PRO PRO A . n 
A 1 38  SER 38  38  38  SER SER A . n 
A 1 39  GLY 39  39  ?   ?   ?   A . n 
A 1 40  ASN 40  40  ?   ?   ?   A . n 
A 1 41  SER 41  41  ?   ?   ?   A . n 
A 1 42  SER 42  42  ?   ?   ?   A . n 
A 1 43  SER 43  43  ?   ?   ?   A . n 
A 1 44  GLY 44  44  ?   ?   ?   A . n 
A 1 45  GLY 45  45  ?   ?   ?   A . n 
A 1 46  LYS 46  46  ?   ?   ?   A . n 
A 1 47  ASN 47  47  ?   ?   ?   A . n 
A 1 48  GLY 48  48  ?   ?   ?   A . n 
A 1 49  GLN 49  49  ?   ?   ?   A . n 
A 1 50  GLY 50  50  ?   ?   ?   A . n 
A 1 51  GLU 51  51  51  GLU GLU A . n 
A 1 52  PRO 52  52  52  PRO PRO A . n 
A 1 53  ALA 53  53  53  ALA ALA A . n 
A 1 54  ARG 54  54  54  ARG ARG A . n 
A 1 55  VAL 55  55  55  VAL VAL A . n 
A 1 56  ARG 56  56  56  ARG ARG A . n 
A 1 57  CYS 57  57  57  CYS CYS A . n 
A 1 58  SER 58  58  58  SER SER A . n 
A 1 59  HIS 59  59  59  HIS HIS A . n 
A 1 60  LEU 60  60  60  LEU LEU A . n 
A 1 61  LEU 61  61  61  LEU LEU A . n 
A 1 62  VAL 62  62  62  VAL VAL A . n 
A 1 63  LYS 63  63  63  LYS LYS A . n 
A 1 64  HIS 64  64  64  HIS HIS A . n 
A 1 65  SER 65  65  65  SER SER A . n 
A 1 66  GLN 66  66  66  GLN GLN A . n 
A 1 67  SER 67  67  67  SER SER A . n 
A 1 68  ARG 68  68  68  ARG ARG A . n 
A 1 69  ARG 69  69  69  ARG ARG A . n 
A 1 70  PRO 70  70  70  PRO PRO A . n 
A 1 71  SER 71  71  71  SER SER A . n 
A 1 72  SER 72  72  72  SER SER A . n 
A 1 73  TRP 73  73  73  TRP TRP A . n 
A 1 74  ARG 74  74  74  ARG ARG A . n 
A 1 75  GLN 75  75  75  GLN GLN A . n 
A 1 76  GLU 76  76  76  GLU GLU A . n 
A 1 77  LYS 77  77  77  LYS LYS A . n 
A 1 78  ILE 78  78  78  ILE ILE A . n 
A 1 79  THR 79  79  79  THR THR A . n 
A 1 80  ARG 80  80  80  ARG ARG A . n 
A 1 81  THR 81  81  81  THR THR A . n 
A 1 82  LYS 82  82  82  LYS LYS A . n 
A 1 83  GLU 83  83  83  GLU GLU A . n 
A 1 84  GLU 84  84  84  GLU GLU A . n 
A 1 85  ALA 85  85  85  ALA ALA A . n 
A 1 86  LEU 86  86  86  LEU LEU A . n 
A 1 87  GLU 87  87  87  GLU GLU A . n 
A 1 88  LEU 88  88  88  LEU LEU A . n 
A 1 89  ILE 89  89  89  ILE ILE A . n 
A 1 90  ASN 90  90  90  ASN ASN A . n 
A 1 91  GLY 91  91  91  GLY GLY A . n 
A 1 92  TYR 92  92  92  TYR TYR A . n 
A 1 93  ILE 93  93  93  ILE ILE A . n 
A 1 94  GLN 94  94  94  GLN GLN A . n 
A 1 95  LYS 95  95  95  LYS LYS A . n 
A 1 96  ILE 96  96  96  ILE ILE A . n 
A 1 97  LYS 97  97  97  LYS LYS A . n 
A 1 98  SER 98  98  98  SER SER A . n 
A 1 99  GLY 99  99  99  GLY GLY A . n 
A 1 100 GLU 100 100 100 GLU GLU A . n 
A 1 101 GLU 101 101 101 GLU GLU A . n 
A 1 102 ASP 102 102 102 ASP ASP A . n 
A 1 103 PHE 103 103 103 PHE PHE A . n 
A 1 104 GLU 104 104 104 GLU GLU A . n 
A 1 105 SER 105 105 105 SER SER A . n 
A 1 106 LEU 106 106 106 LEU LEU A . n 
A 1 107 ALA 107 107 107 ALA ALA A . n 
A 1 108 SER 108 108 108 SER SER A . n 
A 1 109 GLN 109 109 109 GLN GLN A . n 
A 1 110 PHE 110 110 110 PHE PHE A . n 
A 1 111 SER 111 111 111 SER SER A . n 
A 1 112 ASP 112 112 112 ASP ASP A . n 
A 1 113 CYS 113 113 113 CYS CYS A . n 
A 1 114 SER 114 114 114 SER SER A . n 
A 1 115 SER 115 115 115 SER SER A . n 
A 1 116 ALA 116 116 116 ALA ALA A . n 
A 1 117 LYS 117 117 117 LYS LYS A . n 
A 1 118 ALA 118 118 118 ALA ALA A . n 
A 1 119 ARG 119 119 119 ARG ARG A . n 
A 1 120 GLY 120 120 120 GLY GLY A . n 
A 1 121 ASP 121 121 121 ASP ASP A . n 
A 1 122 LEU 122 122 122 LEU LEU A . n 
A 1 123 GLY 123 123 123 GLY GLY A . n 
A 1 124 ALA 124 124 124 ALA ALA A . n 
A 1 125 PHE 125 125 125 PHE PHE A . n 
A 1 126 SER 126 126 126 SER SER A . n 
A 1 127 ARG 127 127 127 ARG ARG A . n 
A 1 128 GLY 128 128 128 GLY GLY A . n 
A 1 129 GLN 129 129 129 GLN GLN A . n 
A 1 130 MET 130 130 130 MET MET A . n 
A 1 131 GLN 131 131 131 GLN GLN A . n 
A 1 132 LYS 132 132 132 LYS LYS A . n 
A 1 133 PRO 133 133 133 PRO PRO A . n 
A 1 134 PHE 134 134 134 PHE PHE A . n 
A 1 135 GLU 135 135 135 GLU GLU A . n 
A 1 136 ASP 136 136 136 ASP ASP A . n 
A 1 137 ALA 137 137 137 ALA ALA A . n 
A 1 138 SER 138 138 138 SER SER A . n 
A 1 139 PHE 139 139 139 PHE PHE A . n 
A 1 140 ALA 140 140 140 ALA ALA A . n 
A 1 141 LEU 141 141 141 LEU LEU A . n 
A 1 142 ARG 142 142 142 ARG ARG A . n 
A 1 143 THR 143 143 143 THR THR A . n 
A 1 144 GLY 144 144 144 GLY GLY A . n 
A 1 145 GLU 145 145 145 GLU GLU A . n 
A 1 146 MET 146 146 146 MET MET A . n 
A 1 147 SER 147 147 147 SER SER A . n 
A 1 148 GLY 148 148 148 GLY GLY A . n 
A 1 149 PRO 149 149 149 PRO PRO A . n 
A 1 150 VAL 150 150 150 VAL VAL A . n 
A 1 151 PHE 151 151 151 PHE PHE A . n 
A 1 152 THR 152 152 152 THR THR A . n 
A 1 153 ASP 153 153 153 ASP ASP A . n 
A 1 154 SER 154 154 154 SER SER A . n 
A 1 155 GLY 155 155 155 GLY GLY A . n 
A 1 156 ILE 156 156 156 ILE ILE A . n 
A 1 157 HIS 157 157 157 HIS HIS A . n 
A 1 158 ILE 158 158 158 ILE ILE A . n 
A 1 159 ILE 159 159 159 ILE ILE A . n 
A 1 160 LEU 160 160 160 LEU LEU A . n 
A 1 161 ARG 161 161 161 ARG ARG A . n 
A 1 162 THR 162 162 162 THR THR A . n 
A 1 163 GLU 163 163 163 GLU GLU A . n 
# 
loop_
_pdbx_nonpoly_scheme.asym_id 
_pdbx_nonpoly_scheme.entity_id 
_pdbx_nonpoly_scheme.mon_id 
_pdbx_nonpoly_scheme.ndb_seq_num 
_pdbx_nonpoly_scheme.pdb_seq_num 
_pdbx_nonpoly_scheme.auth_seq_num 
_pdbx_nonpoly_scheme.pdb_mon_id 
_pdbx_nonpoly_scheme.auth_mon_id 
_pdbx_nonpoly_scheme.pdb_strand_id 
_pdbx_nonpoly_scheme.pdb_ins_code 
B 2 SO4 1   201 1   SO4 SO4 A . 
C 3 O4B 1   202 1   O4B DRG A . 
D 3 O4B 1   203 2   O4B DRG A . 
E 4 DTT 1   204 100 DTT DTT A . 
F 5 HOH 1   301 1   HOH HOH A . 
F 5 HOH 2   302 2   HOH HOH A . 
F 5 HOH 3   303 3   HOH HOH A . 
F 5 HOH 4   304 4   HOH HOH A . 
F 5 HOH 5   305 5   HOH HOH A . 
F 5 HOH 6   306 6   HOH HOH A . 
F 5 HOH 7   307 7   HOH HOH A . 
F 5 HOH 8   308 8   HOH HOH A . 
F 5 HOH 9   309 9   HOH HOH A . 
F 5 HOH 10  310 10  HOH HOH A . 
F 5 HOH 11  311 11  HOH HOH A . 
F 5 HOH 12  312 12  HOH HOH A . 
F 5 HOH 13  313 13  HOH HOH A . 
F 5 HOH 14  314 14  HOH HOH A . 
F 5 HOH 15  315 15  HOH HOH A . 
F 5 HOH 16  316 16  HOH HOH A . 
F 5 HOH 17  317 17  HOH HOH A . 
F 5 HOH 18  318 18  HOH HOH A . 
F 5 HOH 19  319 19  HOH HOH A . 
F 5 HOH 20  320 20  HOH HOH A . 
F 5 HOH 21  321 21  HOH HOH A . 
F 5 HOH 22  322 22  HOH HOH A . 
F 5 HOH 23  323 23  HOH HOH A . 
F 5 HOH 24  324 24  HOH HOH A . 
F 5 HOH 25  325 25  HOH HOH A . 
F 5 HOH 26  326 26  HOH HOH A . 
F 5 HOH 27  327 27  HOH HOH A . 
F 5 HOH 28  328 28  HOH HOH A . 
F 5 HOH 29  329 29  HOH HOH A . 
F 5 HOH 30  330 30  HOH HOH A . 
F 5 HOH 31  331 31  HOH HOH A . 
F 5 HOH 32  332 32  HOH HOH A . 
F 5 HOH 33  333 33  HOH HOH A . 
F 5 HOH 34  334 34  HOH HOH A . 
F 5 HOH 35  335 35  HOH HOH A . 
F 5 HOH 36  336 36  HOH HOH A . 
F 5 HOH 37  337 37  HOH HOH A . 
F 5 HOH 38  338 38  HOH HOH A . 
F 5 HOH 39  339 39  HOH HOH A . 
F 5 HOH 40  340 40  HOH HOH A . 
F 5 HOH 41  341 41  HOH HOH A . 
F 5 HOH 42  342 42  HOH HOH A . 
F 5 HOH 43  343 43  HOH HOH A . 
F 5 HOH 44  344 44  HOH HOH A . 
F 5 HOH 45  345 45  HOH HOH A . 
F 5 HOH 46  346 46  HOH HOH A . 
F 5 HOH 47  347 47  HOH HOH A . 
F 5 HOH 48  348 48  HOH HOH A . 
F 5 HOH 49  349 49  HOH HOH A . 
F 5 HOH 50  350 50  HOH HOH A . 
F 5 HOH 51  351 51  HOH HOH A . 
F 5 HOH 52  352 52  HOH HOH A . 
F 5 HOH 53  353 53  HOH HOH A . 
F 5 HOH 54  354 54  HOH HOH A . 
F 5 HOH 55  355 55  HOH HOH A . 
F 5 HOH 56  356 56  HOH HOH A . 
F 5 HOH 57  357 57  HOH HOH A . 
F 5 HOH 58  358 58  HOH HOH A . 
F 5 HOH 59  359 59  HOH HOH A . 
F 5 HOH 60  360 60  HOH HOH A . 
F 5 HOH 61  361 61  HOH HOH A . 
F 5 HOH 62  362 62  HOH HOH A . 
F 5 HOH 63  363 63  HOH HOH A . 
F 5 HOH 64  364 64  HOH HOH A . 
F 5 HOH 65  365 65  HOH HOH A . 
F 5 HOH 66  366 66  HOH HOH A . 
F 5 HOH 67  367 67  HOH HOH A . 
F 5 HOH 68  368 68  HOH HOH A . 
F 5 HOH 69  369 69  HOH HOH A . 
F 5 HOH 70  370 70  HOH HOH A . 
F 5 HOH 71  371 71  HOH HOH A . 
F 5 HOH 72  372 72  HOH HOH A . 
F 5 HOH 73  373 73  HOH HOH A . 
F 5 HOH 74  375 75  HOH HOH A . 
F 5 HOH 75  376 76  HOH HOH A . 
F 5 HOH 76  377 77  HOH HOH A . 
F 5 HOH 77  378 78  HOH HOH A . 
F 5 HOH 78  379 79  HOH HOH A . 
F 5 HOH 79  380 81  HOH HOH A . 
F 5 HOH 80  381 82  HOH HOH A . 
F 5 HOH 81  382 83  HOH HOH A . 
F 5 HOH 82  383 84  HOH HOH A . 
F 5 HOH 83  384 86  HOH HOH A . 
F 5 HOH 84  385 87  HOH HOH A . 
F 5 HOH 85  386 88  HOH HOH A . 
F 5 HOH 86  387 90  HOH HOH A . 
F 5 HOH 87  388 91  HOH HOH A . 
F 5 HOH 88  389 92  HOH HOH A . 
F 5 HOH 89  390 93  HOH HOH A . 
F 5 HOH 90  391 94  HOH HOH A . 
F 5 HOH 91  392 95  HOH HOH A . 
F 5 HOH 92  393 96  HOH HOH A . 
F 5 HOH 93  394 97  HOH HOH A . 
F 5 HOH 94  395 98  HOH HOH A . 
F 5 HOH 95  396 99  HOH HOH A . 
F 5 HOH 96  397 100 HOH HOH A . 
F 5 HOH 97  398 101 HOH HOH A . 
F 5 HOH 98  399 102 HOH HOH A . 
F 5 HOH 99  400 103 HOH HOH A . 
F 5 HOH 100 401 104 HOH HOH A . 
F 5 HOH 101 402 105 HOH HOH A . 
F 5 HOH 102 403 106 HOH HOH A . 
F 5 HOH 103 404 107 HOH HOH A . 
F 5 HOH 104 405 108 HOH HOH A . 
F 5 HOH 105 406 109 HOH HOH A . 
F 5 HOH 106 407 110 HOH HOH A . 
F 5 HOH 107 408 111 HOH HOH A . 
F 5 HOH 108 409 112 HOH HOH A . 
F 5 HOH 109 410 113 HOH HOH A . 
F 5 HOH 110 411 114 HOH HOH A . 
F 5 HOH 111 413 116 HOH HOH A . 
F 5 HOH 112 414 117 HOH HOH A . 
F 5 HOH 113 415 118 HOH HOH A . 
F 5 HOH 114 416 119 HOH HOH A . 
F 5 HOH 115 417 120 HOH HOH A . 
F 5 HOH 116 418 121 HOH HOH A . 
F 5 HOH 117 419 123 HOH HOH A . 
F 5 HOH 118 420 124 HOH HOH A . 
F 5 HOH 119 421 125 HOH HOH A . 
F 5 HOH 120 422 126 HOH HOH A . 
F 5 HOH 121 425 130 HOH HOH A . 
F 5 HOH 122 426 131 HOH HOH A . 
F 5 HOH 123 427 132 HOH HOH A . 
F 5 HOH 124 428 133 HOH HOH A . 
F 5 HOH 125 429 134 HOH HOH A . 
F 5 HOH 126 430 135 HOH HOH A . 
F 5 HOH 127 432 137 HOH HOH A . 
F 5 HOH 128 434 139 HOH HOH A . 
F 5 HOH 129 435 140 HOH HOH A . 
F 5 HOH 130 436 141 HOH HOH A . 
F 5 HOH 131 437 142 HOH HOH A . 
F 5 HOH 132 439 144 HOH HOH A . 
F 5 HOH 133 440 145 HOH HOH A . 
F 5 HOH 134 441 146 HOH HOH A . 
F 5 HOH 135 442 147 HOH HOH A . 
F 5 HOH 136 443 148 HOH HOH A . 
F 5 HOH 137 445 151 HOH HOH A . 
F 5 HOH 138 446 152 HOH HOH A . 
F 5 HOH 139 447 153 HOH HOH A . 
F 5 HOH 140 448 154 HOH HOH A . 
F 5 HOH 141 449 155 HOH HOH A . 
F 5 HOH 142 450 156 HOH HOH A . 
F 5 HOH 143 451 157 HOH HOH A . 
F 5 HOH 144 452 158 HOH HOH A . 
F 5 HOH 145 453 159 HOH HOH A . 
F 5 HOH 146 454 160 HOH HOH A . 
F 5 HOH 147 455 161 HOH HOH A . 
F 5 HOH 148 456 162 HOH HOH A . 
F 5 HOH 149 457 163 HOH HOH A . 
F 5 HOH 150 458 164 HOH HOH A . 
F 5 HOH 151 459 165 HOH HOH A . 
F 5 HOH 152 461 167 HOH HOH A . 
F 5 HOH 153 462 168 HOH HOH A . 
F 5 HOH 154 463 169 HOH HOH A . 
F 5 HOH 155 465 171 HOH HOH A . 
F 5 HOH 156 466 172 HOH HOH A . 
F 5 HOH 157 467 173 HOH HOH A . 
F 5 HOH 158 468 174 HOH HOH A . 
F 5 HOH 159 469 175 HOH HOH A . 
F 5 HOH 160 470 176 HOH HOH A . 
F 5 HOH 161 471 177 HOH HOH A . 
F 5 HOH 162 472 178 HOH HOH A . 
F 5 HOH 163 473 179 HOH HOH A . 
F 5 HOH 164 474 180 HOH HOH A . 
F 5 HOH 165 475 181 HOH HOH A . 
F 5 HOH 166 476 182 HOH HOH A . 
F 5 HOH 167 477 183 HOH HOH A . 
F 5 HOH 168 478 184 HOH HOH A . 
F 5 HOH 169 479 185 HOH HOH A . 
F 5 HOH 170 480 186 HOH HOH A . 
F 5 HOH 171 481 187 HOH HOH A . 
F 5 HOH 172 482 188 HOH HOH A . 
F 5 HOH 173 483 189 HOH HOH A . 
F 5 HOH 174 484 190 HOH HOH A . 
F 5 HOH 175 485 191 HOH HOH A . 
F 5 HOH 176 486 192 HOH HOH A . 
F 5 HOH 177 487 193 HOH HOH A . 
F 5 HOH 178 488 194 HOH HOH A . 
F 5 HOH 179 490 196 HOH HOH A . 
F 5 HOH 180 491 197 HOH HOH A . 
F 5 HOH 181 492 198 HOH HOH A . 
# 
loop_
_software.name 
_software.classification 
_software.version 
_software.citation_id 
_software.pdbx_ordinal 
HKL-2000 'data collection' .        ? 1 
MOLREP   phasing           .        ? 2 
REFMAC   refinement        5.7.0032 ? 3 
HKL-2000 'data reduction'  .        ? 4 
HKL-2000 'data scaling'    .        ? 5 
# 
_cell.entry_id           3WH0 
_cell.length_a           68.474 
_cell.length_b           68.474 
_cell.length_c           80.215 
_cell.angle_alpha        90.00 
_cell.angle_beta         90.00 
_cell.angle_gamma        120.00 
_cell.Z_PDB              6 
_cell.pdbx_unique_axis   ? 
_cell.length_a_esd       ? 
_cell.length_b_esd       ? 
_cell.length_c_esd       ? 
_cell.angle_alpha_esd    ? 
_cell.angle_beta_esd     ? 
_cell.angle_gamma_esd    ? 
# 
_symmetry.entry_id                         3WH0 
_symmetry.space_group_name_H-M             'P 31 2 1' 
_symmetry.pdbx_full_space_group_name_H-M   ? 
_symmetry.cell_setting                     ? 
_symmetry.Int_Tables_number                152 
_symmetry.space_group_name_Hall            ? 
# 
_exptl.entry_id          3WH0 
_exptl.method            'X-RAY DIFFRACTION' 
_exptl.crystals_number   1 
# 
_exptl_crystal.id                    1 
_exptl_crystal.density_meas          ? 
_exptl_crystal.density_Matthews      2.99 
_exptl_crystal.density_percent_sol   58.80 
_exptl_crystal.description           ? 
_exptl_crystal.F_000                 ? 
_exptl_crystal.preparation           ? 
# 
_exptl_crystal_grow.crystal_id      1 
_exptl_crystal_grow.method          'VAPOR DIFFUSION, SITTING DROP' 
_exptl_crystal_grow.temp            277 
_exptl_crystal_grow.temp_details    ? 
_exptl_crystal_grow.pH              7.5 
_exptl_crystal_grow.pdbx_details    
'2.0-2.5M ammonium sulfate, 0.1M HEPES (pH 7.5), 1mM DTT, 25mM crown ether, VAPOR DIFFUSION, SITTING DROP, temperature 277K' 
_exptl_crystal_grow.pdbx_pH_range   . 
# 
_diffrn.id                     1 
_diffrn.ambient_temp           200 
_diffrn.ambient_temp_details   ? 
_diffrn.crystal_id             1 
# 
_diffrn_detector.diffrn_id              1 
_diffrn_detector.detector               CCD 
_diffrn_detector.type                   'RAYONIX MX300HE' 
_diffrn_detector.pdbx_collection_date   2012-10-06 
_diffrn_detector.details                ? 
# 
_diffrn_radiation.diffrn_id                        1 
_diffrn_radiation.wavelength_id                    1 
_diffrn_radiation.pdbx_monochromatic_or_laue_m_l   M 
_diffrn_radiation.monochromator                    GRAPHITE 
_diffrn_radiation.pdbx_diffrn_protocol             'SINGLE WAVELENGTH' 
_diffrn_radiation.pdbx_scattering_type             x-ray 
# 
_diffrn_radiation_wavelength.id           1 
_diffrn_radiation_wavelength.wavelength   0.97622 
_diffrn_radiation_wavelength.wt           1.0 
# 
_diffrn_source.diffrn_id                   1 
_diffrn_source.source                      SYNCHROTRON 
_diffrn_source.type                        'NSRRC BEAMLINE BL13B1' 
_diffrn_source.pdbx_synchrotron_site       NSRRC 
_diffrn_source.pdbx_synchrotron_beamline   BL13B1 
_diffrn_source.pdbx_wavelength             ? 
_diffrn_source.pdbx_wavelength_list        0.97622 
# 
_reflns.entry_id                     3WH0 
_reflns.observed_criterion_sigma_I   1 
_reflns.observed_criterion_sigma_F   0 
_reflns.d_resolution_low             30 
_reflns.d_resolution_high            1.6 
_reflns.number_obs                   29138 
_reflns.number_all                   29196 
_reflns.percent_possible_obs         99.8 
_reflns.pdbx_Rmerge_I_obs            ? 
_reflns.pdbx_Rsym_value              ? 
_reflns.pdbx_netI_over_sigmaI        55.3 
_reflns.B_iso_Wilson_estimate        ? 
_reflns.pdbx_redundancy              10.8 
_reflns.R_free_details               ? 
_reflns.limit_h_max                  ? 
_reflns.limit_h_min                  ? 
_reflns.limit_k_max                  ? 
_reflns.limit_k_min                  ? 
_reflns.limit_l_max                  ? 
_reflns.limit_l_min                  ? 
_reflns.observed_criterion_F_max     ? 
_reflns.observed_criterion_F_min     ? 
_reflns.pdbx_chi_squared             ? 
_reflns.pdbx_scaling_rejects         ? 
_reflns.pdbx_ordinal                 1 
_reflns.pdbx_diffrn_id               1 
# 
_refine.entry_id                                 3WH0 
_refine.ls_number_reflns_obs                     26733 
_refine.ls_number_reflns_all                     28158 
_refine.pdbx_ls_sigma_I                          ? 
_refine.pdbx_ls_sigma_F                          ? 
_refine.pdbx_data_cutoff_high_absF               ? 
_refine.pdbx_data_cutoff_low_absF                ? 
_refine.pdbx_data_cutoff_high_rms_absF           ? 
_refine.ls_d_res_low                             24.39 
_refine.ls_d_res_high                            1.60 
_refine.ls_percent_reflns_obs                    96.42 
_refine.ls_R_factor_obs                          0.21164 
_refine.ls_R_factor_all                          0.21164 
_refine.ls_R_factor_R_work                       0.20976 
_refine.ls_R_factor_R_free                       0.24725 
_refine.ls_R_factor_R_free_error                 ? 
_refine.ls_R_factor_R_free_error_details         ? 
_refine.ls_percent_reflns_R_free                 5.1 
_refine.ls_number_reflns_R_free                  1425 
_refine.ls_number_parameters                     ? 
_refine.ls_number_restraints                     ? 
_refine.occupancy_min                            ? 
_refine.occupancy_max                            ? 
_refine.correlation_coeff_Fo_to_Fc               0.941 
_refine.correlation_coeff_Fo_to_Fc_free          0.923 
_refine.B_iso_mean                               19.014 
_refine.aniso_B[1][1]                            0.04 
_refine.aniso_B[2][2]                            0.04 
_refine.aniso_B[3][3]                            -0.14 
_refine.aniso_B[1][2]                            0.04 
_refine.aniso_B[1][3]                            0.00 
_refine.aniso_B[2][3]                            0.00 
_refine.solvent_model_details                    MASK 
_refine.solvent_model_param_ksol                 ? 
_refine.solvent_model_param_bsol                 ? 
_refine.pdbx_solvent_vdw_probe_radii             1.20 
_refine.pdbx_solvent_ion_probe_radii             0.80 
_refine.pdbx_solvent_shrinkage_radii             0.80 
_refine.pdbx_ls_cross_valid_method               THROUGHOUT 
_refine.details                                  'HYDROGENS HAVE BEEN USED IF PRESENT IN THE INPUT' 
_refine.pdbx_starting_model                      ? 
_refine.pdbx_method_to_determine_struct          'MOLECULAR REPLACEMENT' 
_refine.pdbx_isotropic_thermal_model             ? 
_refine.pdbx_stereochemistry_target_values       'MAXIMUM LIKELIHOOD' 
_refine.pdbx_stereochem_target_val_spec_case     ? 
_refine.pdbx_R_Free_selection_details            RANDOM 
_refine.pdbx_overall_ESU_R                       0.089 
_refine.pdbx_overall_ESU_R_Free                  0.093 
_refine.overall_SU_ML                            0.064 
_refine.pdbx_overall_phase_error                 ? 
_refine.overall_SU_B                             1.828 
_refine.overall_SU_R_Cruickshank_DPI             ? 
_refine.ls_redundancy_reflns_obs                 ? 
_refine.B_iso_min                                ? 
_refine.B_iso_max                                ? 
_refine.overall_SU_R_free                        ? 
_refine.ls_wR_factor_R_free                      ? 
_refine.ls_wR_factor_R_work                      ? 
_refine.overall_FOM_free_R_set                   ? 
_refine.overall_FOM_work_R_set                   ? 
_refine.pdbx_diffrn_id                           1 
_refine.pdbx_refine_id                           'X-RAY DIFFRACTION' 
_refine.pdbx_TLS_residual_ADP_flag               ? 
_refine.pdbx_overall_SU_R_free_Cruickshank_DPI   ? 
_refine.pdbx_overall_SU_R_Blow_DPI               ? 
_refine.pdbx_overall_SU_R_free_Blow_DPI          ? 
# 
_refine_hist.pdbx_refine_id                   'X-RAY DIFFRACTION' 
_refine_hist.cycle_id                         LAST 
_refine_hist.pdbx_number_atoms_protein        1156 
_refine_hist.pdbx_number_atoms_nucleic_acid   0 
_refine_hist.pdbx_number_atoms_ligand         49 
_refine_hist.number_atoms_solvent             181 
_refine_hist.number_atoms_total               1386 
_refine_hist.d_res_high                       1.60 
_refine_hist.d_res_low                        24.39 
# 
loop_
_refine_ls_restr.type 
_refine_ls_restr.dev_ideal 
_refine_ls_restr.dev_ideal_target 
_refine_ls_restr.weight 
_refine_ls_restr.number 
_refine_ls_restr.pdbx_restraint_function 
_refine_ls_restr.pdbx_refine_id 
r_bond_refined_d       0.029  0.020  ? 1228 ? 'X-RAY DIFFRACTION' 
r_angle_refined_deg    2.720  1.979  ? 1636 ? 'X-RAY DIFFRACTION' 
r_dihedral_angle_1_deg 6.510  5.000  ? 143  ? 'X-RAY DIFFRACTION' 
r_dihedral_angle_2_deg 30.228 22.586 ? 58   ? 'X-RAY DIFFRACTION' 
r_dihedral_angle_3_deg 15.022 15.000 ? 211  ? 'X-RAY DIFFRACTION' 
r_dihedral_angle_4_deg 21.797 15.000 ? 13   ? 'X-RAY DIFFRACTION' 
r_chiral_restr         0.192  0.200  ? 165  ? 'X-RAY DIFFRACTION' 
r_gen_planes_refined   0.015  0.021  ? 908  ? 'X-RAY DIFFRACTION' 
r_mcbond_it            2.076  1.382  ? 578  ? 'X-RAY DIFFRACTION' 
r_mcangle_it           3.009  2.062  ? 719  ? 'X-RAY DIFFRACTION' 
r_scbond_it            3.545  1.883  ? 650  ? 'X-RAY DIFFRACTION' 
r_long_range_B_refined 6.843  14.390 ? 5345 ? 'X-RAY DIFFRACTION' 
# 
_refine_ls_shell.pdbx_refine_id                   'X-RAY DIFFRACTION' 
_refine_ls_shell.pdbx_total_number_of_bins_used   20 
_refine_ls_shell.d_res_high                       1.600 
_refine_ls_shell.d_res_low                        1.642 
_refine_ls_shell.number_reflns_R_work             1254 
_refine_ls_shell.R_factor_R_work                  0.261 
_refine_ls_shell.percent_reflns_obs               62.20 
_refine_ls_shell.R_factor_R_free                  0.356 
_refine_ls_shell.R_factor_R_free_error            ? 
_refine_ls_shell.percent_reflns_R_free            ? 
_refine_ls_shell.number_reflns_R_free             61 
_refine_ls_shell.number_reflns_all                ? 
_refine_ls_shell.R_factor_all                     ? 
_refine_ls_shell.number_reflns_obs                ? 
_refine_ls_shell.redundancy_reflns_obs            ? 
# 
_struct.entry_id                  3WH0 
_struct.title                     'Structure of Pin1 Complex with 18-crown-6' 
_struct.pdbx_model_details        ? 
_struct.pdbx_CASP_flag            ? 
_struct.pdbx_model_type_details   ? 
# 
_struct_keywords.entry_id        3WH0 
_struct_keywords.pdbx_keywords   ISOMERASE 
_struct_keywords.text            isomerase 
# 
loop_
_struct_asym.id 
_struct_asym.pdbx_blank_PDB_chainid_flag 
_struct_asym.pdbx_modified 
_struct_asym.entity_id 
_struct_asym.details 
A N N 1 ? 
B N N 2 ? 
C N N 3 ? 
D N N 3 ? 
E N N 4 ? 
F N N 5 ? 
# 
_struct_ref.id                         1 
_struct_ref.db_name                    UNP 
_struct_ref.db_code                    PIN1_HUMAN 
_struct_ref.pdbx_db_accession          Q13526 
_struct_ref.entity_id                  1 
_struct_ref.pdbx_seq_one_letter_code   
;MADEEKLPPGWEKRMSRSSGRVYYFNHITNASQWERPSGNSSSGGKNGQGEPARVRCSHLLVKHSQSRRPSSWRQEKITR
TKEEALELINGYIQKIKSGEEDFESLASQFSDCSSAKARGDLGAFSRGQMQKPFEDASFALRTGEMSGPVFTDSGIHIIL
RTE
;
_struct_ref.pdbx_align_begin           1 
_struct_ref.pdbx_db_isoform            ? 
# 
_struct_ref_seq.align_id                      1 
_struct_ref_seq.ref_id                        1 
_struct_ref_seq.pdbx_PDB_id_code              3WH0 
_struct_ref_seq.pdbx_strand_id                A 
_struct_ref_seq.seq_align_beg                 1 
_struct_ref_seq.pdbx_seq_align_beg_ins_code   ? 
_struct_ref_seq.seq_align_end                 163 
_struct_ref_seq.pdbx_seq_align_end_ins_code   ? 
_struct_ref_seq.pdbx_db_accession             Q13526 
_struct_ref_seq.db_align_beg                  1 
_struct_ref_seq.pdbx_db_align_beg_ins_code    ? 
_struct_ref_seq.db_align_end                  163 
_struct_ref_seq.pdbx_db_align_end_ins_code    ? 
_struct_ref_seq.pdbx_auth_seq_align_beg       1 
_struct_ref_seq.pdbx_auth_seq_align_end       163 
# 
_struct_ref_seq_dif.align_id                     1 
_struct_ref_seq_dif.pdbx_pdb_id_code             3WH0 
_struct_ref_seq_dif.mon_id                       ALA 
_struct_ref_seq_dif.pdbx_pdb_strand_id           A 
_struct_ref_seq_dif.seq_num                      14 
_struct_ref_seq_dif.pdbx_pdb_ins_code            ? 
_struct_ref_seq_dif.pdbx_seq_db_name             UNP 
_struct_ref_seq_dif.pdbx_seq_db_accession_code   Q13526 
_struct_ref_seq_dif.db_mon_id                    ARG 
_struct_ref_seq_dif.pdbx_seq_db_seq_num          14 
_struct_ref_seq_dif.details                      'engineered mutation' 
_struct_ref_seq_dif.pdbx_auth_seq_num            14 
_struct_ref_seq_dif.pdbx_ordinal                 1 
# 
_pdbx_struct_assembly.id                   1 
_pdbx_struct_assembly.details              author_and_software_defined_assembly 
_pdbx_struct_assembly.method_details       PISA 
_pdbx_struct_assembly.oligomeric_details   monomeric 
_pdbx_struct_assembly.oligomeric_count     1 
# 
_pdbx_struct_assembly_gen.assembly_id       1 
_pdbx_struct_assembly_gen.oper_expression   1 
_pdbx_struct_assembly_gen.asym_id_list      A,B,C,D,E,F 
# 
_pdbx_struct_oper_list.id                   1 
_pdbx_struct_oper_list.type                 'identity operation' 
_pdbx_struct_oper_list.name                 1_555 
_pdbx_struct_oper_list.symmetry_operation   x,y,z 
_pdbx_struct_oper_list.matrix[1][1]         1.0000000000 
_pdbx_struct_oper_list.matrix[1][2]         0.0000000000 
_pdbx_struct_oper_list.matrix[1][3]         0.0000000000 
_pdbx_struct_oper_list.vector[1]            0.0000000000 
_pdbx_struct_oper_list.matrix[2][1]         0.0000000000 
_pdbx_struct_oper_list.matrix[2][2]         1.0000000000 
_pdbx_struct_oper_list.matrix[2][3]         0.0000000000 
_pdbx_struct_oper_list.vector[2]            0.0000000000 
_pdbx_struct_oper_list.matrix[3][1]         0.0000000000 
_pdbx_struct_oper_list.matrix[3][2]         0.0000000000 
_pdbx_struct_oper_list.matrix[3][3]         1.0000000000 
_pdbx_struct_oper_list.vector[3]            0.0000000000 
# 
_struct_biol.id        1 
_struct_biol.details   ? 
# 
loop_
_struct_conf.conf_type_id 
_struct_conf.id 
_struct_conf.pdbx_PDB_helix_id 
_struct_conf.beg_label_comp_id 
_struct_conf.beg_label_asym_id 
_struct_conf.beg_label_seq_id 
_struct_conf.pdbx_beg_PDB_ins_code 
_struct_conf.end_label_comp_id 
_struct_conf.end_label_asym_id 
_struct_conf.end_label_seq_id 
_struct_conf.pdbx_end_PDB_ins_code 
_struct_conf.beg_auth_comp_id 
_struct_conf.beg_auth_asym_id 
_struct_conf.beg_auth_seq_id 
_struct_conf.end_auth_comp_id 
_struct_conf.end_auth_asym_id 
_struct_conf.end_auth_seq_id 
_struct_conf.pdbx_PDB_helix_class 
_struct_conf.details 
_struct_conf.pdbx_PDB_helix_length 
HELX_P HELX_P1 1 THR A 81  ? SER A 98  ? THR A 81  SER A 98  1 ? 18 
HELX_P HELX_P2 2 ASP A 102 ? SER A 111 ? ASP A 102 SER A 111 1 ? 10 
HELX_P HELX_P3 3 CYS A 113 ? ARG A 119 ? CYS A 113 ARG A 119 5 ? 7  
HELX_P HELX_P4 4 GLN A 131 ? LEU A 141 ? GLN A 131 LEU A 141 1 ? 11 
# 
_struct_conf_type.id          HELX_P 
_struct_conf_type.criteria    ? 
_struct_conf_type.reference   ? 
# 
loop_
_struct_sheet.id 
_struct_sheet.type 
_struct_sheet.number_strands 
_struct_sheet.details 
A ? 3 ? 
B ? 4 ? 
# 
loop_
_struct_sheet_order.sheet_id 
_struct_sheet_order.range_id_1 
_struct_sheet_order.range_id_2 
_struct_sheet_order.offset 
_struct_sheet_order.sense 
A 1 2 ? anti-parallel 
A 2 3 ? anti-parallel 
B 1 2 ? anti-parallel 
B 2 3 ? anti-parallel 
B 3 4 ? anti-parallel 
# 
loop_
_struct_sheet_range.sheet_id 
_struct_sheet_range.id 
_struct_sheet_range.beg_label_comp_id 
_struct_sheet_range.beg_label_asym_id 
_struct_sheet_range.beg_label_seq_id 
_struct_sheet_range.pdbx_beg_PDB_ins_code 
_struct_sheet_range.end_label_comp_id 
_struct_sheet_range.end_label_asym_id 
_struct_sheet_range.end_label_seq_id 
_struct_sheet_range.pdbx_end_PDB_ins_code 
_struct_sheet_range.beg_auth_comp_id 
_struct_sheet_range.beg_auth_asym_id 
_struct_sheet_range.beg_auth_seq_id 
_struct_sheet_range.end_auth_comp_id 
_struct_sheet_range.end_auth_asym_id 
_struct_sheet_range.end_auth_seq_id 
A 1 TRP A 11  ? MET A 15  ? TRP A 11  MET A 15  
A 2 VAL A 22  ? ASN A 26  ? VAL A 22  ASN A 26  
A 3 SER A 32  ? GLN A 33  ? SER A 32  GLN A 33  
B 1 ASP A 121 ? SER A 126 ? ASP A 121 SER A 126 
B 2 ARG A 54  ? VAL A 62  ? ARG A 54  VAL A 62  
B 3 GLY A 155 ? ARG A 161 ? GLY A 155 ARG A 161 
B 4 VAL A 150 ? THR A 152 ? VAL A 150 THR A 152 
# 
loop_
_pdbx_struct_sheet_hbond.sheet_id 
_pdbx_struct_sheet_hbond.range_id_1 
_pdbx_struct_sheet_hbond.range_id_2 
_pdbx_struct_sheet_hbond.range_1_label_atom_id 
_pdbx_struct_sheet_hbond.range_1_label_comp_id 
_pdbx_struct_sheet_hbond.range_1_label_asym_id 
_pdbx_struct_sheet_hbond.range_1_label_seq_id 
_pdbx_struct_sheet_hbond.range_1_PDB_ins_code 
_pdbx_struct_sheet_hbond.range_1_auth_atom_id 
_pdbx_struct_sheet_hbond.range_1_auth_comp_id 
_pdbx_struct_sheet_hbond.range_1_auth_asym_id 
_pdbx_struct_sheet_hbond.range_1_auth_seq_id 
_pdbx_struct_sheet_hbond.range_2_label_atom_id 
_pdbx_struct_sheet_hbond.range_2_label_comp_id 
_pdbx_struct_sheet_hbond.range_2_label_asym_id 
_pdbx_struct_sheet_hbond.range_2_label_seq_id 
_pdbx_struct_sheet_hbond.range_2_PDB_ins_code 
_pdbx_struct_sheet_hbond.range_2_auth_atom_id 
_pdbx_struct_sheet_hbond.range_2_auth_comp_id 
_pdbx_struct_sheet_hbond.range_2_auth_asym_id 
_pdbx_struct_sheet_hbond.range_2_auth_seq_id 
A 1 2 N ALA A 14  ? N ALA A 14  O TYR A 23  ? O TYR A 23  
A 2 3 N TYR A 24  ? N TYR A 24  O GLN A 33  ? O GLN A 33  
B 1 2 O LEU A 122 ? O LEU A 122 N CYS A 57  ? N CYS A 57  
B 2 3 N VAL A 62  ? N VAL A 62  O ILE A 156 ? O ILE A 156 
B 3 4 O HIS A 157 ? O HIS A 157 N VAL A 150 ? N VAL A 150 
# 
loop_
_struct_site.id 
_struct_site.pdbx_evidence_code 
_struct_site.pdbx_auth_asym_id 
_struct_site.pdbx_auth_comp_id 
_struct_site.pdbx_auth_seq_id 
_struct_site.pdbx_auth_ins_code 
_struct_site.pdbx_num_residues 
_struct_site.details 
AC1 Software A SO4 201 ? 7 'BINDING SITE FOR RESIDUE SO4 A 201' 
AC2 Software A O4B 202 ? 7 'BINDING SITE FOR RESIDUE O4B A 202' 
AC3 Software A O4B 203 ? 7 'BINDING SITE FOR RESIDUE O4B A 203' 
AC4 Software A DTT 204 ? 9 'BINDING SITE FOR RESIDUE DTT A 204' 
# 
loop_
_struct_site_gen.id 
_struct_site_gen.site_id 
_struct_site_gen.pdbx_num_res 
_struct_site_gen.label_comp_id 
_struct_site_gen.label_asym_id 
_struct_site_gen.label_seq_id 
_struct_site_gen.pdbx_auth_ins_code 
_struct_site_gen.auth_comp_id 
_struct_site_gen.auth_asym_id 
_struct_site_gen.auth_seq_id 
_struct_site_gen.label_atom_id 
_struct_site_gen.label_alt_id 
_struct_site_gen.symmetry 
_struct_site_gen.details 
1  AC1 7 LYS A 63  ? LYS A 63  . ? 1_555 ? 
2  AC1 7 ARG A 68  ? ARG A 68  . ? 1_555 ? 
3  AC1 7 ARG A 69  ? ARG A 69  . ? 1_555 ? 
4  AC1 7 SER A 154 ? SER A 154 . ? 1_555 ? 
5  AC1 7 DTT E .   ? DTT A 204 . ? 1_555 ? 
6  AC1 7 HOH F .   ? HOH A 318 . ? 1_555 ? 
7  AC1 7 HOH F .   ? HOH A 465 . ? 1_555 ? 
8  AC2 7 TYR A 23  ? TYR A 23  . ? 1_555 ? 
9  AC2 7 TRP A 34  ? TRP A 34  . ? 1_555 ? 
10 AC2 7 LYS A 97  ? LYS A 97  . ? 6_555 ? 
11 AC2 7 SER A 98  ? SER A 98  . ? 6_555 ? 
12 AC2 7 GLY A 99  ? GLY A 99  . ? 6_555 ? 
13 AC2 7 HOH F .   ? HOH A 386 . ? 1_555 ? 
14 AC2 7 HOH F .   ? HOH A 457 . ? 1_555 ? 
15 AC3 7 TYR A 23  ? TYR A 23  . ? 2_565 ? 
16 AC3 7 PHE A 25  ? PHE A 25  . ? 2_565 ? 
17 AC3 7 ASN A 30  ? ASN A 30  . ? 2_565 ? 
18 AC3 7 LEU A 86  ? LEU A 86  . ? 2_565 ? 
19 AC3 7 LYS A 117 ? LYS A 117 . ? 1_555 ? 
20 AC3 7 HOH F .   ? HOH A 417 . ? 1_555 ? 
21 AC3 7 HOH F .   ? HOH A 418 . ? 1_555 ? 
22 AC4 9 HIS A 59  ? HIS A 59  . ? 1_555 ? 
23 AC4 9 CYS A 113 ? CYS A 113 . ? 1_555 ? 
24 AC4 9 MET A 130 ? MET A 130 . ? 1_555 ? 
25 AC4 9 GLN A 131 ? GLN A 131 . ? 1_555 ? 
26 AC4 9 PHE A 134 ? PHE A 134 . ? 1_555 ? 
27 AC4 9 SER A 154 ? SER A 154 . ? 1_555 ? 
28 AC4 9 HIS A 157 ? HIS A 157 . ? 1_555 ? 
29 AC4 9 SO4 B .   ? SO4 A 201 . ? 1_555 ? 
30 AC4 9 HOH F .   ? HOH A 465 . ? 1_555 ? 
# 
loop_
_pdbx_validate_close_contact.id 
_pdbx_validate_close_contact.PDB_model_num 
_pdbx_validate_close_contact.auth_atom_id_1 
_pdbx_validate_close_contact.auth_asym_id_1 
_pdbx_validate_close_contact.auth_comp_id_1 
_pdbx_validate_close_contact.auth_seq_id_1 
_pdbx_validate_close_contact.PDB_ins_code_1 
_pdbx_validate_close_contact.label_alt_id_1 
_pdbx_validate_close_contact.auth_atom_id_2 
_pdbx_validate_close_contact.auth_asym_id_2 
_pdbx_validate_close_contact.auth_comp_id_2 
_pdbx_validate_close_contact.auth_seq_id_2 
_pdbx_validate_close_contact.PDB_ins_code_2 
_pdbx_validate_close_contact.label_alt_id_2 
_pdbx_validate_close_contact.dist 
1 1 NZ A LYS 132 ? ? O A HOH 481 ? ? 1.95 
2 1 O  A HOH 449 ? ? O A HOH 450 ? ? 2.04 
3 1 O  A HOH 347 ? ? O A HOH 348 ? ? 2.07 
4 1 O  A HOH 404 ? ? O A HOH 473 ? ? 2.12 
# 
_pdbx_validate_symm_contact.id                1 
_pdbx_validate_symm_contact.PDB_model_num     1 
_pdbx_validate_symm_contact.auth_atom_id_1    O 
_pdbx_validate_symm_contact.auth_asym_id_1    A 
_pdbx_validate_symm_contact.auth_comp_id_1    HOH 
_pdbx_validate_symm_contact.auth_seq_id_1     456 
_pdbx_validate_symm_contact.PDB_ins_code_1    ? 
_pdbx_validate_symm_contact.label_alt_id_1    ? 
_pdbx_validate_symm_contact.site_symmetry_1   1_555 
_pdbx_validate_symm_contact.auth_atom_id_2    O 
_pdbx_validate_symm_contact.auth_asym_id_2    A 
_pdbx_validate_symm_contact.auth_comp_id_2    HOH 
_pdbx_validate_symm_contact.auth_seq_id_2     479 
_pdbx_validate_symm_contact.PDB_ins_code_2    ? 
_pdbx_validate_symm_contact.label_alt_id_2    ? 
_pdbx_validate_symm_contact.site_symmetry_2   6_555 
_pdbx_validate_symm_contact.dist              1.86 
# 
_pdbx_validate_rmsd_bond.id                        1 
_pdbx_validate_rmsd_bond.PDB_model_num             1 
_pdbx_validate_rmsd_bond.auth_atom_id_1            CB 
_pdbx_validate_rmsd_bond.auth_asym_id_1            A 
_pdbx_validate_rmsd_bond.auth_comp_id_1            CYS 
_pdbx_validate_rmsd_bond.auth_seq_id_1             113 
_pdbx_validate_rmsd_bond.PDB_ins_code_1            ? 
_pdbx_validate_rmsd_bond.label_alt_id_1            ? 
_pdbx_validate_rmsd_bond.auth_atom_id_2            SG 
_pdbx_validate_rmsd_bond.auth_asym_id_2            A 
_pdbx_validate_rmsd_bond.auth_comp_id_2            CYS 
_pdbx_validate_rmsd_bond.auth_seq_id_2             113 
_pdbx_validate_rmsd_bond.PDB_ins_code_2            ? 
_pdbx_validate_rmsd_bond.label_alt_id_2            ? 
_pdbx_validate_rmsd_bond.bond_value                1.710 
_pdbx_validate_rmsd_bond.bond_target_value         1.812 
_pdbx_validate_rmsd_bond.bond_deviation            -0.102 
_pdbx_validate_rmsd_bond.bond_standard_deviation   0.016 
_pdbx_validate_rmsd_bond.linker_flag               N 
# 
loop_
_pdbx_validate_rmsd_angle.id 
_pdbx_validate_rmsd_angle.PDB_model_num 
_pdbx_validate_rmsd_angle.auth_atom_id_1 
_pdbx_validate_rmsd_angle.auth_asym_id_1 
_pdbx_validate_rmsd_angle.auth_comp_id_1 
_pdbx_validate_rmsd_angle.auth_seq_id_1 
_pdbx_validate_rmsd_angle.PDB_ins_code_1 
_pdbx_validate_rmsd_angle.label_alt_id_1 
_pdbx_validate_rmsd_angle.auth_atom_id_2 
_pdbx_validate_rmsd_angle.auth_asym_id_2 
_pdbx_validate_rmsd_angle.auth_comp_id_2 
_pdbx_validate_rmsd_angle.auth_seq_id_2 
_pdbx_validate_rmsd_angle.PDB_ins_code_2 
_pdbx_validate_rmsd_angle.label_alt_id_2 
_pdbx_validate_rmsd_angle.auth_atom_id_3 
_pdbx_validate_rmsd_angle.auth_asym_id_3 
_pdbx_validate_rmsd_angle.auth_comp_id_3 
_pdbx_validate_rmsd_angle.auth_seq_id_3 
_pdbx_validate_rmsd_angle.PDB_ins_code_3 
_pdbx_validate_rmsd_angle.label_alt_id_3 
_pdbx_validate_rmsd_angle.angle_value 
_pdbx_validate_rmsd_angle.angle_target_value 
_pdbx_validate_rmsd_angle.angle_deviation 
_pdbx_validate_rmsd_angle.angle_standard_deviation 
_pdbx_validate_rmsd_angle.linker_flag 
1 1 NE A ARG 21  ? ? CZ A ARG 21  ? ? NH1 A ARG 21  ? ? 124.90 120.30 4.60  0.50 N 
2 1 CB A TYR 23  ? ? CG A TYR 23  ? ? CD2 A TYR 23  ? ? 124.86 121.00 3.86  0.60 N 
3 1 CB A PHE 103 ? ? CG A PHE 103 ? ? CD2 A PHE 103 ? ? 116.56 120.80 -4.24 0.70 N 
4 1 CB A ASP 121 ? ? CG A ASP 121 ? ? OD1 A ASP 121 ? ? 123.75 118.30 5.45  0.90 N 
5 1 NE A ARG 127 ? ? CZ A ARG 127 ? ? NH2 A ARG 127 ? ? 116.78 120.30 -3.52 0.50 N 
# 
loop_
_pdbx_unobs_or_zero_occ_residues.id 
_pdbx_unobs_or_zero_occ_residues.PDB_model_num 
_pdbx_unobs_or_zero_occ_residues.polymer_flag 
_pdbx_unobs_or_zero_occ_residues.occupancy_flag 
_pdbx_unobs_or_zero_occ_residues.auth_asym_id 
_pdbx_unobs_or_zero_occ_residues.auth_comp_id 
_pdbx_unobs_or_zero_occ_residues.auth_seq_id 
_pdbx_unobs_or_zero_occ_residues.PDB_ins_code 
_pdbx_unobs_or_zero_occ_residues.label_asym_id 
_pdbx_unobs_or_zero_occ_residues.label_comp_id 
_pdbx_unobs_or_zero_occ_residues.label_seq_id 
1  1 Y 1 A MET 1  ? A MET 1  
2  1 Y 1 A ALA 2  ? A ALA 2  
3  1 Y 1 A ASP 3  ? A ASP 3  
4  1 Y 1 A GLU 4  ? A GLU 4  
5  1 Y 1 A GLU 5  ? A GLU 5  
6  1 Y 1 A LYS 6  ? A LYS 6  
7  1 Y 1 A GLY 39 ? A GLY 39 
8  1 Y 1 A ASN 40 ? A ASN 40 
9  1 Y 1 A SER 41 ? A SER 41 
10 1 Y 1 A SER 42 ? A SER 42 
11 1 Y 1 A SER 43 ? A SER 43 
12 1 Y 1 A GLY 44 ? A GLY 44 
13 1 Y 1 A GLY 45 ? A GLY 45 
14 1 Y 1 A LYS 46 ? A LYS 46 
15 1 Y 1 A ASN 47 ? A ASN 47 
16 1 Y 1 A GLY 48 ? A GLY 48 
17 1 Y 1 A GLN 49 ? A GLN 49 
18 1 Y 1 A GLY 50 ? A GLY 50 
# 
loop_
_chem_comp_atom.comp_id 
_chem_comp_atom.atom_id 
_chem_comp_atom.type_symbol 
_chem_comp_atom.pdbx_aromatic_flag 
_chem_comp_atom.pdbx_stereo_config 
_chem_comp_atom.pdbx_ordinal 
ALA N    N N N 1   
ALA CA   C N S 2   
ALA C    C N N 3   
ALA O    O N N 4   
ALA CB   C N N 5   
ALA OXT  O N N 6   
ALA H    H N N 7   
ALA H2   H N N 8   
ALA HA   H N N 9   
ALA HB1  H N N 10  
ALA HB2  H N N 11  
ALA HB3  H N N 12  
ALA HXT  H N N 13  
ARG N    N N N 14  
ARG CA   C N S 15  
ARG C    C N N 16  
ARG O    O N N 17  
ARG CB   C N N 18  
ARG CG   C N N 19  
ARG CD   C N N 20  
ARG NE   N N N 21  
ARG CZ   C N N 22  
ARG NH1  N N N 23  
ARG NH2  N N N 24  
ARG OXT  O N N 25  
ARG H    H N N 26  
ARG H2   H N N 27  
ARG HA   H N N 28  
ARG HB2  H N N 29  
ARG HB3  H N N 30  
ARG HG2  H N N 31  
ARG HG3  H N N 32  
ARG HD2  H N N 33  
ARG HD3  H N N 34  
ARG HE   H N N 35  
ARG HH11 H N N 36  
ARG HH12 H N N 37  
ARG HH21 H N N 38  
ARG HH22 H N N 39  
ARG HXT  H N N 40  
ASN N    N N N 41  
ASN CA   C N S 42  
ASN C    C N N 43  
ASN O    O N N 44  
ASN CB   C N N 45  
ASN CG   C N N 46  
ASN OD1  O N N 47  
ASN ND2  N N N 48  
ASN OXT  O N N 49  
ASN H    H N N 50  
ASN H2   H N N 51  
ASN HA   H N N 52  
ASN HB2  H N N 53  
ASN HB3  H N N 54  
ASN HD21 H N N 55  
ASN HD22 H N N 56  
ASN HXT  H N N 57  
ASP N    N N N 58  
ASP CA   C N S 59  
ASP C    C N N 60  
ASP O    O N N 61  
ASP CB   C N N 62  
ASP CG   C N N 63  
ASP OD1  O N N 64  
ASP OD2  O N N 65  
ASP OXT  O N N 66  
ASP H    H N N 67  
ASP H2   H N N 68  
ASP HA   H N N 69  
ASP HB2  H N N 70  
ASP HB3  H N N 71  
ASP HD2  H N N 72  
ASP HXT  H N N 73  
CYS N    N N N 74  
CYS CA   C N R 75  
CYS C    C N N 76  
CYS O    O N N 77  
CYS CB   C N N 78  
CYS SG   S N N 79  
CYS OXT  O N N 80  
CYS H    H N N 81  
CYS H2   H N N 82  
CYS HA   H N N 83  
CYS HB2  H N N 84  
CYS HB3  H N N 85  
CYS HG   H N N 86  
CYS HXT  H N N 87  
DTT S1   S N N 88  
DTT C1   C N N 89  
DTT C2   C N R 90  
DTT O2   O N N 91  
DTT C3   C N R 92  
DTT O3   O N N 93  
DTT C4   C N N 94  
DTT S4   S N N 95  
DTT HS1  H N N 96  
DTT H11  H N N 97  
DTT H12  H N N 98  
DTT H2   H N N 99  
DTT HO2  H N N 100 
DTT H3   H N N 101 
DTT HO3  H N N 102 
DTT H41  H N N 103 
DTT H42  H N N 104 
DTT HS2  H N N 105 
GLN N    N N N 106 
GLN CA   C N S 107 
GLN C    C N N 108 
GLN O    O N N 109 
GLN CB   C N N 110 
GLN CG   C N N 111 
GLN CD   C N N 112 
GLN OE1  O N N 113 
GLN NE2  N N N 114 
GLN OXT  O N N 115 
GLN H    H N N 116 
GLN H2   H N N 117 
GLN HA   H N N 118 
GLN HB2  H N N 119 
GLN HB3  H N N 120 
GLN HG2  H N N 121 
GLN HG3  H N N 122 
GLN HE21 H N N 123 
GLN HE22 H N N 124 
GLN HXT  H N N 125 
GLU N    N N N 126 
GLU CA   C N S 127 
GLU C    C N N 128 
GLU O    O N N 129 
GLU CB   C N N 130 
GLU CG   C N N 131 
GLU CD   C N N 132 
GLU OE1  O N N 133 
GLU OE2  O N N 134 
GLU OXT  O N N 135 
GLU H    H N N 136 
GLU H2   H N N 137 
GLU HA   H N N 138 
GLU HB2  H N N 139 
GLU HB3  H N N 140 
GLU HG2  H N N 141 
GLU HG3  H N N 142 
GLU HE2  H N N 143 
GLU HXT  H N N 144 
GLY N    N N N 145 
GLY CA   C N N 146 
GLY C    C N N 147 
GLY O    O N N 148 
GLY OXT  O N N 149 
GLY H    H N N 150 
GLY H2   H N N 151 
GLY HA2  H N N 152 
GLY HA3  H N N 153 
GLY HXT  H N N 154 
HIS N    N N N 155 
HIS CA   C N S 156 
HIS C    C N N 157 
HIS O    O N N 158 
HIS CB   C N N 159 
HIS CG   C Y N 160 
HIS ND1  N Y N 161 
HIS CD2  C Y N 162 
HIS CE1  C Y N 163 
HIS NE2  N Y N 164 
HIS OXT  O N N 165 
HIS H    H N N 166 
HIS H2   H N N 167 
HIS HA   H N N 168 
HIS HB2  H N N 169 
HIS HB3  H N N 170 
HIS HD1  H N N 171 
HIS HD2  H N N 172 
HIS HE1  H N N 173 
HIS HE2  H N N 174 
HIS HXT  H N N 175 
HOH O    O N N 176 
HOH H1   H N N 177 
HOH H2   H N N 178 
ILE N    N N N 179 
ILE CA   C N S 180 
ILE C    C N N 181 
ILE O    O N N 182 
ILE CB   C N S 183 
ILE CG1  C N N 184 
ILE CG2  C N N 185 
ILE CD1  C N N 186 
ILE OXT  O N N 187 
ILE H    H N N 188 
ILE H2   H N N 189 
ILE HA   H N N 190 
ILE HB   H N N 191 
ILE HG12 H N N 192 
ILE HG13 H N N 193 
ILE HG21 H N N 194 
ILE HG22 H N N 195 
ILE HG23 H N N 196 
ILE HD11 H N N 197 
ILE HD12 H N N 198 
ILE HD13 H N N 199 
ILE HXT  H N N 200 
LEU N    N N N 201 
LEU CA   C N S 202 
LEU C    C N N 203 
LEU O    O N N 204 
LEU CB   C N N 205 
LEU CG   C N N 206 
LEU CD1  C N N 207 
LEU CD2  C N N 208 
LEU OXT  O N N 209 
LEU H    H N N 210 
LEU H2   H N N 211 
LEU HA   H N N 212 
LEU HB2  H N N 213 
LEU HB3  H N N 214 
LEU HG   H N N 215 
LEU HD11 H N N 216 
LEU HD12 H N N 217 
LEU HD13 H N N 218 
LEU HD21 H N N 219 
LEU HD22 H N N 220 
LEU HD23 H N N 221 
LEU HXT  H N N 222 
LYS N    N N N 223 
LYS CA   C N S 224 
LYS C    C N N 225 
LYS O    O N N 226 
LYS CB   C N N 227 
LYS CG   C N N 228 
LYS CD   C N N 229 
LYS CE   C N N 230 
LYS NZ   N N N 231 
LYS OXT  O N N 232 
LYS H    H N N 233 
LYS H2   H N N 234 
LYS HA   H N N 235 
LYS HB2  H N N 236 
LYS HB3  H N N 237 
LYS HG2  H N N 238 
LYS HG3  H N N 239 
LYS HD2  H N N 240 
LYS HD3  H N N 241 
LYS HE2  H N N 242 
LYS HE3  H N N 243 
LYS HZ1  H N N 244 
LYS HZ2  H N N 245 
LYS HZ3  H N N 246 
LYS HXT  H N N 247 
MET N    N N N 248 
MET CA   C N S 249 
MET C    C N N 250 
MET O    O N N 251 
MET CB   C N N 252 
MET CG   C N N 253 
MET SD   S N N 254 
MET CE   C N N 255 
MET OXT  O N N 256 
MET H    H N N 257 
MET H2   H N N 258 
MET HA   H N N 259 
MET HB2  H N N 260 
MET HB3  H N N 261 
MET HG2  H N N 262 
MET HG3  H N N 263 
MET HE1  H N N 264 
MET HE2  H N N 265 
MET HE3  H N N 266 
MET HXT  H N N 267 
O4B CAA  C N N 268 
O4B OAM  O N N 269 
O4B CAC  C N N 270 
O4B CAD  C N N 271 
O4B OAO  O N N 272 
O4B CAG  C N N 273 
O4B CAH  C N N 274 
O4B OAQ  O N N 275 
O4B CAK  C N N 276 
O4B CAL  C N N 277 
O4B OAR  O N N 278 
O4B CAJ  C N N 279 
O4B CAI  C N N 280 
O4B OAP  O N N 281 
O4B CAF  C N N 282 
O4B CAE  C N N 283 
O4B OAN  O N N 284 
O4B CAB  C N N 285 
O4B HAA1 H N N 286 
O4B HAA2 H N N 287 
O4B HAB1 H N N 288 
O4B HAB2 H N N 289 
O4B HAC1 H N N 290 
O4B HAC2 H N N 291 
O4B HAD1 H N N 292 
O4B HAD2 H N N 293 
O4B HAG1 H N N 294 
O4B HAG2 H N N 295 
O4B HAH1 H N N 296 
O4B HAH2 H N N 297 
O4B HAK1 H N N 298 
O4B HAK2 H N N 299 
O4B HAL1 H N N 300 
O4B HAL2 H N N 301 
O4B HAJ1 H N N 302 
O4B HAJ2 H N N 303 
O4B HAI1 H N N 304 
O4B HAI2 H N N 305 
O4B HAF1 H N N 306 
O4B HAF2 H N N 307 
O4B HAE1 H N N 308 
O4B HAE2 H N N 309 
PHE N    N N N 310 
PHE CA   C N S 311 
PHE C    C N N 312 
PHE O    O N N 313 
PHE CB   C N N 314 
PHE CG   C Y N 315 
PHE CD1  C Y N 316 
PHE CD2  C Y N 317 
PHE CE1  C Y N 318 
PHE CE2  C Y N 319 
PHE CZ   C Y N 320 
PHE OXT  O N N 321 
PHE H    H N N 322 
PHE H2   H N N 323 
PHE HA   H N N 324 
PHE HB2  H N N 325 
PHE HB3  H N N 326 
PHE HD1  H N N 327 
PHE HD2  H N N 328 
PHE HE1  H N N 329 
PHE HE2  H N N 330 
PHE HZ   H N N 331 
PHE HXT  H N N 332 
PRO N    N N N 333 
PRO CA   C N S 334 
PRO C    C N N 335 
PRO O    O N N 336 
PRO CB   C N N 337 
PRO CG   C N N 338 
PRO CD   C N N 339 
PRO OXT  O N N 340 
PRO H    H N N 341 
PRO HA   H N N 342 
PRO HB2  H N N 343 
PRO HB3  H N N 344 
PRO HG2  H N N 345 
PRO HG3  H N N 346 
PRO HD2  H N N 347 
PRO HD3  H N N 348 
PRO HXT  H N N 349 
SER N    N N N 350 
SER CA   C N S 351 
SER C    C N N 352 
SER O    O N N 353 
SER CB   C N N 354 
SER OG   O N N 355 
SER OXT  O N N 356 
SER H    H N N 357 
SER H2   H N N 358 
SER HA   H N N 359 
SER HB2  H N N 360 
SER HB3  H N N 361 
SER HG   H N N 362 
SER HXT  H N N 363 
SO4 S    S N N 364 
SO4 O1   O N N 365 
SO4 O2   O N N 366 
SO4 O3   O N N 367 
SO4 O4   O N N 368 
THR N    N N N 369 
THR CA   C N S 370 
THR C    C N N 371 
THR O    O N N 372 
THR CB   C N R 373 
THR OG1  O N N 374 
THR CG2  C N N 375 
THR OXT  O N N 376 
THR H    H N N 377 
THR H2   H N N 378 
THR HA   H N N 379 
THR HB   H N N 380 
THR HG1  H N N 381 
THR HG21 H N N 382 
THR HG22 H N N 383 
THR HG23 H N N 384 
THR HXT  H N N 385 
TRP N    N N N 386 
TRP CA   C N S 387 
TRP C    C N N 388 
TRP O    O N N 389 
TRP CB   C N N 390 
TRP CG   C Y N 391 
TRP CD1  C Y N 392 
TRP CD2  C Y N 393 
TRP NE1  N Y N 394 
TRP CE2  C Y N 395 
TRP CE3  C Y N 396 
TRP CZ2  C Y N 397 
TRP CZ3  C Y N 398 
TRP CH2  C Y N 399 
TRP OXT  O N N 400 
TRP H    H N N 401 
TRP H2   H N N 402 
TRP HA   H N N 403 
TRP HB2  H N N 404 
TRP HB3  H N N 405 
TRP HD1  H N N 406 
TRP HE1  H N N 407 
TRP HE3  H N N 408 
TRP HZ2  H N N 409 
TRP HZ3  H N N 410 
TRP HH2  H N N 411 
TRP HXT  H N N 412 
TYR N    N N N 413 
TYR CA   C N S 414 
TYR C    C N N 415 
TYR O    O N N 416 
TYR CB   C N N 417 
TYR CG   C Y N 418 
TYR CD1  C Y N 419 
TYR CD2  C Y N 420 
TYR CE1  C Y N 421 
TYR CE2  C Y N 422 
TYR CZ   C Y N 423 
TYR OH   O N N 424 
TYR OXT  O N N 425 
TYR H    H N N 426 
TYR H2   H N N 427 
TYR HA   H N N 428 
TYR HB2  H N N 429 
TYR HB3  H N N 430 
TYR HD1  H N N 431 
TYR HD2  H N N 432 
TYR HE1  H N N 433 
TYR HE2  H N N 434 
TYR HH   H N N 435 
TYR HXT  H N N 436 
VAL N    N N N 437 
VAL CA   C N S 438 
VAL C    C N N 439 
VAL O    O N N 440 
VAL CB   C N N 441 
VAL CG1  C N N 442 
VAL CG2  C N N 443 
VAL OXT  O N N 444 
VAL H    H N N 445 
VAL H2   H N N 446 
VAL HA   H N N 447 
VAL HB   H N N 448 
VAL HG11 H N N 449 
VAL HG12 H N N 450 
VAL HG13 H N N 451 
VAL HG21 H N N 452 
VAL HG22 H N N 453 
VAL HG23 H N N 454 
VAL HXT  H N N 455 
# 
loop_
_chem_comp_bond.comp_id 
_chem_comp_bond.atom_id_1 
_chem_comp_bond.atom_id_2 
_chem_comp_bond.value_order 
_chem_comp_bond.pdbx_aromatic_flag 
_chem_comp_bond.pdbx_stereo_config 
_chem_comp_bond.pdbx_ordinal 
ALA N   CA   sing N N 1   
ALA N   H    sing N N 2   
ALA N   H2   sing N N 3   
ALA CA  C    sing N N 4   
ALA CA  CB   sing N N 5   
ALA CA  HA   sing N N 6   
ALA C   O    doub N N 7   
ALA C   OXT  sing N N 8   
ALA CB  HB1  sing N N 9   
ALA CB  HB2  sing N N 10  
ALA CB  HB3  sing N N 11  
ALA OXT HXT  sing N N 12  
ARG N   CA   sing N N 13  
ARG N   H    sing N N 14  
ARG N   H2   sing N N 15  
ARG CA  C    sing N N 16  
ARG CA  CB   sing N N 17  
ARG CA  HA   sing N N 18  
ARG C   O    doub N N 19  
ARG C   OXT  sing N N 20  
ARG CB  CG   sing N N 21  
ARG CB  HB2  sing N N 22  
ARG CB  HB3  sing N N 23  
ARG CG  CD   sing N N 24  
ARG CG  HG2  sing N N 25  
ARG CG  HG3  sing N N 26  
ARG CD  NE   sing N N 27  
ARG CD  HD2  sing N N 28  
ARG CD  HD3  sing N N 29  
ARG NE  CZ   sing N N 30  
ARG NE  HE   sing N N 31  
ARG CZ  NH1  sing N N 32  
ARG CZ  NH2  doub N N 33  
ARG NH1 HH11 sing N N 34  
ARG NH1 HH12 sing N N 35  
ARG NH2 HH21 sing N N 36  
ARG NH2 HH22 sing N N 37  
ARG OXT HXT  sing N N 38  
ASN N   CA   sing N N 39  
ASN N   H    sing N N 40  
ASN N   H2   sing N N 41  
ASN CA  C    sing N N 42  
ASN CA  CB   sing N N 43  
ASN CA  HA   sing N N 44  
ASN C   O    doub N N 45  
ASN C   OXT  sing N N 46  
ASN CB  CG   sing N N 47  
ASN CB  HB2  sing N N 48  
ASN CB  HB3  sing N N 49  
ASN CG  OD1  doub N N 50  
ASN CG  ND2  sing N N 51  
ASN ND2 HD21 sing N N 52  
ASN ND2 HD22 sing N N 53  
ASN OXT HXT  sing N N 54  
ASP N   CA   sing N N 55  
ASP N   H    sing N N 56  
ASP N   H2   sing N N 57  
ASP CA  C    sing N N 58  
ASP CA  CB   sing N N 59  
ASP CA  HA   sing N N 60  
ASP C   O    doub N N 61  
ASP C   OXT  sing N N 62  
ASP CB  CG   sing N N 63  
ASP CB  HB2  sing N N 64  
ASP CB  HB3  sing N N 65  
ASP CG  OD1  doub N N 66  
ASP CG  OD2  sing N N 67  
ASP OD2 HD2  sing N N 68  
ASP OXT HXT  sing N N 69  
CYS N   CA   sing N N 70  
CYS N   H    sing N N 71  
CYS N   H2   sing N N 72  
CYS CA  C    sing N N 73  
CYS CA  CB   sing N N 74  
CYS CA  HA   sing N N 75  
CYS C   O    doub N N 76  
CYS C   OXT  sing N N 77  
CYS CB  SG   sing N N 78  
CYS CB  HB2  sing N N 79  
CYS CB  HB3  sing N N 80  
CYS SG  HG   sing N N 81  
CYS OXT HXT  sing N N 82  
DTT S1  C1   sing N N 83  
DTT S1  HS1  sing N N 84  
DTT C1  C2   sing N N 85  
DTT C1  H11  sing N N 86  
DTT C1  H12  sing N N 87  
DTT C2  O2   sing N N 88  
DTT C2  C3   sing N N 89  
DTT C2  H2   sing N N 90  
DTT O2  HO2  sing N N 91  
DTT C3  O3   sing N N 92  
DTT C3  C4   sing N N 93  
DTT C3  H3   sing N N 94  
DTT O3  HO3  sing N N 95  
DTT C4  S4   sing N N 96  
DTT C4  H41  sing N N 97  
DTT C4  H42  sing N N 98  
DTT S4  HS2  sing N N 99  
GLN N   CA   sing N N 100 
GLN N   H    sing N N 101 
GLN N   H2   sing N N 102 
GLN CA  C    sing N N 103 
GLN CA  CB   sing N N 104 
GLN CA  HA   sing N N 105 
GLN C   O    doub N N 106 
GLN C   OXT  sing N N 107 
GLN CB  CG   sing N N 108 
GLN CB  HB2  sing N N 109 
GLN CB  HB3  sing N N 110 
GLN CG  CD   sing N N 111 
GLN CG  HG2  sing N N 112 
GLN CG  HG3  sing N N 113 
GLN CD  OE1  doub N N 114 
GLN CD  NE2  sing N N 115 
GLN NE2 HE21 sing N N 116 
GLN NE2 HE22 sing N N 117 
GLN OXT HXT  sing N N 118 
GLU N   CA   sing N N 119 
GLU N   H    sing N N 120 
GLU N   H2   sing N N 121 
GLU CA  C    sing N N 122 
GLU CA  CB   sing N N 123 
GLU CA  HA   sing N N 124 
GLU C   O    doub N N 125 
GLU C   OXT  sing N N 126 
GLU CB  CG   sing N N 127 
GLU CB  HB2  sing N N 128 
GLU CB  HB3  sing N N 129 
GLU CG  CD   sing N N 130 
GLU CG  HG2  sing N N 131 
GLU CG  HG3  sing N N 132 
GLU CD  OE1  doub N N 133 
GLU CD  OE2  sing N N 134 
GLU OE2 HE2  sing N N 135 
GLU OXT HXT  sing N N 136 
GLY N   CA   sing N N 137 
GLY N   H    sing N N 138 
GLY N   H2   sing N N 139 
GLY CA  C    sing N N 140 
GLY CA  HA2  sing N N 141 
GLY CA  HA3  sing N N 142 
GLY C   O    doub N N 143 
GLY C   OXT  sing N N 144 
GLY OXT HXT  sing N N 145 
HIS N   CA   sing N N 146 
HIS N   H    sing N N 147 
HIS N   H2   sing N N 148 
HIS CA  C    sing N N 149 
HIS CA  CB   sing N N 150 
HIS CA  HA   sing N N 151 
HIS C   O    doub N N 152 
HIS C   OXT  sing N N 153 
HIS CB  CG   sing N N 154 
HIS CB  HB2  sing N N 155 
HIS CB  HB3  sing N N 156 
HIS CG  ND1  sing Y N 157 
HIS CG  CD2  doub Y N 158 
HIS ND1 CE1  doub Y N 159 
HIS ND1 HD1  sing N N 160 
HIS CD2 NE2  sing Y N 161 
HIS CD2 HD2  sing N N 162 
HIS CE1 NE2  sing Y N 163 
HIS CE1 HE1  sing N N 164 
HIS NE2 HE2  sing N N 165 
HIS OXT HXT  sing N N 166 
HOH O   H1   sing N N 167 
HOH O   H2   sing N N 168 
ILE N   CA   sing N N 169 
ILE N   H    sing N N 170 
ILE N   H2   sing N N 171 
ILE CA  C    sing N N 172 
ILE CA  CB   sing N N 173 
ILE CA  HA   sing N N 174 
ILE C   O    doub N N 175 
ILE C   OXT  sing N N 176 
ILE CB  CG1  sing N N 177 
ILE CB  CG2  sing N N 178 
ILE CB  HB   sing N N 179 
ILE CG1 CD1  sing N N 180 
ILE CG1 HG12 sing N N 181 
ILE CG1 HG13 sing N N 182 
ILE CG2 HG21 sing N N 183 
ILE CG2 HG22 sing N N 184 
ILE CG2 HG23 sing N N 185 
ILE CD1 HD11 sing N N 186 
ILE CD1 HD12 sing N N 187 
ILE CD1 HD13 sing N N 188 
ILE OXT HXT  sing N N 189 
LEU N   CA   sing N N 190 
LEU N   H    sing N N 191 
LEU N   H2   sing N N 192 
LEU CA  C    sing N N 193 
LEU CA  CB   sing N N 194 
LEU CA  HA   sing N N 195 
LEU C   O    doub N N 196 
LEU C   OXT  sing N N 197 
LEU CB  CG   sing N N 198 
LEU CB  HB2  sing N N 199 
LEU CB  HB3  sing N N 200 
LEU CG  CD1  sing N N 201 
LEU CG  CD2  sing N N 202 
LEU CG  HG   sing N N 203 
LEU CD1 HD11 sing N N 204 
LEU CD1 HD12 sing N N 205 
LEU CD1 HD13 sing N N 206 
LEU CD2 HD21 sing N N 207 
LEU CD2 HD22 sing N N 208 
LEU CD2 HD23 sing N N 209 
LEU OXT HXT  sing N N 210 
LYS N   CA   sing N N 211 
LYS N   H    sing N N 212 
LYS N   H2   sing N N 213 
LYS CA  C    sing N N 214 
LYS CA  CB   sing N N 215 
LYS CA  HA   sing N N 216 
LYS C   O    doub N N 217 
LYS C   OXT  sing N N 218 
LYS CB  CG   sing N N 219 
LYS CB  HB2  sing N N 220 
LYS CB  HB3  sing N N 221 
LYS CG  CD   sing N N 222 
LYS CG  HG2  sing N N 223 
LYS CG  HG3  sing N N 224 
LYS CD  CE   sing N N 225 
LYS CD  HD2  sing N N 226 
LYS CD  HD3  sing N N 227 
LYS CE  NZ   sing N N 228 
LYS CE  HE2  sing N N 229 
LYS CE  HE3  sing N N 230 
LYS NZ  HZ1  sing N N 231 
LYS NZ  HZ2  sing N N 232 
LYS NZ  HZ3  sing N N 233 
LYS OXT HXT  sing N N 234 
MET N   CA   sing N N 235 
MET N   H    sing N N 236 
MET N   H2   sing N N 237 
MET CA  C    sing N N 238 
MET CA  CB   sing N N 239 
MET CA  HA   sing N N 240 
MET C   O    doub N N 241 
MET C   OXT  sing N N 242 
MET CB  CG   sing N N 243 
MET CB  HB2  sing N N 244 
MET CB  HB3  sing N N 245 
MET CG  SD   sing N N 246 
MET CG  HG2  sing N N 247 
MET CG  HG3  sing N N 248 
MET SD  CE   sing N N 249 
MET CE  HE1  sing N N 250 
MET CE  HE2  sing N N 251 
MET CE  HE3  sing N N 252 
MET OXT HXT  sing N N 253 
O4B CAA OAM  sing N N 254 
O4B CAA CAB  sing N N 255 
O4B OAM CAC  sing N N 256 
O4B CAC CAD  sing N N 257 
O4B CAD OAO  sing N N 258 
O4B OAO CAG  sing N N 259 
O4B CAG CAH  sing N N 260 
O4B CAH OAQ  sing N N 261 
O4B OAQ CAK  sing N N 262 
O4B CAK CAL  sing N N 263 
O4B CAL OAR  sing N N 264 
O4B OAR CAJ  sing N N 265 
O4B CAJ CAI  sing N N 266 
O4B CAI OAP  sing N N 267 
O4B OAP CAF  sing N N 268 
O4B CAF CAE  sing N N 269 
O4B CAE OAN  sing N N 270 
O4B OAN CAB  sing N N 271 
O4B CAA HAA1 sing N N 272 
O4B CAA HAA2 sing N N 273 
O4B CAB HAB1 sing N N 274 
O4B CAB HAB2 sing N N 275 
O4B CAC HAC1 sing N N 276 
O4B CAC HAC2 sing N N 277 
O4B CAD HAD1 sing N N 278 
O4B CAD HAD2 sing N N 279 
O4B CAG HAG1 sing N N 280 
O4B CAG HAG2 sing N N 281 
O4B CAH HAH1 sing N N 282 
O4B CAH HAH2 sing N N 283 
O4B CAK HAK1 sing N N 284 
O4B CAK HAK2 sing N N 285 
O4B CAL HAL1 sing N N 286 
O4B CAL HAL2 sing N N 287 
O4B CAJ HAJ1 sing N N 288 
O4B CAJ HAJ2 sing N N 289 
O4B CAI HAI1 sing N N 290 
O4B CAI HAI2 sing N N 291 
O4B CAF HAF1 sing N N 292 
O4B CAF HAF2 sing N N 293 
O4B CAE HAE1 sing N N 294 
O4B CAE HAE2 sing N N 295 
PHE N   CA   sing N N 296 
PHE N   H    sing N N 297 
PHE N   H2   sing N N 298 
PHE CA  C    sing N N 299 
PHE CA  CB   sing N N 300 
PHE CA  HA   sing N N 301 
PHE C   O    doub N N 302 
PHE C   OXT  sing N N 303 
PHE CB  CG   sing N N 304 
PHE CB  HB2  sing N N 305 
PHE CB  HB3  sing N N 306 
PHE CG  CD1  doub Y N 307 
PHE CG  CD2  sing Y N 308 
PHE CD1 CE1  sing Y N 309 
PHE CD1 HD1  sing N N 310 
PHE CD2 CE2  doub Y N 311 
PHE CD2 HD2  sing N N 312 
PHE CE1 CZ   doub Y N 313 
PHE CE1 HE1  sing N N 314 
PHE CE2 CZ   sing Y N 315 
PHE CE2 HE2  sing N N 316 
PHE CZ  HZ   sing N N 317 
PHE OXT HXT  sing N N 318 
PRO N   CA   sing N N 319 
PRO N   CD   sing N N 320 
PRO N   H    sing N N 321 
PRO CA  C    sing N N 322 
PRO CA  CB   sing N N 323 
PRO CA  HA   sing N N 324 
PRO C   O    doub N N 325 
PRO C   OXT  sing N N 326 
PRO CB  CG   sing N N 327 
PRO CB  HB2  sing N N 328 
PRO CB  HB3  sing N N 329 
PRO CG  CD   sing N N 330 
PRO CG  HG2  sing N N 331 
PRO CG  HG3  sing N N 332 
PRO CD  HD2  sing N N 333 
PRO CD  HD3  sing N N 334 
PRO OXT HXT  sing N N 335 
SER N   CA   sing N N 336 
SER N   H    sing N N 337 
SER N   H2   sing N N 338 
SER CA  C    sing N N 339 
SER CA  CB   sing N N 340 
SER CA  HA   sing N N 341 
SER C   O    doub N N 342 
SER C   OXT  sing N N 343 
SER CB  OG   sing N N 344 
SER CB  HB2  sing N N 345 
SER CB  HB3  sing N N 346 
SER OG  HG   sing N N 347 
SER OXT HXT  sing N N 348 
SO4 S   O1   doub N N 349 
SO4 S   O2   doub N N 350 
SO4 S   O3   sing N N 351 
SO4 S   O4   sing N N 352 
THR N   CA   sing N N 353 
THR N   H    sing N N 354 
THR N   H2   sing N N 355 
THR CA  C    sing N N 356 
THR CA  CB   sing N N 357 
THR CA  HA   sing N N 358 
THR C   O    doub N N 359 
THR C   OXT  sing N N 360 
THR CB  OG1  sing N N 361 
THR CB  CG2  sing N N 362 
THR CB  HB   sing N N 363 
THR OG1 HG1  sing N N 364 
THR CG2 HG21 sing N N 365 
THR CG2 HG22 sing N N 366 
THR CG2 HG23 sing N N 367 
THR OXT HXT  sing N N 368 
TRP N   CA   sing N N 369 
TRP N   H    sing N N 370 
TRP N   H2   sing N N 371 
TRP CA  C    sing N N 372 
TRP CA  CB   sing N N 373 
TRP CA  HA   sing N N 374 
TRP C   O    doub N N 375 
TRP C   OXT  sing N N 376 
TRP CB  CG   sing N N 377 
TRP CB  HB2  sing N N 378 
TRP CB  HB3  sing N N 379 
TRP CG  CD1  doub Y N 380 
TRP CG  CD2  sing Y N 381 
TRP CD1 NE1  sing Y N 382 
TRP CD1 HD1  sing N N 383 
TRP CD2 CE2  doub Y N 384 
TRP CD2 CE3  sing Y N 385 
TRP NE1 CE2  sing Y N 386 
TRP NE1 HE1  sing N N 387 
TRP CE2 CZ2  sing Y N 388 
TRP CE3 CZ3  doub Y N 389 
TRP CE3 HE3  sing N N 390 
TRP CZ2 CH2  doub Y N 391 
TRP CZ2 HZ2  sing N N 392 
TRP CZ3 CH2  sing Y N 393 
TRP CZ3 HZ3  sing N N 394 
TRP CH2 HH2  sing N N 395 
TRP OXT HXT  sing N N 396 
TYR N   CA   sing N N 397 
TYR N   H    sing N N 398 
TYR N   H2   sing N N 399 
TYR CA  C    sing N N 400 
TYR CA  CB   sing N N 401 
TYR CA  HA   sing N N 402 
TYR C   O    doub N N 403 
TYR C   OXT  sing N N 404 
TYR CB  CG   sing N N 405 
TYR CB  HB2  sing N N 406 
TYR CB  HB3  sing N N 407 
TYR CG  CD1  doub Y N 408 
TYR CG  CD2  sing Y N 409 
TYR CD1 CE1  sing Y N 410 
TYR CD1 HD1  sing N N 411 
TYR CD2 CE2  doub Y N 412 
TYR CD2 HD2  sing N N 413 
TYR CE1 CZ   doub Y N 414 
TYR CE1 HE1  sing N N 415 
TYR CE2 CZ   sing Y N 416 
TYR CE2 HE2  sing N N 417 
TYR CZ  OH   sing N N 418 
TYR OH  HH   sing N N 419 
TYR OXT HXT  sing N N 420 
VAL N   CA   sing N N 421 
VAL N   H    sing N N 422 
VAL N   H2   sing N N 423 
VAL CA  C    sing N N 424 
VAL CA  CB   sing N N 425 
VAL CA  HA   sing N N 426 
VAL C   O    doub N N 427 
VAL C   OXT  sing N N 428 
VAL CB  CG1  sing N N 429 
VAL CB  CG2  sing N N 430 
VAL CB  HB   sing N N 431 
VAL CG1 HG11 sing N N 432 
VAL CG1 HG12 sing N N 433 
VAL CG1 HG13 sing N N 434 
VAL CG2 HG21 sing N N 435 
VAL CG2 HG22 sing N N 436 
VAL CG2 HG23 sing N N 437 
VAL OXT HXT  sing N N 438 
# 
_atom_sites.entry_id                    3WH0 
_atom_sites.fract_transf_matrix[1][1]   -0.01192992 
_atom_sites.fract_transf_matrix[1][2]   0.00401263 
_atom_sites.fract_transf_matrix[1][3]   0.01122280 
_atom_sites.fract_transf_matrix[2][1]   -0.01308934 
_atom_sites.fract_transf_matrix[2][2]   -0.01034442 
_atom_sites.fract_transf_matrix[2][3]   0.00245414 
_atom_sites.fract_transf_matrix[3][1]   0.00637510 
_atom_sites.fract_transf_matrix[3][2]   -0.00595397 
_atom_sites.fract_transf_matrix[3][3]   0.00890558 
_atom_sites.fract_transf_vector[1]      -0.239089 
_atom_sites.fract_transf_vector[2]      0.368543 
_atom_sites.fract_transf_vector[3]      0.144645 
# 
loop_
_atom_type.symbol 
C 
N 
O 
S 
# 
loop_
_atom_site.group_PDB 
_atom_site.id 
_atom_site.type_symbol 
_atom_site.label_atom_id 
_atom_site.label_alt_id 
_atom_site.label_comp_id 
_atom_site.label_asym_id 
_atom_site.label_entity_id 
_atom_site.label_seq_id 
_atom_site.pdbx_PDB_ins_code 
_atom_site.Cartn_x 
_atom_site.Cartn_y 
_atom_site.Cartn_z 
_atom_site.occupancy 
_atom_site.B_iso_or_equiv 
_atom_site.pdbx_formal_charge 
_atom_site.auth_seq_id 
_atom_site.auth_comp_id 
_atom_site.auth_asym_id 
_atom_site.auth_atom_id 
_atom_site.pdbx_PDB_model_num 
ATOM   1    N N   . LEU A 1 7   ? -4.468  22.521  4.363   1.00 36.16 ? 7   LEU A N   1 
ATOM   2    C CA  . LEU A 1 7   ? -4.173  21.066  4.452   1.00 33.99 ? 7   LEU A CA  1 
ATOM   3    C C   . LEU A 1 7   ? -2.697  20.930  4.130   1.00 33.00 ? 7   LEU A C   1 
ATOM   4    O O   . LEU A 1 7   ? -2.197  21.753  3.396   1.00 35.94 ? 7   LEU A O   1 
ATOM   5    C CB  . LEU A 1 7   ? -5.012  20.275  3.428   1.00 33.96 ? 7   LEU A CB  1 
ATOM   6    C CG  . LEU A 1 7   ? -6.244  19.500  3.875   1.00 33.88 ? 7   LEU A CG  1 
ATOM   7    C CD1 . LEU A 1 7   ? -6.538  19.719  5.343   1.00 34.49 ? 7   LEU A CD1 1 
ATOM   8    C CD2 . LEU A 1 7   ? -7.444  19.817  3.010   1.00 30.61 ? 7   LEU A CD2 1 
ATOM   9    N N   . PRO A 1 8   ? -2.001  19.901  4.662   1.00 32.61 ? 8   PRO A N   1 
ATOM   10   C CA  . PRO A 1 8   ? -0.636  19.667  4.249   1.00 29.07 ? 8   PRO A CA  1 
ATOM   11   C C   . PRO A 1 8   ? -0.611  19.294  2.776   1.00 33.35 ? 8   PRO A C   1 
ATOM   12   O O   . PRO A 1 8   ? -1.652  18.894  2.231   1.00 28.54 ? 8   PRO A O   1 
ATOM   13   C CB  . PRO A 1 8   ? -0.230  18.435  5.034   1.00 29.40 ? 8   PRO A CB  1 
ATOM   14   C CG  . PRO A 1 8   ? -1.068  18.420  6.226   1.00 31.52 ? 8   PRO A CG  1 
ATOM   15   C CD  . PRO A 1 8   ? -2.365  19.084  5.834   1.00 33.29 ? 8   PRO A CD  1 
ATOM   16   N N   . PRO A 1 9   ? 0.584   19.383  2.116   1.00 34.08 ? 9   PRO A N   1 
ATOM   17   C CA  . PRO A 1 9   ? 0.697   18.883  0.734   1.00 33.94 ? 9   PRO A CA  1 
ATOM   18   C C   . PRO A 1 9   ? 0.254   17.402  0.578   1.00 27.30 ? 9   PRO A C   1 
ATOM   19   O O   . PRO A 1 9   ? 0.483   16.604  1.511   1.00 29.33 ? 9   PRO A O   1 
ATOM   20   C CB  . PRO A 1 9   ? 2.193   19.097  0.432   1.00 36.08 ? 9   PRO A CB  1 
ATOM   21   C CG  . PRO A 1 9   ? 2.439   20.424  1.107   1.00 37.53 ? 9   PRO A CG  1 
ATOM   22   C CD  . PRO A 1 9   ? 1.697   20.304  2.439   1.00 38.76 ? 9   PRO A CD  1 
ATOM   23   N N   . GLY A 1 10  ? -0.382  17.103  -0.566  1.00 19.81 ? 10  GLY A N   1 
ATOM   24   C CA  . GLY A 1 10  ? -0.874  15.766  -0.932  1.00 17.64 ? 10  GLY A CA  1 
ATOM   25   C C   . GLY A 1 10  ? -2.330  15.513  -0.524  1.00 14.24 ? 10  GLY A C   1 
ATOM   26   O O   . GLY A 1 10  ? -2.951  14.659  -1.059  1.00 11.40 ? 10  GLY A O   1 
ATOM   27   N N   . TRP A 1 11  ? -2.815  16.280  0.424   1.00 14.87 ? 11  TRP A N   1 
ATOM   28   C CA  . TRP A 1 11  ? -4.188  16.053  1.007   1.00 13.30 ? 11  TRP A CA  1 
ATOM   29   C C   . TRP A 1 11  ? -5.204  17.006  0.435   1.00 18.21 ? 11  TRP A C   1 
ATOM   30   O O   . TRP A 1 11  ? -4.934  18.213  0.191   1.00 17.97 ? 11  TRP A O   1 
ATOM   31   C CB  . TRP A 1 11  ? -4.149  16.303  2.509   1.00 12.44 ? 11  TRP A CB  1 
ATOM   32   C CG  . TRP A 1 11  ? -3.454  15.274  3.266   1.00 12.65 ? 11  TRP A CG  1 
ATOM   33   C CD1 . TRP A 1 11  ? -2.157  15.350  3.766   1.00 14.56 ? 11  TRP A CD1 1 
ATOM   34   C CD2 . TRP A 1 11  ? -3.964  14.020  3.666   1.00 11.84 ? 11  TRP A CD2 1 
ATOM   35   N NE1 . TRP A 1 11  ? -1.853  14.222  4.391   1.00 14.02 ? 11  TRP A NE1 1 
ATOM   36   C CE2 . TRP A 1 11  ? -2.949  13.365  4.383   1.00 14.31 ? 11  TRP A CE2 1 
ATOM   37   C CE3 . TRP A 1 11  ? -5.210  13.358  3.472   1.00 11.03 ? 11  TRP A CE3 1 
ATOM   38   C CZ2 . TRP A 1 11  ? -3.113  12.053  4.928   1.00 13.53 ? 11  TRP A CZ2 1 
ATOM   39   C CZ3 . TRP A 1 11  ? -5.383  12.075  3.996   1.00 11.01 ? 11  TRP A CZ3 1 
ATOM   40   C CH2 . TRP A 1 11  ? -4.341  11.415  4.738   1.00 12.77 ? 11  TRP A CH2 1 
ATOM   41   N N   . GLU A 1 12  ? -6.432  16.530  0.345   1.00 14.68 ? 12  GLU A N   1 
ATOM   42   C CA  . GLU A 1 12  ? -7.500  17.324  -0.177  1.00 14.67 ? 12  GLU A CA  1 
ATOM   43   C C   . GLU A 1 12  ? -8.717  16.921  0.678   1.00 16.02 ? 12  GLU A C   1 
ATOM   44   O O   . GLU A 1 12  ? -8.804  15.789  1.191   1.00 14.52 ? 12  GLU A O   1 
ATOM   45   C CB  . GLU A 1 12  ? -7.839  16.944  -1.641  1.00 17.78 ? 12  GLU A CB  1 
ATOM   46   C CG  . GLU A 1 12  ? -8.623  15.655  -1.851  1.00 24.06 ? 12  GLU A CG  1 
ATOM   47   C CD  . GLU A 1 12  ? -8.822  15.274  -3.313  0.80 29.30 ? 12  GLU A CD  1 
ATOM   48   O OE1 . GLU A 1 12  ? -9.993  15.157  -3.724  0.80 34.04 ? 12  GLU A OE1 1 
ATOM   49   O OE2 . GLU A 1 12  ? -7.821  15.050  -4.030  0.80 24.65 ? 12  GLU A OE2 1 
ATOM   50   N N   . LYS A 1 13  ? -9.653  17.852  0.785   1.00 14.06 ? 13  LYS A N   1 
ATOM   51   C CA  . LYS A 1 13  ? -10.946 17.627  1.500   1.00 16.21 ? 13  LYS A CA  1 
ATOM   52   C C   . LYS A 1 13  ? -11.866 16.999  0.536   1.00 15.13 ? 13  LYS A C   1 
ATOM   53   O O   . LYS A 1 13  ? -11.969 17.430  -0.650  1.00 18.10 ? 13  LYS A O   1 
ATOM   54   C CB  . LYS A 1 13  ? -11.454 19.031  1.976   1.00 18.55 ? 13  LYS A CB  1 
ATOM   55   C CG  . LYS A 1 13  ? -12.641 19.031  2.924   1.00 26.76 ? 13  LYS A CG  1 
ATOM   56   C CD  . LYS A 1 13  ? -13.154 20.470  3.097   1.00 29.36 ? 13  LYS A CD  1 
ATOM   57   C CE  . LYS A 1 13  ? -14.355 20.493  4.041   0.50 29.12 ? 13  LYS A CE  1 
ATOM   58   N NZ  . LYS A 1 13  ? -14.990 21.849  4.123   0.50 34.41 ? 13  LYS A NZ  1 
ATOM   59   N N   . ALA A 1 14  ? -12.594 15.976  0.949   1.00 14.92 ? 14  ALA A N   1 
ATOM   60   C CA  . ALA A 1 14  ? -13.477 15.270  0.066   1.00 15.76 ? 14  ALA A CA  1 
ATOM   61   C C   . ALA A 1 14  ? -14.812 15.101  0.834   1.00 14.89 ? 14  ALA A C   1 
ATOM   62   O O   . ALA A 1 14  ? -14.900 15.476  2.006   1.00 13.29 ? 14  ALA A O   1 
ATOM   63   C CB  . ALA A 1 14  ? -12.886 13.941  -0.361  1.00 16.66 ? 14  ALA A CB  1 
ATOM   64   N N   . MET A 1 15  ? -15.813 14.584  0.172   1.00 16.19 ? 15  MET A N   1 
ATOM   65   C CA  . MET A 1 15  ? -17.111 14.284  0.811   1.00 18.09 ? 15  MET A CA  1 
ATOM   66   C C   . MET A 1 15  ? -17.506 12.825  0.610   1.00 15.92 ? 15  MET A C   1 
ATOM   67   O O   . MET A 1 15  ? -17.503 12.309  -0.528  1.00 16.09 ? 15  MET A O   1 
ATOM   68   C CB  . MET A 1 15  ? -18.229 15.191  0.255   1.00 24.47 ? 15  MET A CB  1 
ATOM   69   C CG  . MET A 1 15  ? -19.541 14.993  1.085   1.00 28.63 ? 15  MET A CG  1 
ATOM   70   S SD  . MET A 1 15  ? -20.163 16.658  0.903   1.00 55.18 ? 15  MET A SD  1 
ATOM   71   C CE  . MET A 1 15  ? -19.038 17.609  1.938   1.00 41.70 ? 15  MET A CE  1 
ATOM   72   N N   . SER A 1 16  ? -17.858 12.130  1.695   1.00 15.88 ? 16  SER A N   1 
ATOM   73   C CA  . SER A 1 16  ? -18.314 10.771  1.530   1.00 14.76 ? 16  SER A CA  1 
ATOM   74   C C   . SER A 1 16  ? -19.641 10.739  0.692   1.00 14.50 ? 16  SER A C   1 
ATOM   75   O O   . SER A 1 16  ? -20.603 11.426  1.008   1.00 15.65 ? 16  SER A O   1 
ATOM   76   C CB  . SER A 1 16  ? -18.605 10.146  2.902   1.00 14.32 ? 16  SER A CB  1 
ATOM   77   O OG  . SER A 1 16  ? -19.185 8.900   2.747   1.00 18.67 ? 16  SER A OG  1 
ATOM   78   N N   . ARG A 1 17  ? -19.646 9.901   -0.322  1.00 19.61 ? 17  ARG A N   1 
ATOM   79   C CA  . ARG A 1 17  ? -20.768 9.699   -1.212  1.00 24.36 ? 17  ARG A CA  1 
ATOM   80   C C   . ARG A 1 17  ? -21.890 9.019   -0.381  1.00 23.50 ? 17  ARG A C   1 
ATOM   81   O O   . ARG A 1 17  ? -23.095 9.349   -0.483  1.00 26.21 ? 17  ARG A O   1 
ATOM   82   C CB  . ARG A 1 17  ? -20.187 8.807   -2.317  1.00 27.01 ? 17  ARG A CB  1 
ATOM   83   C CG  . ARG A 1 17  ? -20.878 8.741   -3.654  1.00 33.84 ? 17  ARG A CG  1 
ATOM   84   C CD  . ARG A 1 17  ? -21.071 10.122  -4.207  1.00 33.81 ? 17  ARG A CD  1 
ATOM   85   N NE  . ARG A 1 17  ? -19.879 10.843  -4.679  1.00 32.57 ? 17  ARG A NE  1 
ATOM   86   C CZ  . ARG A 1 17  ? -19.338 10.702  -5.900  1.00 36.12 ? 17  ARG A CZ  1 
ATOM   87   N NH1 . ARG A 1 17  ? -19.824 9.816   -6.789  1.00 34.71 ? 17  ARG A NH1 1 
ATOM   88   N NH2 . ARG A 1 17  ? -18.274 11.437  -6.199  1.00 34.80 ? 17  ARG A NH2 1 
ATOM   89   N N   . SER A 1 18  ? -21.491 8.150   0.548   1.00 21.28 ? 18  SER A N   1 
ATOM   90   C CA  . SER A 1 18  ? -22.479 7.368   1.298   1.00 24.42 ? 18  SER A CA  1 
ATOM   91   C C   . SER A 1 18  ? -23.007 8.041   2.542   1.00 24.48 ? 18  SER A C   1 
ATOM   92   O O   . SER A 1 18  ? -24.171 7.880   2.827   1.00 31.07 ? 18  SER A O   1 
ATOM   93   C CB  . SER A 1 18  ? -21.960 5.958   1.567   1.00 25.89 ? 18  SER A CB  1 
ATOM   94   O OG  . SER A 1 18  ? -20.871 6.020   2.463   1.00 27.11 ? 18  SER A OG  1 
ATOM   95   N N   . SER A 1 19  ? -22.227 8.861   3.254   1.00 20.03 ? 19  SER A N   1 
ATOM   96   C CA  . SER A 1 19  ? -22.688 9.579   4.415   1.00 18.69 ? 19  SER A CA  1 
ATOM   97   C C   . SER A 1 19  ? -22.817 11.088  4.297   1.00 18.71 ? 19  SER A C   1 
ATOM   98   O O   . SER A 1 19  ? -23.439 11.758  5.152   1.00 16.03 ? 19  SER A O   1 
ATOM   99   C CB  . SER A 1 19  ? -21.816 9.250   5.639   1.00 22.73 ? 19  SER A CB  1 
ATOM   100  O OG  . SER A 1 19  ? -20.521 9.860   5.568   1.00 20.01 ? 19  SER A OG  1 
ATOM   101  N N   . GLY A 1 20  ? -22.141 11.684  3.295   1.00 16.01 ? 20  GLY A N   1 
ATOM   102  C CA  . GLY A 1 20  ? -22.018 13.131  3.216   1.00 18.38 ? 20  GLY A CA  1 
ATOM   103  C C   . GLY A 1 20  ? -21.080 13.786  4.229   1.00 19.53 ? 20  GLY A C   1 
ATOM   104  O O   . GLY A 1 20  ? -21.003 15.026  4.287   1.00 21.85 ? 20  GLY A O   1 
ATOM   105  N N   . ARG A 1 21  ? -20.425 12.973  5.082   1.00 16.86 ? 21  ARG A N   1 
ATOM   106  C CA  . ARG A 1 21  ? -19.462 13.511  6.013   1.00 15.57 ? 21  ARG A CA  1 
ATOM   107  C C   . ARG A 1 21  ? -18.144 13.905  5.287   1.00 13.09 ? 21  ARG A C   1 
ATOM   108  O O   . ARG A 1 21  ? -17.752 13.223  4.427   1.00 14.56 ? 21  ARG A O   1 
ATOM   109  C CB  . ARG A 1 21  ? -19.184 12.452  7.103   1.00 18.40 ? 21  ARG A CB  1 
ATOM   110  C CG  . ARG A 1 21  ? -18.655 13.013  8.399   1.00 23.46 ? 21  ARG A CG  1 
ATOM   111  C CD  . ARG A 1 21  ? -19.072 12.135  9.594   1.00 24.27 ? 21  ARG A CD  1 
ATOM   112  N NE  . ARG A 1 21  ? -18.567 10.760  9.608   1.00 23.22 ? 21  ARG A NE  1 
ATOM   113  C CZ  . ARG A 1 21  ? -17.417 10.388  10.173  1.00 16.42 ? 21  ARG A CZ  1 
ATOM   114  N NH1 . ARG A 1 21  ? -16.527 11.237  10.769  1.00 20.62 ? 21  ARG A NH1 1 
ATOM   115  N NH2 . ARG A 1 21  ? -17.148 9.113   10.213  1.00 20.01 ? 21  ARG A NH2 1 
ATOM   116  N N   . VAL A 1 22  ? -17.511 14.959  5.757   1.00 14.12 ? 22  VAL A N   1 
ATOM   117  C CA  . VAL A 1 22  ? -16.227 15.381  5.163   1.00 14.34 ? 22  VAL A CA  1 
ATOM   118  C C   . VAL A 1 22  ? -15.196 14.303  5.535   1.00 11.53 ? 22  VAL A C   1 
ATOM   119  O O   . VAL A 1 22  ? -15.211 13.705  6.641   1.00 11.07 ? 22  VAL A O   1 
ATOM   120  C CB  . VAL A 1 22  ? -15.878 16.766  5.746   1.00 18.27 ? 22  VAL A CB  1 
ATOM   121  C CG1 . VAL A 1 22  ? -14.452 17.188  5.467   1.00 18.02 ? 22  VAL A CG1 1 
ATOM   122  C CG2 . VAL A 1 22  ? -16.832 17.801  5.095   1.00 19.69 ? 22  VAL A CG2 1 
ATOM   123  N N   . TYR A 1 23  ? -14.273 14.019  4.599   1.00 10.26 ? 23  TYR A N   1 
ATOM   124  C CA  . TYR A 1 23  ? -13.092 13.229  5.045   1.00 8.58  ? 23  TYR A CA  1 
ATOM   125  C C   . TYR A 1 23  ? -11.910 13.858  4.310   1.00 8.48  ? 23  TYR A C   1 
ATOM   126  O O   . TYR A 1 23  ? -12.046 14.812  3.559   1.00 9.25  ? 23  TYR A O   1 
ATOM   127  C CB  . TYR A 1 23  ? -13.175 11.783  4.653   1.00 8.30  ? 23  TYR A CB  1 
ATOM   128  C CG  . TYR A 1 23  ? -13.293 11.393  3.194   1.00 9.47  ? 23  TYR A CG  1 
ATOM   129  C CD1 . TYR A 1 23  ? -12.194 10.811  2.570   1.00 9.67  ? 23  TYR A CD1 1 
ATOM   130  C CD2 . TYR A 1 23  ? -14.449 11.543  2.416   1.00 9.75  ? 23  TYR A CD2 1 
ATOM   131  C CE1 . TYR A 1 23  ? -12.240 10.385  1.233   1.00 11.23 ? 23  TYR A CE1 1 
ATOM   132  C CE2 . TYR A 1 23  ? -14.513 11.146  1.065   1.00 12.27 ? 23  TYR A CE2 1 
ATOM   133  C CZ  . TYR A 1 23  ? -13.404 10.530  0.476   1.00 12.81 ? 23  TYR A CZ  1 
ATOM   134  O OH  . TYR A 1 23  ? -13.478 10.099  -0.857  1.00 16.76 ? 23  TYR A OH  1 
ATOM   135  N N   . TYR A 1 24  ? -10.713 13.235  4.467   1.00 7.66  ? 24  TYR A N   1 
ATOM   136  C CA  . TYR A 1 24  ? -9.481  13.759  3.792   1.00 8.29  ? 24  TYR A CA  1 
ATOM   137  C C   . TYR A 1 24  ? -8.867  12.612  2.964   1.00 7.88  ? 24  TYR A C   1 
ATOM   138  O O   . TYR A 1 24  ? -8.846  11.449  3.362   1.00 7.56  ? 24  TYR A O   1 
ATOM   139  C CB  . TYR A 1 24  ? -8.511  14.370  4.802   1.00 9.85  ? 24  TYR A CB  1 
ATOM   140  C CG  . TYR A 1 24  ? -9.188  15.497  5.554   1.00 12.78 ? 24  TYR A CG  1 
ATOM   141  C CD1 . TYR A 1 24  ? -9.151  16.829  5.041   1.00 15.98 ? 24  TYR A CD1 1 
ATOM   142  C CD2 . TYR A 1 24  ? -10.010 15.204  6.685   1.00 12.95 ? 24  TYR A CD2 1 
ATOM   143  C CE1 . TYR A 1 24  ? -9.804  17.846  5.726   1.00 17.80 ? 24  TYR A CE1 1 
ATOM   144  C CE2 . TYR A 1 24  ? -10.719 16.211  7.360   1.00 16.31 ? 24  TYR A CE2 1 
ATOM   145  C CZ  . TYR A 1 24  ? -10.581 17.522  6.881   1.00 19.73 ? 24  TYR A CZ  1 
ATOM   146  O OH  . TYR A 1 24  ? -11.242 18.550  7.528   1.00 23.30 ? 24  TYR A OH  1 
ATOM   147  N N   . PHE A 1 25  ? -8.324  12.970  1.786   1.00 7.58  ? 25  PHE A N   1 
ATOM   148  C CA  . PHE A 1 25  ? -7.780  11.951  0.872   1.00 8.69  ? 25  PHE A CA  1 
ATOM   149  C C   . PHE A 1 25  ? -6.426  12.460  0.479   1.00 8.00  ? 25  PHE A C   1 
ATOM   150  O O   . PHE A 1 25  ? -6.284  13.669  0.106   1.00 9.47  ? 25  PHE A O   1 
ATOM   151  C CB  . PHE A 1 25  ? -8.687  11.879  -0.377  1.00 9.20  ? 25  PHE A CB  1 
ATOM   152  C CG  . PHE A 1 25  ? -8.149  11.007  -1.488  1.00 9.96  ? 25  PHE A CG  1 
ATOM   153  C CD1 . PHE A 1 25  ? -7.934  9.639   -1.290  1.00 9.51  ? 25  PHE A CD1 1 
ATOM   154  C CD2 . PHE A 1 25  ? -7.752  11.592  -2.743  1.00 10.18 ? 25  PHE A CD2 1 
ATOM   155  C CE1 . PHE A 1 25  ? -7.337  8.840   -2.320  1.00 11.22 ? 25  PHE A CE1 1 
ATOM   156  C CE2 . PHE A 1 25  ? -7.160  10.789  -3.731  1.00 11.22 ? 25  PHE A CE2 1 
ATOM   157  C CZ  . PHE A 1 25  ? -7.039  9.417   -3.548  1.00 11.12 ? 25  PHE A CZ  1 
ATOM   158  N N   . ASN A 1 26  ? -5.484  11.495  0.432   1.00 7.16  ? 26  ASN A N   1 
ATOM   159  C CA  . ASN A 1 26  ? -4.086  11.811  -0.038  1.00 8.19  ? 26  ASN A CA  1 
ATOM   160  C C   . ASN A 1 26  ? -3.859  11.178  -1.362  1.00 7.64  ? 26  ASN A C   1 
ATOM   161  O O   . ASN A 1 26  ? -3.918  9.976   -1.517  1.00 7.88  ? 26  ASN A O   1 
ATOM   162  C CB  . ASN A 1 26  ? -3.093  11.284  1.020   1.00 6.97  ? 26  ASN A CB  1 
ATOM   163  C CG  . ASN A 1 26  ? -1.694  11.828  0.748   1.00 8.23  ? 26  ASN A CG  1 
ATOM   164  O OD1 . ASN A 1 26  ? -1.218  11.533  -0.315  1.00 9.51  ? 26  ASN A OD1 1 
ATOM   165  N ND2 . ASN A 1 26  ? -1.143  12.609  1.626   1.00 10.38 ? 26  ASN A ND2 1 
ATOM   166  N N   . HIS A 1 27  ? -3.613  11.993  -2.437  1.00 7.62  ? 27  HIS A N   1 
ATOM   167  C CA  . HIS A 1 27  ? -3.555  11.406  -3.794  1.00 9.08  ? 27  HIS A CA  1 
ATOM   168  C C   . HIS A 1 27  ? -2.092  10.975  -4.088  1.00 8.76  ? 27  HIS A C   1 
ATOM   169  O O   . HIS A 1 27  ? -1.852  10.429  -5.108  1.00 9.62  ? 27  HIS A O   1 
ATOM   170  C CB  . HIS A 1 27  ? -3.924  12.443  -4.879  1.00 12.36 ? 27  HIS A CB  1 
ATOM   171  C CG  . HIS A 1 27  ? -2.957  13.576  -4.940  1.00 13.41 ? 27  HIS A CG  1 
ATOM   172  N ND1 . HIS A 1 27  ? -3.100  14.754  -4.236  1.00 18.95 ? 27  HIS A ND1 1 
ATOM   173  C CD2 . HIS A 1 27  ? -1.796  13.703  -5.664  1.00 16.69 ? 27  HIS A CD2 1 
ATOM   174  C CE1 . HIS A 1 27  ? -2.057  15.554  -4.482  1.00 17.92 ? 27  HIS A CE1 1 
ATOM   175  N NE2 . HIS A 1 27  ? -1.259  14.947  -5.346  1.00 20.41 ? 27  HIS A NE2 1 
ATOM   176  N N   . ILE A 1 28  ? -1.233  11.107  -3.091  1.00 9.29  ? 28  ILE A N   1 
ATOM   177  C CA  . ILE A 1 28  ? 0.171   10.515  -3.129  1.00 9.59  ? 28  ILE A CA  1 
ATOM   178  C C   . ILE A 1 28  ? 0.222   9.072   -2.595  1.00 8.33  ? 28  ILE A C   1 
ATOM   179  O O   . ILE A 1 28  ? 0.767   8.165   -3.225  1.00 9.06  ? 28  ILE A O   1 
ATOM   180  C CB  . ILE A 1 28  ? 1.181   11.420  -2.468  1.00 10.72 ? 28  ILE A CB  1 
ATOM   181  C CG1 . ILE A 1 28  ? 1.188   12.803  -3.163  1.00 13.73 ? 28  ILE A CG1 1 
ATOM   182  C CG2 . ILE A 1 28  ? 2.637   10.909  -2.719  1.00 9.48  ? 28  ILE A CG2 1 
ATOM   183  C CD1 . ILE A 1 28  ? 1.945   13.855  -2.324  1.00 13.92 ? 28  ILE A CD1 1 
ATOM   184  N N   . THR A 1 29  ? -0.502  8.835   -1.481  1.00 7.42  ? 29  THR A N   1 
ATOM   185  C CA  . THR A 1 29  ? -0.482  7.533   -0.832  1.00 6.64  ? 29  THR A CA  1 
ATOM   186  C C   . THR A 1 29  ? -1.789  6.761   -1.037  1.00 6.22  ? 29  THR A C   1 
ATOM   187  O O   . THR A 1 29  ? -1.876  5.596   -0.719  1.00 5.91  ? 29  THR A O   1 
ATOM   188  C CB  . THR A 1 29  ? -0.361  7.714   0.669   1.00 6.83  ? 29  THR A CB  1 
ATOM   189  O OG1 . THR A 1 29  ? -1.577  8.396   1.138   1.00 6.92  ? 29  THR A OG1 1 
ATOM   190  C CG2 . THR A 1 29  ? 0.839   8.527   1.111   1.00 7.59  ? 29  THR A CG2 1 
ATOM   191  N N   . ASN A 1 30  ? -2.816  7.459   -1.619  1.00 5.43  ? 30  ASN A N   1 
ATOM   192  C CA  . ASN A 1 30  ? -4.178  6.904   -1.767  1.00 5.57  ? 30  ASN A CA  1 
ATOM   193  C C   . ASN A 1 30  ? -4.879  6.610   -0.403  1.00 5.36  ? 30  ASN A C   1 
ATOM   194  O O   . ASN A 1 30  ? -5.868  5.871   -0.416  1.00 5.72  ? 30  ASN A O   1 
ATOM   195  C CB  . ASN A 1 30  ? -4.208  5.724   -2.681  1.00 6.13  ? 30  ASN A CB  1 
ATOM   196  C CG  . ASN A 1 30  ? -4.172  6.168   -4.144  1.00 7.76  ? 30  ASN A CG  1 
ATOM   197  O OD1 . ASN A 1 30  ? -4.631  7.291   -4.417  1.00 9.23  ? 30  ASN A OD1 1 
ATOM   198  N ND2 . ASN A 1 30  ? -3.665  5.341   -5.042  1.00 8.32  ? 30  ASN A ND2 1 
ATOM   199  N N   . ALA A 1 31  ? -4.299  7.125   0.666   1.00 5.48  ? 31  ALA A N   1 
ATOM   200  C CA  . ALA A 1 31  ? -4.924  6.984   2.029   1.00 6.48  ? 31  ALA A CA  1 
ATOM   201  C C   . ALA A 1 31  ? -6.162  7.893   2.094   1.00 6.40  ? 31  ALA A C   1 
ATOM   202  O O   . ALA A 1 31  ? -6.213  8.985   1.515   1.00 6.46  ? 31  ALA A O   1 
ATOM   203  C CB  . ALA A 1 31  ? -3.986  7.307   3.152   1.00 6.56  ? 31  ALA A CB  1 
ATOM   204  N N   . SER A 1 32  ? -7.136  7.471   2.929   1.00 6.47  ? 32  SER A N   1 
ATOM   205  C CA  . SER A 1 32  ? -8.225  8.363   3.305   0.50 5.55  ? 32  SER A CA  1 
ATOM   206  C C   . SER A 1 32  ? -8.428  8.251   4.814   1.00 6.69  ? 32  SER A C   1 
ATOM   207  O O   . SER A 1 32  ? -8.213  7.210   5.421   1.00 8.86  ? 32  SER A O   1 
ATOM   208  C CB  . SER A 1 32  ? -9.490  7.982   2.632   0.50 5.13  ? 32  SER A CB  1 
ATOM   209  O OG  . SER A 1 32  ? -9.614  6.606   2.750   0.50 5.21  ? 32  SER A OG  1 
ATOM   210  N N   . GLN A 1 33  ? -8.834  9.352   5.417   1.00 7.26  ? 33  GLN A N   1 
ATOM   211  C CA  . GLN A 1 33  ? -9.100  9.313   6.859   1.00 7.06  ? 33  GLN A CA  1 
ATOM   212  C C   . GLN A 1 33  ? -10.143 10.358  7.208   1.00 6.63  ? 33  GLN A C   1 
ATOM   213  O O   . GLN A 1 33  ? -10.348 11.351  6.489   1.00 6.19  ? 33  GLN A O   1 
ATOM   214  C CB  . GLN A 1 33  ? -7.797  9.575   7.634   1.00 8.00  ? 33  GLN A CB  1 
ATOM   215  C CG  . GLN A 1 33  ? -7.171  10.940  7.308   1.00 8.28  ? 33  GLN A CG  1 
ATOM   216  C CD  . GLN A 1 33  ? -5.927  11.092  8.111   1.00 8.45  ? 33  GLN A CD  1 
ATOM   217  O OE1 . GLN A 1 33  ? -4.991  10.273  7.973   1.00 10.75 ? 33  GLN A OE1 1 
ATOM   218  N NE2 . GLN A 1 33  ? -5.901  12.058  9.036   1.00 9.30  ? 33  GLN A NE2 1 
ATOM   219  N N   . TRP A 1 34  ? -10.824 10.095  8.337   1.00 5.87  ? 34  TRP A N   1 
ATOM   220  C CA  . TRP A 1 34  ? -11.847 11.105  8.746   1.00 7.78  ? 34  TRP A CA  1 
ATOM   221  C C   . TRP A 1 34  ? -11.276 12.363  9.407   1.00 8.48  ? 34  TRP A C   1 
ATOM   222  O O   . TRP A 1 34  ? -11.851 13.461  9.253   1.00 9.09  ? 34  TRP A O   1 
ATOM   223  C CB  . TRP A 1 34  ? -12.862 10.433  9.731   1.00 6.41  ? 34  TRP A CB  1 
ATOM   224  C CG  . TRP A 1 34  ? -13.648 9.339   9.112   1.00 7.03  ? 34  TRP A CG  1 
ATOM   225  C CD1 . TRP A 1 34  ? -13.597 7.994   9.423   1.00 7.48  ? 34  TRP A CD1 1 
ATOM   226  C CD2 . TRP A 1 34  ? -14.629 9.472   8.111   1.00 6.59  ? 34  TRP A CD2 1 
ATOM   227  N NE1 . TRP A 1 34  ? -14.514 7.296   8.694   1.00 7.83  ? 34  TRP A NE1 1 
ATOM   228  C CE2 . TRP A 1 34  ? -15.162 8.161   7.844   1.00 6.41  ? 34  TRP A CE2 1 
ATOM   229  C CE3 . TRP A 1 34  ? -15.153 10.541  7.432   1.00 6.07  ? 34  TRP A CE3 1 
ATOM   230  C CZ2 . TRP A 1 34  ? -16.174 7.935   6.936   1.00 6.11  ? 34  TRP A CZ2 1 
ATOM   231  C CZ3 . TRP A 1 34  ? -16.133 10.308  6.464   1.00 5.79  ? 34  TRP A CZ3 1 
ATOM   232  C CH2 . TRP A 1 34  ? -16.645 8.991   6.206   1.00 6.27  ? 34  TRP A CH2 1 
ATOM   233  N N   . GLU A 1 35  ? -10.250 12.185  10.233  1.00 9.05  ? 35  GLU A N   1 
ATOM   234  C CA  . GLU A 1 35  ? -9.632  13.280  10.965  1.00 10.96 ? 35  GLU A CA  1 
ATOM   235  C C   . GLU A 1 35  ? -8.807  14.218  10.057  1.00 13.81 ? 35  GLU A C   1 
ATOM   236  O O   . GLU A 1 35  ? -8.215  13.810  9.076   1.00 11.86 ? 35  GLU A O   1 
ATOM   237  C CB  . GLU A 1 35  ? -8.751  12.825  12.131  1.00 11.94 ? 35  GLU A CB  1 
ATOM   238  C CG  . GLU A 1 35  ? -9.554  12.058  13.170  1.00 13.97 ? 35  GLU A CG  1 
ATOM   239  C CD  . GLU A 1 35  ? -8.773  11.221  14.220  1.00 18.64 ? 35  GLU A CD  1 
ATOM   240  O OE1 . GLU A 1 35  ? -8.817  9.966   14.111  1.00 29.54 ? 35  GLU A OE1 1 
ATOM   241  O OE2 . GLU A 1 35  ? -8.189  11.813  15.108  1.00 22.09 ? 35  GLU A OE2 1 
ATOM   242  N N   . ARG A 1 36  ? -8.824  15.511  10.368  1.00 13.15 ? 36  ARG A N   1 
ATOM   243  C CA  . ARG A 1 36  ? -8.027  16.461  9.522   1.00 18.06 ? 36  ARG A CA  1 
ATOM   244  C C   . ARG A 1 36  ? -6.539  16.209  9.710   1.00 17.40 ? 36  ARG A C   1 
ATOM   245  O O   . ARG A 1 36  ? -6.062  16.115  10.869  1.00 20.26 ? 36  ARG A O   1 
ATOM   246  C CB  . ARG A 1 36  ? -8.335  17.912  9.944   1.00 18.68 ? 36  ARG A CB  1 
ATOM   247  C CG  . ARG A 1 36  ? -7.795  18.885  8.920   1.00 21.13 ? 36  ARG A CG  1 
ATOM   248  C CD  . ARG A 1 36  ? -7.832  20.292  9.531   1.00 29.59 ? 36  ARG A CD  1 
ATOM   249  N NE  . ARG A 1 36  ? -7.412  21.308  8.554   1.00 34.27 ? 36  ARG A NE  1 
ATOM   250  C CZ  . ARG A 1 36  ? -8.170  21.733  7.540   1.00 35.89 ? 36  ARG A CZ  1 
ATOM   251  N NH1 . ARG A 1 36  ? -9.387  21.221  7.336   1.00 36.27 ? 36  ARG A NH1 1 
ATOM   252  N NH2 . ARG A 1 36  ? -7.709  22.673  6.698   1.00 37.81 ? 36  ARG A NH2 1 
ATOM   253  N N   . PRO A 1 37  ? -5.786  16.034  8.613   1.00 17.64 ? 37  PRO A N   1 
ATOM   254  C CA  . PRO A 1 37  ? -4.361  15.760  8.881   1.00 21.46 ? 37  PRO A CA  1 
ATOM   255  C C   . PRO A 1 37  ? -3.736  17.161  9.202   1.00 23.87 ? 37  PRO A C   1 
ATOM   256  O O   . PRO A 1 37  ? -4.157  18.119  8.584   1.00 29.11 ? 37  PRO A O   1 
ATOM   257  C CB  . PRO A 1 37  ? -3.875  15.134  7.574   1.00 19.26 ? 37  PRO A CB  1 
ATOM   258  C CG  . PRO A 1 37  ? -4.752  15.701  6.541   1.00 18.87 ? 37  PRO A CG  1 
ATOM   259  C CD  . PRO A 1 37  ? -6.134  15.871  7.200   1.00 16.78 ? 37  PRO A CD  1 
ATOM   260  N N   . SER A 1 38  ? -2.851  17.279  10.195  1.00 37.11 ? 38  SER A N   1 
ATOM   261  C CA  . SER A 1 38  ? -2.310  18.604  10.632  1.00 41.86 ? 38  SER A CA  1 
ATOM   262  C C   . SER A 1 38  ? -0.933  18.890  10.052  1.00 45.68 ? 38  SER A C   1 
ATOM   263  O O   . SER A 1 38  ? -0.051  18.025  10.104  1.00 49.98 ? 38  SER A O   1 
ATOM   264  C CB  . SER A 1 38  ? -2.209  18.666  12.155  1.00 45.91 ? 38  SER A CB  1 
ATOM   265  O OG  . SER A 1 38  ? -1.534  17.517  12.653  1.00 45.62 ? 38  SER A OG  1 
ATOM   266  N N   . GLU A 1 51  ? 9.790   16.449  5.034   1.00 48.84 ? 51  GLU A N   1 
ATOM   267  C CA  . GLU A 1 51  ? 10.108  15.034  4.613   1.00 43.08 ? 51  GLU A CA  1 
ATOM   268  C C   . GLU A 1 51  ? 11.443  14.453  5.132   1.00 45.69 ? 51  GLU A C   1 
ATOM   269  O O   . GLU A 1 51  ? 12.490  15.169  5.108   1.00 44.32 ? 51  GLU A O   1 
ATOM   270  C CB  . GLU A 1 51  ? 10.024  14.877  3.084   1.00 38.76 ? 51  GLU A CB  1 
ATOM   271  C CG  . GLU A 1 51  ? 11.261  14.252  2.452   1.00 39.45 ? 51  GLU A CG  1 
ATOM   272  C CD  . GLU A 1 51  ? 11.004  13.735  1.071   1.00 35.20 ? 51  GLU A CD  1 
ATOM   273  O OE1 . GLU A 1 51  ? 9.812   13.692  0.673   1.00 38.66 ? 51  GLU A OE1 1 
ATOM   274  O OE2 . GLU A 1 51  ? 11.984  13.358  0.402   1.00 32.95 ? 51  GLU A OE2 1 
ATOM   275  N N   . PRO A 1 52  ? 11.417  13.136  5.553   1.00 42.63 ? 52  PRO A N   1 
ATOM   276  C CA  . PRO A 1 52  ? 12.618  12.453  6.099   1.00 36.85 ? 52  PRO A CA  1 
ATOM   277  C C   . PRO A 1 52  ? 13.651  12.054  5.020   1.00 35.44 ? 52  PRO A C   1 
ATOM   278  O O   . PRO A 1 52  ? 13.280  11.907  3.863   1.00 37.62 ? 52  PRO A O   1 
ATOM   279  C CB  . PRO A 1 52  ? 12.045  11.198  6.795   1.00 34.13 ? 52  PRO A CB  1 
ATOM   280  C CG  . PRO A 1 52  ? 10.603  11.085  6.364   1.00 35.37 ? 52  PRO A CG  1 
ATOM   281  C CD  . PRO A 1 52  ? 10.257  12.210  5.430   1.00 41.42 ? 52  PRO A CD  1 
ATOM   282  N N   . ALA A 1 53  ? 14.908  11.832  5.402   1.00 28.43 ? 53  ALA A N   1 
ATOM   283  C CA  . ALA A 1 53  ? 15.972  11.393  4.441   1.00 27.95 ? 53  ALA A CA  1 
ATOM   284  C C   . ALA A 1 53  ? 15.924  9.924   4.044   1.00 25.43 ? 53  ALA A C   1 
ATOM   285  O O   . ALA A 1 53  ? 16.347  9.544   2.953   1.00 25.27 ? 53  ALA A O   1 
ATOM   286  C CB  . ALA A 1 53  ? 17.347  11.696  4.978   1.00 33.54 ? 53  ALA A CB  1 
ATOM   287  N N   . ARG A 1 54  ? 15.473  9.076   4.982   1.00 22.59 ? 54  ARG A N   1 
ATOM   288  C CA  . ARG A 1 54  ? 15.274  7.643   4.734   1.00 20.66 ? 54  ARG A CA  1 
ATOM   289  C C   . ARG A 1 54  ? 13.951  7.297   5.483   1.00 15.63 ? 54  ARG A C   1 
ATOM   290  O O   . ARG A 1 54  ? 13.565  7.994   6.437   1.00 19.30 ? 54  ARG A O   1 
ATOM   291  C CB  . ARG A 1 54  ? 16.370  6.758   5.388   1.00 26.84 ? 54  ARG A CB  1 
ATOM   292  C CG  . ARG A 1 54  ? 17.801  7.013   4.912   1.00 31.15 ? 54  ARG A CG  1 
ATOM   293  C CD  . ARG A 1 54  ? 18.720  5.879   5.318   1.00 31.52 ? 54  ARG A CD  1 
ATOM   294  N NE  . ARG A 1 54  ? 19.003  5.075   4.139   1.00 39.12 ? 54  ARG A NE  1 
ATOM   295  C CZ  . ARG A 1 54  ? 19.266  3.770   4.140   1.00 47.51 ? 54  ARG A CZ  1 
ATOM   296  N NH1 . ARG A 1 54  ? 19.280  3.085   5.299   1.00 44.82 ? 54  ARG A NH1 1 
ATOM   297  N NH2 . ARG A 1 54  ? 19.518  3.141   2.972   1.00 51.11 ? 54  ARG A NH2 1 
ATOM   298  N N   . VAL A 1 55  ? 13.260  6.316   4.968   1.00 16.57 ? 55  VAL A N   1 
ATOM   299  C CA  . VAL A 1 55  ? 12.073  5.748   5.679   1.00 13.24 ? 55  VAL A CA  1 
ATOM   300  C C   . VAL A 1 55  ? 12.271  4.259   5.645   1.00 11.47 ? 55  VAL A C   1 
ATOM   301  O O   . VAL A 1 55  ? 13.060  3.769   4.826   1.00 16.24 ? 55  VAL A O   1 
ATOM   302  C CB  . VAL A 1 55  ? 10.752  6.124   4.936   1.00 12.29 ? 55  VAL A CB  1 
ATOM   303  C CG1 . VAL A 1 55  ? 10.514  7.635   5.067   1.00 13.27 ? 55  VAL A CG1 1 
ATOM   304  C CG2 . VAL A 1 55  ? 10.755  5.582   3.495   1.00 12.89 ? 55  VAL A CG2 1 
ATOM   305  N N   . ARG A 1 56  ? 11.570  3.502   6.536   1.00 10.37 ? 56  ARG A N   1 
ATOM   306  C CA  . ARG A 1 56  ? 11.578  2.063   6.510   1.00 9.67  ? 56  ARG A CA  1 
ATOM   307  C C   . ARG A 1 56  ? 10.090  1.666   6.230   1.00 8.35  ? 56  ARG A C   1 
ATOM   308  O O   . ARG A 1 56  ? 9.198   2.289   6.817   1.00 9.91  ? 56  ARG A O   1 
ATOM   309  C CB  . ARG A 1 56  ? 12.000  1.510   7.855   1.00 10.42 ? 56  ARG A CB  1 
ATOM   310  C CG  . ARG A 1 56  ? 12.094  0.004   7.804   1.00 10.93 ? 56  ARG A CG  1 
ATOM   311  C CD  . ARG A 1 56  ? 12.488  -0.524  9.192   1.00 12.39 ? 56  ARG A CD  1 
ATOM   312  N NE  . ARG A 1 56  ? 12.633  -1.983  9.116   1.00 12.54 ? 56  ARG A NE  1 
ATOM   313  C CZ  . ARG A 1 56  ? 13.088  -2.674  10.146  1.00 17.00 ? 56  ARG A CZ  1 
ATOM   314  N NH1 . ARG A 1 56  ? 13.394  -2.038  11.290  1.00 19.21 ? 56  ARG A NH1 1 
ATOM   315  N NH2 . ARG A 1 56  ? 13.152  -3.967  10.062  1.00 17.13 ? 56  ARG A NH2 1 
ATOM   316  N N   . CYS A 1 57  ? 9.862   0.792   5.286   1.00 8.50  ? 57  CYS A N   1 
ATOM   317  C CA  . CYS A 1 57  ? 8.502   0.387   4.983   1.00 6.92  ? 57  CYS A CA  1 
ATOM   318  C C   . CYS A 1 57  ? 8.380   -1.087  4.842   1.00 6.73  ? 57  CYS A C   1 
ATOM   319  O O   . CYS A 1 57  ? 9.388   -1.790  4.501   1.00 6.32  ? 57  CYS A O   1 
ATOM   320  C CB  . CYS A 1 57  ? 7.998   1.057   3.637   1.00 7.53  ? 57  CYS A CB  1 
ATOM   321  S SG  . CYS A 1 57  ? 7.830   2.804   3.782   1.00 8.31  ? 57  CYS A SG  1 
ATOM   322  N N   . SER A 1 58  ? 7.220   -1.633  5.111   1.00 5.59  ? 58  SER A N   1 
ATOM   323  C CA  . SER A 1 58  ? 6.802   -2.908  4.653   1.00 5.79  ? 58  SER A CA  1 
ATOM   324  C C   . SER A 1 58  ? 5.750   -2.800  3.567   1.00 6.55  ? 58  SER A C   1 
ATOM   325  O O   . SER A 1 58  ? 5.161   -1.729  3.442   1.00 7.10  ? 58  SER A O   1 
ATOM   326  C CB  . SER A 1 58  ? 6.231   -3.766  5.764   1.00 6.72  ? 58  SER A CB  1 
ATOM   327  O OG  . SER A 1 58  ? 7.195   -3.845  6.899   1.00 7.10  ? 58  SER A OG  1 
ATOM   328  N N   . HIS A 1 59  ? 5.610   -3.869  2.802   1.00 6.13  ? 59  HIS A N   1 
ATOM   329  C CA  . HIS A 1 59  ? 4.504   -3.937  1.814   1.00 5.69  ? 59  HIS A CA  1 
ATOM   330  C C   . HIS A 1 59  ? 3.865   -5.282  1.657   1.00 5.76  ? 59  HIS A C   1 
ATOM   331  O O   . HIS A 1 59  ? 4.412   -6.369  2.003   1.00 5.89  ? 59  HIS A O   1 
ATOM   332  C CB  . HIS A 1 59  ? 4.932   -3.289  0.491   1.00 6.62  ? 59  HIS A CB  1 
ATOM   333  C CG  . HIS A 1 59  ? 5.728   -4.190  -0.373  1.00 7.21  ? 59  HIS A CG  1 
ATOM   334  N ND1 . HIS A 1 59  ? 5.552   -4.186  -1.756  1.00 6.89  ? 59  HIS A ND1 1 
ATOM   335  C CD2 . HIS A 1 59  ? 6.707   -5.083  -0.102  1.00 8.47  ? 59  HIS A CD2 1 
ATOM   336  C CE1 . HIS A 1 59  ? 6.329   -5.116  -2.280  1.00 8.06  ? 59  HIS A CE1 1 
ATOM   337  N NE2 . HIS A 1 59  ? 7.080   -5.655  -1.310  1.00 8.59  ? 59  HIS A NE2 1 
ATOM   338  N N   . LEU A 1 60  ? 2.673   -5.238  1.099   1.00 4.82  ? 60  LEU A N   1 
ATOM   339  C CA  . LEU A 1 60  ? 1.995   -6.427  0.695   1.00 4.96  ? 60  LEU A CA  1 
ATOM   340  C C   . LEU A 1 60  ? 1.680   -6.201  -0.811  1.00 5.72  ? 60  LEU A C   1 
ATOM   341  O O   . LEU A 1 60  ? 1.017   -5.248  -1.175  1.00 6.97  ? 60  LEU A O   1 
ATOM   342  C CB  . LEU A 1 60  ? 0.697   -6.632  1.467   1.00 6.06  ? 60  LEU A CB  1 
ATOM   343  C CG  . LEU A 1 60  ? -0.076  -7.958  1.255   1.00 6.29  ? 60  LEU A CG  1 
ATOM   344  C CD1 . LEU A 1 60  ? -1.134  -8.068  2.400   1.00 6.49  ? 60  LEU A CD1 1 
ATOM   345  C CD2 . LEU A 1 60  ? -0.739  -8.063  -0.123  1.00 6.97  ? 60  LEU A CD2 1 
ATOM   346  N N   . LEU A 1 61  ? 2.295   -7.051  -1.667  1.00 6.00  ? 61  LEU A N   1 
ATOM   347  C CA  . LEU A 1 61  ? 2.057   -6.913  -3.144  1.00 6.35  ? 61  LEU A CA  1 
ATOM   348  C C   . LEU A 1 61  ? 1.176   -7.951  -3.636  1.00 6.61  ? 61  LEU A C   1 
ATOM   349  O O   . LEU A 1 61  ? 1.204   -9.149  -3.305  1.00 7.64  ? 61  LEU A O   1 
ATOM   350  C CB  . LEU A 1 61  ? 3.488   -7.133  -3.803  1.00 6.77  ? 61  LEU A CB  1 
ATOM   351  C CG  . LEU A 1 61  ? 3.493   -7.139  -5.349  1.00 6.91  ? 61  LEU A CG  1 
ATOM   352  C CD1 . LEU A 1 61  ? 3.127   -5.784  -5.958  1.00 8.40  ? 61  LEU A CD1 1 
ATOM   353  C CD2 . LEU A 1 61  ? 4.910   -7.536  -5.784  1.00 8.09  ? 61  LEU A CD2 1 
ATOM   354  N N   . VAL A 1 62  ? 0.221   -7.472  -4.495  1.00 6.80  ? 62  VAL A N   1 
ATOM   355  C CA  . VAL A 1 62  ? -0.644  -8.468  -5.205  1.00 9.57  ? 62  VAL A CA  1 
ATOM   356  C C   . VAL A 1 62  ? -0.393  -8.243  -6.737  1.00 10.22 ? 62  VAL A C   1 
ATOM   357  O O   . VAL A 1 62  ? -0.442  -7.128  -7.254  1.00 9.77  ? 62  VAL A O   1 
ATOM   358  C CB  . VAL A 1 62  ? -2.175  -8.303  -4.935  1.00 9.56  ? 62  VAL A CB  1 
ATOM   359  C CG1 . VAL A 1 62  ? -3.014  -9.329  -5.713  1.00 10.21 ? 62  VAL A CG1 1 
ATOM   360  C CG2 . VAL A 1 62  ? -2.429  -8.639  -3.449  1.00 8.12  ? 62  VAL A CG2 1 
ATOM   361  N N   . LYS A 1 63  ? 0.141   -9.327  -7.361  1.00 11.88 ? 63  LYS A N   1 
ATOM   362  C CA  . LYS A 1 63  ? 0.551   -9.158  -8.729  1.00 13.00 ? 63  LYS A CA  1 
ATOM   363  C C   . LYS A 1 63  ? -0.653  -9.514  -9.604  1.00 12.50 ? 63  LYS A C   1 
ATOM   364  O O   . LYS A 1 63  ? -1.639  -10.068 -9.147  1.00 13.20 ? 63  LYS A O   1 
ATOM   365  C CB  . LYS A 1 63  ? 1.796   -10.076 -8.971  1.00 12.06 ? 63  LYS A CB  1 
ATOM   366  C CG  . LYS A 1 63  ? 3.133   -9.373  -8.728  1.00 13.39 ? 63  LYS A CG  1 
ATOM   367  C CD  . LYS A 1 63  ? 4.246   -10.423 -9.023  1.00 16.04 ? 63  LYS A CD  1 
ATOM   368  C CE  . LYS A 1 63  ? 5.564   -9.820  -8.707  1.00 15.77 ? 63  LYS A CE  1 
ATOM   369  N NZ  . LYS A 1 63  ? 6.652   -10.597 -9.478  1.00 18.60 ? 63  LYS A NZ  1 
ATOM   370  N N   . HIS A 1 64  ? -0.502  -9.203  -10.925 1.00 15.33 ? 64  HIS A N   1 
ATOM   371  C CA  . HIS A 1 64  ? -1.568  -9.400  -11.894 1.00 15.21 ? 64  HIS A CA  1 
ATOM   372  C C   . HIS A 1 64  ? -0.918  -9.742  -13.247 1.00 17.53 ? 64  HIS A C   1 
ATOM   373  O O   . HIS A 1 64  ? 0.285   -9.538  -13.439 1.00 18.41 ? 64  HIS A O   1 
ATOM   374  C CB  . HIS A 1 64  ? -2.575  -8.151  -12.009 1.00 12.96 ? 64  HIS A CB  1 
ATOM   375  C CG  . HIS A 1 64  ? -1.926  -6.812  -12.238 1.00 14.98 ? 64  HIS A CG  1 
ATOM   376  N ND1 . HIS A 1 64  ? -1.487  -6.391  -13.465 1.00 15.20 ? 64  HIS A ND1 1 
ATOM   377  C CD2 . HIS A 1 64  ? -1.688  -5.779  -11.393 1.00 13.39 ? 64  HIS A CD2 1 
ATOM   378  C CE1 . HIS A 1 64  ? -0.934  -5.184  -13.359 1.00 18.16 ? 64  HIS A CE1 1 
ATOM   379  N NE2 . HIS A 1 64  ? -1.059  -4.784  -12.096 1.00 18.44 ? 64  HIS A NE2 1 
ATOM   380  N N   . SER A 1 65  ? -1.794  -10.040 -14.195 1.00 20.89 ? 65  SER A N   1 
ATOM   381  C CA  . SER A 1 65  ? -1.278  -10.458 -15.573 1.00 21.14 ? 65  SER A CA  1 
ATOM   382  C C   . SER A 1 65  ? -0.487  -9.364  -16.328 1.00 21.09 ? 65  SER A C   1 
ATOM   383  O O   . SER A 1 65  ? 0.369   -9.682  -17.211 1.00 23.56 ? 65  SER A O   1 
ATOM   384  C CB  . SER A 1 65  ? -2.414  -11.074 -16.386 1.00 20.74 ? 65  SER A CB  1 
ATOM   385  O OG  . SER A 1 65  ? -3.330  -10.043 -16.780 1.00 25.16 ? 65  SER A OG  1 
ATOM   386  N N   . GLN A 1 66  ? -0.692  -8.092  -16.014 1.00 19.45 ? 66  GLN A N   1 
ATOM   387  C CA  . GLN A 1 66  ? 0.084   -7.052  -16.598 1.00 20.91 ? 66  GLN A CA  1 
ATOM   388  C C   . GLN A 1 66  ? 1.342   -6.680  -15.804 1.00 20.09 ? 66  GLN A C   1 
ATOM   389  O O   . GLN A 1 66  ? 2.017   -5.701  -16.124 1.00 25.49 ? 66  GLN A O   1 
ATOM   390  C CB  . GLN A 1 66  ? -0.838  -5.827  -16.937 1.00 22.87 ? 66  GLN A CB  1 
ATOM   391  C CG  . GLN A 1 66  ? -1.782  -6.098  -18.152 1.00 25.90 ? 66  GLN A CG  1 
ATOM   392  C CD  . GLN A 1 66  ? -2.270  -4.833  -18.926 1.00 28.77 ? 66  GLN A CD  1 
ATOM   393  O OE1 . GLN A 1 66  ? -1.673  -3.750  -18.864 1.00 21.82 ? 66  GLN A OE1 1 
ATOM   394  N NE2 . GLN A 1 66  ? -3.334  -5.015  -19.708 1.00 30.11 ? 66  GLN A NE2 1 
ATOM   395  N N   . SER A 1 67  ? 1.633   -7.386  -14.698 1.00 19.72 ? 67  SER A N   1 
ATOM   396  C CA  . SER A 1 67  ? 2.784   -7.005  -13.919 1.00 18.72 ? 67  SER A CA  1 
ATOM   397  C C   . SER A 1 67  ? 4.021   -7.295  -14.755 1.00 21.38 ? 67  SER A C   1 
ATOM   398  O O   . SER A 1 67  ? 3.977   -8.252  -15.571 1.00 27.03 ? 67  SER A O   1 
ATOM   399  C CB  . SER A 1 67  ? 2.958   -7.900  -12.675 1.00 16.48 ? 67  SER A CB  1 
ATOM   400  O OG  . SER A 1 67  ? 1.939   -7.614  -11.699 1.00 16.69 ? 67  SER A OG  1 
ATOM   401  N N   . ARG A 1 68  ? 5.074   -6.530  -14.487 1.00 23.31 ? 68  ARG A N   1 
ATOM   402  C CA  . ARG A 1 68  ? 6.342   -6.773  -15.195 1.00 26.60 ? 68  ARG A CA  1 
ATOM   403  C C   . ARG A 1 68  ? 6.784   -8.234  -15.111 1.00 28.99 ? 68  ARG A C   1 
ATOM   404  O O   . ARG A 1 68  ? 7.185   -8.825  -16.142 1.00 29.42 ? 68  ARG A O   1 
ATOM   405  C CB  . ARG A 1 68  ? 7.397   -5.718  -14.895 1.00 28.74 ? 68  ARG A CB  1 
ATOM   406  C CG  . ARG A 1 68  ? 7.936   -5.560  -13.500 0.50 28.69 ? 68  ARG A CG  1 
ATOM   407  C CD  . ARG A 1 68  ? 9.345   -5.047  -13.698 0.50 32.67 ? 68  ARG A CD  1 
ATOM   408  N NE  . ARG A 1 68  ? 9.825   -4.113  -12.694 0.50 33.30 ? 68  ARG A NE  1 
ATOM   409  C CZ  . ARG A 1 68  ? 10.409  -4.480  -11.562 0.50 35.88 ? 68  ARG A CZ  1 
ATOM   410  N NH1 . ARG A 1 68  ? 10.860  -3.567  -10.705 0.50 35.30 ? 68  ARG A NH1 1 
ATOM   411  N NH2 . ARG A 1 68  ? 10.540  -5.766  -11.282 0.50 36.76 ? 68  ARG A NH2 1 
ATOM   412  N N   . ARG A 1 69  ? 6.672   -8.869  -13.955 1.00 28.08 ? 69  ARG A N   1 
ATOM   413  C CA  . ARG A 1 69  ? 6.917   -10.315 -13.889 1.00 27.23 ? 69  ARG A CA  1 
ATOM   414  C C   . ARG A 1 69  ? 5.755   -11.042 -13.273 1.00 23.97 ? 69  ARG A C   1 
ATOM   415  O O   . ARG A 1 69  ? 5.711   -11.089 -12.038 1.00 23.82 ? 69  ARG A O   1 
ATOM   416  C CB  . ARG A 1 69  ? 8.159   -10.629 -13.021 1.00 33.27 ? 69  ARG A CB  1 
ATOM   417  C CG  . ARG A 1 69  ? 9.481   -10.593 -13.750 1.00 43.66 ? 69  ARG A CG  1 
ATOM   418  C CD  . ARG A 1 69  ? 10.641  -10.331 -12.792 1.00 49.19 ? 69  ARG A CD  1 
ATOM   419  N NE  . ARG A 1 69  ? 11.043  -8.912  -12.713 1.00 57.25 ? 69  ARG A NE  1 
ATOM   420  C CZ  . ARG A 1 69  ? 11.864  -8.274  -13.567 1.00 59.73 ? 69  ARG A CZ  1 
ATOM   421  N NH1 . ARG A 1 69  ? 12.383  -8.904  -14.625 1.00 65.27 ? 69  ARG A NH1 1 
ATOM   422  N NH2 . ARG A 1 69  ? 12.161  -6.984  -13.381 1.00 55.48 ? 69  ARG A NH2 1 
ATOM   423  N N   . PRO A 1 70  ? 4.845   -11.633 -14.074 1.00 23.28 ? 70  PRO A N   1 
ATOM   424  C CA  . PRO A 1 70  ? 3.632   -12.324 -13.634 1.00 23.01 ? 70  PRO A CA  1 
ATOM   425  C C   . PRO A 1 70  ? 3.834   -13.722 -13.016 1.00 21.66 ? 70  PRO A C   1 
ATOM   426  O O   . PRO A 1 70  ? 3.290   -14.714 -13.458 1.00 23.65 ? 70  PRO A O   1 
ATOM   427  C CB  . PRO A 1 70  ? 2.728   -12.256 -14.876 1.00 28.66 ? 70  PRO A CB  1 
ATOM   428  C CG  . PRO A 1 70  ? 3.728   -12.327 -15.996 1.00 25.96 ? 70  PRO A CG  1 
ATOM   429  C CD  . PRO A 1 70  ? 4.865   -11.476 -15.558 1.00 24.53 ? 70  PRO A CD  1 
ATOM   430  N N   . SER A 1 71  ? 4.570   -13.752 -11.898 1.00 20.71 ? 71  SER A N   1 
ATOM   431  C CA  . SER A 1 71  ? 5.050   -14.938 -11.225 1.00 18.07 ? 71  SER A CA  1 
ATOM   432  C C   . SER A 1 71  ? 5.544   -14.589 -9.841  1.00 17.22 ? 71  SER A C   1 
ATOM   433  O O   . SER A 1 71  ? 6.139   -13.551 -9.703  1.00 20.96 ? 71  SER A O   1 
ATOM   434  C CB  . SER A 1 71  ? 6.270   -15.430 -12.036 1.00 22.31 ? 71  SER A CB  1 
ATOM   435  O OG  . SER A 1 71  ? 6.839   -16.536 -11.373 1.00 25.41 ? 71  SER A OG  1 
ATOM   436  N N   . SER A 1 72  ? 5.314   -15.432 -8.844  1.00 15.86 ? 72  SER A N   1 
ATOM   437  C CA  . SER A 1 72  ? 5.893   -15.181 -7.527  1.00 18.78 ? 72  SER A CA  1 
ATOM   438  C C   . SER A 1 72  ? 6.116   -16.482 -6.797  1.00 21.04 ? 72  SER A C   1 
ATOM   439  O O   . SER A 1 72  ? 5.624   -17.526 -7.262  1.00 21.82 ? 72  SER A O   1 
ATOM   440  C CB  . SER A 1 72  ? 4.895   -14.360 -6.698  1.00 14.86 ? 72  SER A CB  1 
ATOM   441  O OG  . SER A 1 72  ? 3.864   -15.199 -6.278  1.00 14.50 ? 72  SER A OG  1 
ATOM   442  N N   . TRP A 1 73  ? 6.777   -16.411 -5.637  1.00 21.30 ? 73  TRP A N   1 
ATOM   443  C CA  . TRP A 1 73  ? 6.857   -17.538 -4.700  1.00 21.58 ? 73  TRP A CA  1 
ATOM   444  C C   . TRP A 1 73  ? 5.481   -18.230 -4.483  1.00 21.43 ? 73  TRP A C   1 
ATOM   445  O O   . TRP A 1 73  ? 5.403   -19.416 -4.176  1.00 23.19 ? 73  TRP A O   1 
ATOM   446  C CB  . TRP A 1 73  ? 7.598   -17.177 -3.350  1.00 20.46 ? 73  TRP A CB  1 
ATOM   447  C CG  . TRP A 1 73  ? 6.745   -16.420 -2.338  1.00 21.39 ? 73  TRP A CG  1 
ATOM   448  C CD1 . TRP A 1 73  ? 6.616   -15.048 -2.256  1.00 22.14 ? 73  TRP A CD1 1 
ATOM   449  C CD2 . TRP A 1 73  ? 5.863   -16.968 -1.333  1.00 23.52 ? 73  TRP A CD2 1 
ATOM   450  N NE1 . TRP A 1 73  ? 5.672   -14.711 -1.272  1.00 20.43 ? 73  TRP A NE1 1 
ATOM   451  C CE2 . TRP A 1 73  ? 5.215   -15.855 -0.676  1.00 23.16 ? 73  TRP A CE2 1 
ATOM   452  C CE3 . TRP A 1 73  ? 5.535   -18.275 -0.924  1.00 30.96 ? 73  TRP A CE3 1 
ATOM   453  C CZ2 . TRP A 1 73  ? 4.274   -16.024 0.356   1.00 27.96 ? 73  TRP A CZ2 1 
ATOM   454  C CZ3 . TRP A 1 73  ? 4.586   -18.447 0.140   1.00 30.63 ? 73  TRP A CZ3 1 
ATOM   455  C CH2 . TRP A 1 73  ? 3.964   -17.300 0.756   1.00 30.06 ? 73  TRP A CH2 1 
ATOM   456  N N   . ARG A 1 74  ? 4.339   -17.508 -4.624  1.00 20.79 ? 74  ARG A N   1 
ATOM   457  C CA  . ARG A 1 74  ? 3.032   -18.114 -4.305  1.00 19.33 ? 74  ARG A CA  1 
ATOM   458  C C   . ARG A 1 74  ? 2.475   -18.923 -5.479  1.00 20.55 ? 74  ARG A C   1 
ATOM   459  O O   . ARG A 1 74  ? 1.682   -19.857 -5.246  1.00 22.07 ? 74  ARG A O   1 
ATOM   460  C CB  . ARG A 1 74  ? 1.929   -17.034 -3.949  1.00 20.55 ? 74  ARG A CB  1 
ATOM   461  C CG  . ARG A 1 74  ? 2.317   -16.088 -2.801  1.00 20.95 ? 74  ARG A CG  1 
ATOM   462  C CD  . ARG A 1 74  ? 1.099   -15.306 -2.218  1.00 20.53 ? 74  ARG A CD  1 
ATOM   463  N NE  . ARG A 1 74  ? 0.135   -16.257 -1.649  1.00 19.85 ? 74  ARG A NE  1 
ATOM   464  C CZ  . ARG A 1 74  ? -1.174  -16.246 -1.882  1.00 22.92 ? 74  ARG A CZ  1 
ATOM   465  N NH1 . ARG A 1 74  ? -1.747  -15.258 -2.605  1.00 24.04 ? 74  ARG A NH1 1 
ATOM   466  N NH2 . ARG A 1 74  ? -1.910  -17.182 -1.303  1.00 29.46 ? 74  ARG A NH2 1 
ATOM   467  N N   . GLN A 1 75  ? 2.822   -18.514 -6.692  1.00 20.75 ? 75  GLN A N   1 
ATOM   468  C CA  . GLN A 1 75  ? 2.104   -18.948 -7.871  1.00 24.64 ? 75  GLN A CA  1 
ATOM   469  C C   . GLN A 1 75  ? 3.026   -18.732 -9.051  1.00 19.59 ? 75  GLN A C   1 
ATOM   470  O O   . GLN A 1 75  ? 3.474   -17.625 -9.369  1.00 22.37 ? 75  GLN A O   1 
ATOM   471  C CB  . GLN A 1 75  ? 0.866   -18.078 -8.100  1.00 24.44 ? 75  GLN A CB  1 
ATOM   472  C CG  . GLN A 1 75  ? -0.229  -18.755 -8.877  1.00 30.22 ? 75  GLN A CG  1 
ATOM   473  C CD  . GLN A 1 75  ? -1.459  -17.861 -8.945  1.00 32.82 ? 75  GLN A CD  1 
ATOM   474  O OE1 . GLN A 1 75  ? -1.375  -16.649 -8.708  1.00 33.25 ? 75  GLN A OE1 1 
ATOM   475  N NE2 . GLN A 1 75  ? -2.598  -18.453 -9.275  1.00 33.34 ? 75  GLN A NE2 1 
ATOM   476  N N   . GLU A 1 76  ? 3.383   -19.836 -9.717  1.00 21.15 ? 76  GLU A N   1 
ATOM   477  C CA  . GLU A 1 76  ? 4.356   -19.717 -10.791 1.00 15.93 ? 76  GLU A CA  1 
ATOM   478  C C   . GLU A 1 76  ? 3.872   -18.941 -12.024 1.00 15.91 ? 76  GLU A C   1 
ATOM   479  O O   . GLU A 1 76  ? 4.634   -18.162 -12.582 1.00 21.32 ? 76  GLU A O   1 
ATOM   480  C CB  . GLU A 1 76  ? 4.875   -21.171 -11.146 1.00 17.42 ? 76  GLU A CB  1 
ATOM   481  C CG  . GLU A 1 76  ? 5.979   -21.184 -12.177 1.00 21.46 ? 76  GLU A CG  1 
ATOM   482  C CD  . GLU A 1 76  ? 6.577   -22.603 -12.307 1.00 20.16 ? 76  GLU A CD  1 
ATOM   483  O OE1 . GLU A 1 76  ? 5.950   -23.600 -11.845 1.00 23.38 ? 76  GLU A OE1 1 
ATOM   484  O OE2 . GLU A 1 76  ? 7.677   -22.679 -12.905 1.00 27.92 ? 76  GLU A OE2 1 
ATOM   485  N N   . LYS A 1 77  ? 2.608   -19.067 -12.375 1.00 16.92 ? 77  LYS A N   1 
ATOM   486  C CA  . LYS A 1 77  ? 2.034   -18.281 -13.432 1.00 19.73 ? 77  LYS A CA  1 
ATOM   487  C C   . LYS A 1 77  ? 0.876   -17.445 -12.814 1.00 20.16 ? 77  LYS A C   1 
ATOM   488  O O   . LYS A 1 77  ? -0.109  -18.018 -12.325 1.00 25.03 ? 77  LYS A O   1 
ATOM   489  C CB  . LYS A 1 77  ? 1.471   -19.301 -14.479 1.00 21.43 ? 77  LYS A CB  1 
ATOM   490  C CG  . LYS A 1 77  ? 0.919   -18.653 -15.727 1.00 28.73 ? 77  LYS A CG  1 
ATOM   491  C CD  . LYS A 1 77  ? 0.086   -19.643 -16.552 1.00 28.39 ? 77  LYS A CD  1 
ATOM   492  C CE  . LYS A 1 77  ? -0.458  -18.918 -17.777 1.00 34.76 ? 77  LYS A CE  1 
ATOM   493  N NZ  . LYS A 1 77  ? 0.586   -17.958 -18.269 1.00 35.29 ? 77  LYS A NZ  1 
ATOM   494  N N   . ILE A 1 78  ? 1.058   -16.145 -12.780 1.00 19.76 ? 78  ILE A N   1 
ATOM   495  C CA  . ILE A 1 78  ? -0.033  -15.295 -12.176 1.00 22.63 ? 78  ILE A CA  1 
ATOM   496  C C   . ILE A 1 78  ? -0.939  -14.916 -13.344 1.00 22.45 ? 78  ILE A C   1 
ATOM   497  O O   . ILE A 1 78  ? -0.496  -14.299 -14.326 1.00 26.87 ? 78  ILE A O   1 
ATOM   498  C CB  . ILE A 1 78  ? 0.533   -14.152 -11.340 1.00 20.87 ? 78  ILE A CB  1 
ATOM   499  C CG1 . ILE A 1 78  ? 1.204   -14.791 -10.100 1.00 20.35 ? 78  ILE A CG1 1 
ATOM   500  C CG2 . ILE A 1 78  ? -0.557  -13.073 -11.014 1.00 19.90 ? 78  ILE A CG2 1 
ATOM   501  C CD1 . ILE A 1 78  ? 1.950   -13.867 -9.255  1.00 19.72 ? 78  ILE A CD1 1 
ATOM   502  N N   . THR A 1 79  ? -2.177  -15.358 -13.236 1.00 22.40 ? 79  THR A N   1 
ATOM   503  C CA  . THR A 1 79  ? -3.116  -15.013 -14.281 1.00 25.98 ? 79  THR A CA  1 
ATOM   504  C C   . THR A 1 79  ? -4.187  -13.993 -13.908 1.00 24.08 ? 79  THR A C   1 
ATOM   505  O O   . THR A 1 79  ? -4.901  -13.510 -14.793 1.00 25.01 ? 79  THR A O   1 
ATOM   506  C CB  . THR A 1 79  ? -3.740  -16.277 -14.737 1.00 26.31 ? 79  THR A CB  1 
ATOM   507  O OG1 . THR A 1 79  ? -4.276  -16.931 -13.564 1.00 32.99 ? 79  THR A OG1 1 
ATOM   508  C CG2 . THR A 1 79  ? -2.581  -17.088 -15.410 1.00 27.96 ? 79  THR A CG2 1 
ATOM   509  N N   . ARG A 1 80  ? -4.297  -13.626 -12.619 1.00 19.80 ? 80  ARG A N   1 
ATOM   510  C CA  . ARG A 1 80  ? -5.403  -12.694 -12.248 1.00 15.00 ? 80  ARG A CA  1 
ATOM   511  C C   . ARG A 1 80  ? -5.335  -11.384 -12.964 1.00 15.36 ? 80  ARG A C   1 
ATOM   512  O O   . ARG A 1 80  ? -4.262  -10.918 -13.290 1.00 16.26 ? 80  ARG A O   1 
ATOM   513  C CB  . ARG A 1 80  ? -5.349  -12.527 -10.689 1.00 14.89 ? 80  ARG A CB  1 
ATOM   514  C CG  . ARG A 1 80  ? -4.254  -11.607 -10.160 1.00 16.88 ? 80  ARG A CG  1 
ATOM   515  C CD  . ARG A 1 80  ? -4.373  -11.351 -8.629  1.00 15.20 ? 80  ARG A CD  1 
ATOM   516  N NE  . ARG A 1 80  ? -4.268  -12.576 -7.882  1.00 13.72 ? 80  ARG A NE  1 
ATOM   517  C CZ  . ARG A 1 80  ? -3.094  -12.975 -7.321  1.00 12.49 ? 80  ARG A CZ  1 
ATOM   518  N NH1 . ARG A 1 80  ? -1.983  -12.277 -7.534  1.00 13.78 ? 80  ARG A NH1 1 
ATOM   519  N NH2 . ARG A 1 80  ? -3.049  -14.034 -6.561  1.00 13.10 ? 80  ARG A NH2 1 
ATOM   520  N N   . THR A 1 81  ? -6.514  -10.751 -13.176 1.00 16.92 ? 81  THR A N   1 
ATOM   521  C CA  . THR A 1 81  ? -6.587  -9.488  -13.823 1.00 18.39 ? 81  THR A CA  1 
ATOM   522  C C   . THR A 1 81  ? -6.211  -8.373  -12.829 1.00 15.88 ? 81  THR A C   1 
ATOM   523  O O   . THR A 1 81  ? -6.268  -8.644  -11.623 1.00 20.52 ? 81  THR A O   1 
ATOM   524  C CB  . THR A 1 81  ? -8.032  -9.266  -14.361 1.00 18.31 ? 81  THR A CB  1 
ATOM   525  O OG1 . THR A 1 81  ? -8.986  -9.160  -13.306 1.00 20.66 ? 81  THR A OG1 1 
ATOM   526  C CG2 . THR A 1 81  ? -8.457  -10.536 -15.241 1.00 19.81 ? 81  THR A CG2 1 
ATOM   527  N N   . LYS A 1 82  ? -5.904  -7.196  -13.348 1.00 18.58 ? 82  LYS A N   1 
ATOM   528  C CA  . LYS A 1 82  ? -5.659  -6.034  -12.523 1.00 20.01 ? 82  LYS A CA  1 
ATOM   529  C C   . LYS A 1 82  ? -6.862  -5.791  -11.622 1.00 23.70 ? 82  LYS A C   1 
ATOM   530  O O   . LYS A 1 82  ? -6.741  -5.586  -10.364 1.00 18.08 ? 82  LYS A O   1 
ATOM   531  C CB  . LYS A 1 82  ? -5.259  -4.839  -13.361 1.00 25.73 ? 82  LYS A CB  1 
ATOM   532  C CG  . LYS A 1 82  ? -5.265  -3.521  -12.588 1.00 32.62 ? 82  LYS A CG  1 
ATOM   533  C CD  . LYS A 1 82  ? -6.704  -3.071  -12.432 1.00 38.41 ? 82  LYS A CD  1 
ATOM   534  C CE  . LYS A 1 82  ? -6.893  -1.730  -11.785 1.00 44.98 ? 82  LYS A CE  1 
ATOM   535  N NZ  . LYS A 1 82  ? -8.348  -1.502  -11.994 1.00 42.65 ? 82  LYS A NZ  1 
ATOM   536  N N   . GLU A 1 83  ? -8.051  -5.838  -12.222 1.00 21.65 ? 83  GLU A N   1 
ATOM   537  C CA  . GLU A 1 83  ? -9.262  -5.711  -11.451 1.00 22.89 ? 83  GLU A CA  1 
ATOM   538  C C   . GLU A 1 83  ? -9.407  -6.711  -10.307 1.00 20.11 ? 83  GLU A C   1 
ATOM   539  O O   . GLU A 1 83  ? -9.743  -6.287  -9.204  1.00 20.81 ? 83  GLU A O   1 
ATOM   540  C CB  . GLU A 1 83  ? -10.536 -5.719  -12.368 1.00 23.12 ? 83  GLU A CB  1 
ATOM   541  C CG  . GLU A 1 83  ? -10.470 -4.702  -13.533 1.00 31.07 ? 83  GLU A CG  1 
ATOM   542  C CD  . GLU A 1 83  ? -9.373  -4.979  -14.633 1.00 35.07 ? 83  GLU A CD  1 
ATOM   543  O OE1 . GLU A 1 83  ? -8.933  -6.175  -14.866 1.00 25.61 ? 83  GLU A OE1 1 
ATOM   544  O OE2 . GLU A 1 83  ? -8.949  -3.970  -15.289 1.00 42.34 ? 83  GLU A OE2 1 
ATOM   545  N N   . GLU A 1 84  ? -9.129  -8.015  -10.483 1.00 18.97 ? 84  GLU A N   1 
ATOM   546  C CA  . GLU A 1 84  ? -9.158  -9.003  -9.431  1.00 16.56 ? 84  GLU A CA  1 
ATOM   547  C C   . GLU A 1 84  ? -8.058  -8.760  -8.327  1.00 14.77 ? 84  GLU A C   1 
ATOM   548  O O   . GLU A 1 84  ? -8.339  -9.055  -7.123  1.00 16.47 ? 84  GLU A O   1 
ATOM   549  C CB  . GLU A 1 84  ? -8.980  -10.436 -9.960  1.00 19.72 ? 84  GLU A CB  1 
ATOM   550  C CG  . GLU A 1 84  ? -10.187 -10.917 -10.742 1.00 21.72 ? 84  GLU A CG  1 
ATOM   551  C CD  . GLU A 1 84  ? -9.842  -12.056 -11.683 1.00 25.60 ? 84  GLU A CD  1 
ATOM   552  O OE1 . GLU A 1 84  ? -8.729  -12.073 -12.207 1.00 24.85 ? 84  GLU A OE1 1 
ATOM   553  O OE2 . GLU A 1 84  ? -10.719 -12.941 -11.867 1.00 30.45 ? 84  GLU A OE2 1 
ATOM   554  N N   . ALA A 1 85  ? -6.920  -8.241  -8.793  1.00 12.52 ? 85  ALA A N   1 
ATOM   555  C CA  . ALA A 1 85  ? -5.746  -7.997  -7.881  1.00 13.40 ? 85  ALA A CA  1 
ATOM   556  C C   . ALA A 1 85  ? -6.288  -6.829  -6.995  1.00 12.75 ? 85  ALA A C   1 
ATOM   557  O O   . ALA A 1 85  ? -5.960  -6.779  -5.755  1.00 12.49 ? 85  ALA A O   1 
ATOM   558  C CB  . ALA A 1 85  ? -4.525  -7.539  -8.621  1.00 12.20 ? 85  ALA A CB  1 
ATOM   559  N N   . LEU A 1 86  ? -6.941  -5.823  -7.622  1.00 13.39 ? 86  LEU A N   1 
ATOM   560  C CA  . LEU A 1 86  ? -7.369  -4.640  -6.769  1.00 12.88 ? 86  LEU A CA  1 
ATOM   561  C C   . LEU A 1 86  ? -8.442  -5.137  -5.816  1.00 13.12 ? 86  LEU A C   1 
ATOM   562  O O   . LEU A 1 86  ? -8.524  -4.716  -4.606  1.00 11.36 ? 86  LEU A O   1 
ATOM   563  C CB  . LEU A 1 86  ? -7.871  -3.487  -7.650  1.00 13.51 ? 86  LEU A CB  1 
ATOM   564  C CG  . LEU A 1 86  ? -8.423  -2.211  -7.010  1.00 15.61 ? 86  LEU A CG  1 
ATOM   565  C CD1 . LEU A 1 86  ? -7.482  -1.746  -5.928  1.00 13.52 ? 86  LEU A CD1 1 
ATOM   566  C CD2 . LEU A 1 86  ? -8.654  -1.083  -8.031  1.00 14.06 ? 86  LEU A CD2 1 
ATOM   567  N N   . GLU A 1 87  ? -9.327  -6.040  -6.234  1.00 12.63 ? 87  GLU A N   1 
ATOM   568  C CA  . GLU A 1 87  ? -10.293 -6.535  -5.261  1.00 13.56 ? 87  GLU A CA  1 
ATOM   569  C C   . GLU A 1 87  ? -9.658  -7.239  -4.032  1.00 14.86 ? 87  GLU A C   1 
ATOM   570  O O   . GLU A 1 87  ? -10.066 -7.062  -2.825  1.00 15.58 ? 87  GLU A O   1 
ATOM   571  C CB  . GLU A 1 87  ? -11.351 -7.351  -5.995  0.80 14.36 ? 87  GLU A CB  1 
ATOM   572  C CG  . GLU A 1 87  ? -12.103 -8.341  -5.196  0.80 19.92 ? 87  GLU A CG  1 
ATOM   573  C CD  . GLU A 1 87  ? -13.472 -8.598  -5.771  0.20 18.48 ? 87  GLU A CD  1 
ATOM   574  O OE1 . GLU A 1 87  ? -13.785 -8.012  -6.831  0.20 19.16 ? 87  GLU A OE1 1 
ATOM   575  O OE2 . GLU A 1 87  ? -14.227 -9.385  -5.161  0.20 18.78 ? 87  GLU A OE2 1 
ATOM   576  N N   . LEU A 1 88  ? -8.576  -8.016  -4.293  1.00 13.68 ? 88  LEU A N   1 
ATOM   577  C CA  . LEU A 1 88  ? -7.856  -8.697  -3.238  1.00 12.45 ? 88  LEU A CA  1 
ATOM   578  C C   . LEU A 1 88  ? -7.204  -7.631  -2.263  1.00 9.10  ? 88  LEU A C   1 
ATOM   579  O O   . LEU A 1 88  ? -7.336  -7.789  -0.998  1.00 10.56 ? 88  LEU A O   1 
ATOM   580  C CB  . LEU A 1 88  ? -6.766  -9.585  -3.882  1.00 12.01 ? 88  LEU A CB  1 
ATOM   581  C CG  . LEU A 1 88  ? -7.378  -10.911 -4.421  1.00 14.58 ? 88  LEU A CG  1 
ATOM   582  C CD1 . LEU A 1 88  ? -6.310  -11.517 -5.358  1.00 16.14 ? 88  LEU A CD1 1 
ATOM   583  C CD2 . LEU A 1 88  ? -7.744  -11.897 -3.325  1.00 14.95 ? 88  LEU A CD2 1 
ATOM   584  N N   . ILE A 1 89  ? -6.624  -6.616  -2.858  1.00 10.94 ? 89  ILE A N   1 
ATOM   585  C CA  . ILE A 1 89  ? -5.948  -5.512  -2.133  1.00 8.81  ? 89  ILE A CA  1 
ATOM   586  C C   . ILE A 1 89  ? -6.999  -4.860  -1.217  1.00 9.29  ? 89  ILE A C   1 
ATOM   587  O O   . ILE A 1 89  ? -6.788  -4.711  -0.007  1.00 9.25  ? 89  ILE A O   1 
ATOM   588  C CB  . ILE A 1 89  ? -5.308  -4.508  -3.055  1.00 10.75 ? 89  ILE A CB  1 
ATOM   589  C CG1 . ILE A 1 89  ? -4.007  -5.074  -3.642  1.00 11.75 ? 89  ILE A CG1 1 
ATOM   590  C CG2 . ILE A 1 89  ? -5.007  -3.159  -2.446  1.00 10.24 ? 89  ILE A CG2 1 
ATOM   591  C CD1 . ILE A 1 89  ? -2.807  -5.127  -2.681  1.00 10.98 ? 89  ILE A CD1 1 
ATOM   592  N N   . ASN A 1 90  ? -8.099  -4.493  -1.853  1.00 9.40  ? 90  ASN A N   1 
ATOM   593  C CA  . ASN A 1 90  ? -9.172  -3.856  -0.987  1.00 11.03 ? 90  ASN A CA  1 
ATOM   594  C C   . ASN A 1 90  ? -9.692  -4.753  0.147   1.00 10.22 ? 90  ASN A C   1 
ATOM   595  O O   . ASN A 1 90  ? -9.986  -4.230  1.301   1.00 9.64  ? 90  ASN A O   1 
ATOM   596  C CB  . ASN A 1 90  ? -10.317 -3.431  -1.974  1.00 10.73 ? 90  ASN A CB  1 
ATOM   597  C CG  . ASN A 1 90  ? -9.944  -2.209  -2.731  1.00 11.54 ? 90  ASN A CG  1 
ATOM   598  O OD1 . ASN A 1 90  ? -9.079  -1.373  -2.304  1.00 18.84 ? 90  ASN A OD1 1 
ATOM   599  N ND2 . ASN A 1 90  ? -10.539 -2.026  -3.896  1.00 15.77 ? 90  ASN A ND2 1 
ATOM   600  N N   . GLY A 1 91  ? -9.810  -6.071  0.007   1.00 10.86 ? 91  GLY A N   1 
ATOM   601  C CA  . GLY A 1 91  ? -10.198 -7.000  1.041   1.00 11.14 ? 91  GLY A CA  1 
ATOM   602  C C   . GLY A 1 91  ? -9.180  -7.012  2.180   1.00 12.30 ? 91  GLY A C   1 
ATOM   603  O O   . GLY A 1 91  ? -9.497  -7.058  3.329   1.00 12.52 ? 91  GLY A O   1 
ATOM   604  N N   . TYR A 1 92  ? -7.874  -7.021  1.801   1.00 9.02  ? 92  TYR A N   1 
ATOM   605  C CA  . TYR A 1 92  ? -6.877  -7.017  2.845   1.00 8.93  ? 92  TYR A CA  1 
ATOM   606  C C   . TYR A 1 92  ? -6.886  -5.648  3.595   1.00 7.04  ? 92  TYR A C   1 
ATOM   607  O O   . TYR A 1 92  ? -6.634  -5.615  4.813   1.00 7.64  ? 92  TYR A O   1 
ATOM   608  C CB  . TYR A 1 92  ? -5.430  -7.218  2.230   1.00 8.88  ? 92  TYR A CB  1 
ATOM   609  C CG  . TYR A 1 92  ? -5.282  -8.584  1.498   1.00 9.25  ? 92  TYR A CG  1 
ATOM   610  C CD1 . TYR A 1 92  ? -5.795  -9.715  2.014   1.00 10.49 ? 92  TYR A CD1 1 
ATOM   611  C CD2 . TYR A 1 92  ? -4.508  -8.632  0.326   1.00 9.73  ? 92  TYR A CD2 1 
ATOM   612  C CE1 . TYR A 1 92  ? -5.670  -10.974 1.348   1.00 11.65 ? 92  TYR A CE1 1 
ATOM   613  C CE2 . TYR A 1 92  ? -4.338  -9.870  -0.376  1.00 10.20 ? 92  TYR A CE2 1 
ATOM   614  C CZ  . TYR A 1 92  ? -4.925  -10.976 0.168   1.00 10.66 ? 92  TYR A CZ  1 
ATOM   615  O OH  . TYR A 1 92  ? -4.819  -12.233 -0.480  1.00 11.46 ? 92  TYR A OH  1 
ATOM   616  N N   . ILE A 1 93  ? -7.079  -4.591  2.901   1.00 7.15  ? 93  ILE A N   1 
ATOM   617  C CA  . ILE A 1 93  ? -7.106  -3.191  3.574   1.00 6.58  ? 93  ILE A CA  1 
ATOM   618  C C   . ILE A 1 93  ? -8.256  -3.278  4.567   1.00 8.43  ? 93  ILE A C   1 
ATOM   619  O O   . ILE A 1 93  ? -8.089  -2.791  5.727   1.00 7.71  ? 93  ILE A O   1 
ATOM   620  C CB  . ILE A 1 93  ? -7.321  -2.130  2.537   1.00 6.75  ? 93  ILE A CB  1 
ATOM   621  C CG1 . ILE A 1 93  ? -5.982  -1.800  1.794   1.00 6.33  ? 93  ILE A CG1 1 
ATOM   622  C CG2 . ILE A 1 93  ? -7.727  -0.800  3.161   1.00 7.22  ? 93  ILE A CG2 1 
ATOM   623  C CD1 . ILE A 1 93  ? -6.028  -0.826  0.613   1.00 6.55  ? 93  ILE A CD1 1 
ATOM   624  N N   . GLN A 1 94  ? -9.404  -3.842  4.131   1.00 9.54  ? 94  GLN A N   1 
ATOM   625  C CA  . GLN A 1 94  ? -10.558 -3.821  5.087   1.00 11.77 ? 94  GLN A CA  1 
ATOM   626  C C   . GLN A 1 94  ? -10.243 -4.665  6.310   1.00 12.19 ? 94  GLN A C   1 
ATOM   627  O O   . GLN A 1 94  ? -10.547 -4.246  7.451   1.00 13.95 ? 94  GLN A O   1 
ATOM   628  C CB  . GLN A 1 94  ? -11.789 -4.499  4.444   1.00 14.53 ? 94  GLN A CB  1 
ATOM   629  C CG  . GLN A 1 94  ? -12.524 -3.775  3.421   1.00 23.18 ? 94  GLN A CG  1 
ATOM   630  C CD  . GLN A 1 94  ? -13.955 -4.410  3.417   1.00 30.94 ? 94  GLN A CD  1 
ATOM   631  O OE1 . GLN A 1 94  ? -14.126 -5.632  3.616   1.00 38.16 ? 94  GLN A OE1 1 
ATOM   632  N NE2 . GLN A 1 94  ? -14.957 -3.583  3.308   1.00 28.66 ? 94  GLN A NE2 1 
ATOM   633  N N   . LYS A 1 95  ? -9.625  -5.864  6.153   1.00 10.98 ? 95  LYS A N   1 
ATOM   634  C CA  . LYS A 1 95  ? -9.264  -6.633  7.312   1.00 12.63 ? 95  LYS A CA  1 
ATOM   635  C C   . LYS A 1 95  ? -8.243  -5.991  8.220   1.00 10.26 ? 95  LYS A C   1 
ATOM   636  O O   . LYS A 1 95  ? -8.286  -6.107  9.473   1.00 12.16 ? 95  LYS A O   1 
ATOM   637  C CB  . LYS A 1 95  ? -8.695  -7.965  6.916   1.00 16.10 ? 95  LYS A CB  1 
ATOM   638  C CG  . LYS A 1 95  ? -9.838  -8.898  6.684   1.00 20.63 ? 95  LYS A CG  1 
ATOM   639  C CD  . LYS A 1 95  ? -9.318  -10.108 6.038   1.00 28.41 ? 95  LYS A CD  1 
ATOM   640  C CE  . LYS A 1 95  ? -10.551 -10.910 5.701   1.00 33.28 ? 95  LYS A CE  1 
ATOM   641  N NZ  . LYS A 1 95  ? -10.969 -11.577 6.957   1.00 40.56 ? 95  LYS A NZ  1 
ATOM   642  N N   . ILE A 1 96  ? -7.253  -5.301  7.639   1.00 8.57  ? 96  ILE A N   1 
ATOM   643  C CA  . ILE A 1 96  ? -6.279  -4.653  8.449   1.00 7.64  ? 96  ILE A CA  1 
ATOM   644  C C   . ILE A 1 96  ? -6.876  -3.473  9.229   1.00 7.64  ? 96  ILE A C   1 
ATOM   645  O O   . ILE A 1 96  ? -6.603  -3.358  10.397  1.00 9.19  ? 96  ILE A O   1 
ATOM   646  C CB  . ILE A 1 96  ? -5.009  -4.231  7.586   1.00 6.63  ? 96  ILE A CB  1 
ATOM   647  C CG1 . ILE A 1 96  ? -4.367  -5.533  7.063   1.00 7.01  ? 96  ILE A CG1 1 
ATOM   648  C CG2 . ILE A 1 96  ? -4.037  -3.318  8.387   1.00 7.33  ? 96  ILE A CG2 1 
ATOM   649  C CD1 . ILE A 1 96  ? -3.570  -5.175  5.789   1.00 5.96  ? 96  ILE A CD1 1 
ATOM   650  N N   . LYS A 1 97  ? -7.593  -2.618  8.547   1.00 8.11  ? 97  LYS A N   1 
ATOM   651  C CA  . LYS A 1 97  ? -8.231  -1.402  9.204   1.00 8.24  ? 97  LYS A CA  1 
ATOM   652  C C   . LYS A 1 97  ? -9.313  -1.808  10.196  1.00 9.52  ? 97  LYS A C   1 
ATOM   653  O O   . LYS A 1 97  ? -9.494  -1.065  11.140  1.00 10.13 ? 97  LYS A O   1 
ATOM   654  C CB  . LYS A 1 97  ? -8.836  -0.538  8.162   1.00 8.65  ? 97  LYS A CB  1 
ATOM   655  C CG  . LYS A 1 97  ? -7.815  0.175   7.198   1.00 10.08 ? 97  LYS A CG  1 
ATOM   656  C CD  . LYS A 1 97  ? -7.120  1.303   7.911   1.00 13.99 ? 97  LYS A CD  1 
ATOM   657  C CE  . LYS A 1 97  ? -6.376  2.235   7.003   1.00 18.90 ? 97  LYS A CE  1 
ATOM   658  N NZ  . LYS A 1 97  ? -5.819  3.237   7.959   1.00 23.48 ? 97  LYS A NZ  1 
ATOM   659  N N   . SER A 1 98  ? -9.951  -2.922  10.030  1.00 9.42  ? 98  SER A N   1 
ATOM   660  C CA  . SER A 1 98  ? -10.954 -3.400  11.048  1.00 11.15 ? 98  SER A CA  1 
ATOM   661  C C   . SER A 1 98  ? -10.305 -3.926  12.308  1.00 11.99 ? 98  SER A C   1 
ATOM   662  O O   . SER A 1 98  ? -10.942 -4.120  13.412  1.00 13.77 ? 98  SER A O   1 
ATOM   663  C CB  . SER A 1 98  ? -11.797 -4.490  10.426  1.00 12.39 ? 98  SER A CB  1 
ATOM   664  O OG  . SER A 1 98  ? -11.162 -5.687  10.326  1.00 11.77 ? 98  SER A OG  1 
ATOM   665  N N   . GLY A 1 99  ? -9.012  -4.274  12.232  1.00 10.02 ? 99  GLY A N   1 
ATOM   666  C CA  . GLY A 1 99  ? -8.348  -4.930  13.343  1.00 12.10 ? 99  GLY A CA  1 
ATOM   667  C C   . GLY A 1 99  ? -8.514  -6.452  13.429  1.00 11.68 ? 99  GLY A C   1 
ATOM   668  O O   . GLY A 1 99  ? -7.906  -7.115  14.277  1.00 16.00 ? 99  GLY A O   1 
ATOM   669  N N   . GLU A 1 100 ? -9.209  -6.990  12.456  1.00 12.25 ? 100 GLU A N   1 
ATOM   670  C CA  . GLU A 1 100 ? -9.418  -8.428  12.370  1.00 15.21 ? 100 GLU A CA  1 
ATOM   671  C C   . GLU A 1 100 ? -8.086  -9.162  12.100  1.00 17.05 ? 100 GLU A C   1 
ATOM   672  O O   . GLU A 1 100 ? -7.796  -10.224 12.648  1.00 20.80 ? 100 GLU A O   1 
ATOM   673  C CB  . GLU A 1 100 ? -10.427 -8.709  11.310  1.00 21.14 ? 100 GLU A CB  1 
ATOM   674  C CG  . GLU A 1 100 ? -10.693 -10.203 11.081  1.00 33.09 ? 100 GLU A CG  1 
ATOM   675  C CD  . GLU A 1 100 ? -11.914 -10.481 10.200  1.00 44.40 ? 100 GLU A CD  1 
ATOM   676  O OE1 . GLU A 1 100 ? -12.492 -9.533  9.588   1.00 45.30 ? 100 GLU A OE1 1 
ATOM   677  O OE2 . GLU A 1 100 ? -12.299 -11.669 10.122  1.00 54.48 ? 100 GLU A OE2 1 
ATOM   678  N N   . GLU A 1 101 ? -7.277  -8.580  11.220  1.00 15.52 ? 101 GLU A N   1 
ATOM   679  C CA  . GLU A 1 101 ? -5.954  -9.190  10.926  1.00 16.00 ? 101 GLU A CA  1 
ATOM   680  C C   . GLU A 1 101 ? -4.908  -8.105  11.041  1.00 14.92 ? 101 GLU A C   1 
ATOM   681  O O   . GLU A 1 101 ? -5.244  -6.925  10.917  1.00 16.04 ? 101 GLU A O   1 
ATOM   682  C CB  . GLU A 1 101 ? -5.869  -9.687  9.447   1.00 20.24 ? 101 GLU A CB  1 
ATOM   683  C CG  . GLU A 1 101 ? -6.834  -10.766 9.068   1.00 25.72 ? 101 GLU A CG  1 
ATOM   684  C CD  . GLU A 1 101 ? -6.378  -12.107 9.602   1.00 33.98 ? 101 GLU A CD  1 
ATOM   685  O OE1 . GLU A 1 101 ? -5.304  -12.196 10.255  1.00 34.00 ? 101 GLU A OE1 1 
ATOM   686  O OE2 . GLU A 1 101 ? -7.131  -13.066 9.376   1.00 43.48 ? 101 GLU A OE2 1 
ATOM   687  N N   . ASP A 1 102 ? -3.626  -8.451  11.284  1.00 12.30 ? 102 ASP A N   1 
ATOM   688  C CA  . ASP A 1 102 ? -2.556  -7.455  11.347  1.00 13.26 ? 102 ASP A CA  1 
ATOM   689  C C   . ASP A 1 102 ? -1.936  -7.439  9.913   1.00 11.72 ? 102 ASP A C   1 
ATOM   690  O O   . ASP A 1 102 ? -2.007  -8.475  9.195   1.00 10.86 ? 102 ASP A O   1 
ATOM   691  C CB  . ASP A 1 102 ? -1.383  -7.931  12.255  1.00 15.85 ? 102 ASP A CB  1 
ATOM   692  C CG  . ASP A 1 102 ? -1.679  -7.887  13.706  0.70 20.02 ? 102 ASP A CG  1 
ATOM   693  O OD1 . ASP A 1 102 ? -2.481  -7.012  14.170  0.70 20.93 ? 102 ASP A OD1 1 
ATOM   694  O OD2 . ASP A 1 102 ? -1.055  -8.708  14.358  0.70 19.69 ? 102 ASP A OD2 1 
ATOM   695  N N   . PHE A 1 103 ? -1.385  -6.289  9.558   1.00 9.71  ? 103 PHE A N   1 
ATOM   696  C CA  . PHE A 1 103 ? -0.708  -6.143  8.263   1.00 8.43  ? 103 PHE A CA  1 
ATOM   697  C C   . PHE A 1 103 ? 0.357   -7.259  8.108   1.00 8.63  ? 103 PHE A C   1 
ATOM   698  O O   . PHE A 1 103 ? 0.437   -7.876  7.025   1.00 8.36  ? 103 PHE A O   1 
ATOM   699  C CB  . PHE A 1 103 ? -0.010  -4.796  8.205   1.00 8.72  ? 103 PHE A CB  1 
ATOM   700  C CG  . PHE A 1 103 ? 0.812   -4.591  6.989   1.00 10.76 ? 103 PHE A CG  1 
ATOM   701  C CD1 . PHE A 1 103 ? 0.310   -3.969  5.841   1.00 12.15 ? 103 PHE A CD1 1 
ATOM   702  C CD2 . PHE A 1 103 ? 2.120   -5.137  7.008   1.00 10.78 ? 103 PHE A CD2 1 
ATOM   703  C CE1 . PHE A 1 103 ? 1.196   -3.908  4.724   1.00 10.99 ? 103 PHE A CE1 1 
ATOM   704  C CE2 . PHE A 1 103 ? 2.886   -5.057  5.930   1.00 13.96 ? 103 PHE A CE2 1 
ATOM   705  C CZ  . PHE A 1 103 ? 2.416   -4.453  4.840   1.00 10.92 ? 103 PHE A CZ  1 
ATOM   706  N N   . GLU A 1 104 ? 1.121   -7.505  9.152   1.00 8.79  ? 104 GLU A N   1 
ATOM   707  C CA  . GLU A 1 104 ? 2.213   -8.484  9.080   1.00 10.17 ? 104 GLU A CA  1 
ATOM   708  C C   . GLU A 1 104 ? 1.753   -9.851  8.762   1.00 10.31 ? 104 GLU A C   1 
ATOM   709  O O   . GLU A 1 104 ? 2.503   -10.577 7.966   1.00 11.63 ? 104 GLU A O   1 
ATOM   710  C CB  . GLU A 1 104 ? 2.954   -8.505  10.446  1.00 11.36 ? 104 GLU A CB  1 
ATOM   711  C CG  . GLU A 1 104 ? 3.699   -7.243  10.666  1.00 11.51 ? 104 GLU A CG  1 
ATOM   712  C CD  . GLU A 1 104 ? 2.845   -6.212  11.455  1.00 15.15 ? 104 GLU A CD  1 
ATOM   713  O OE1 . GLU A 1 104 ? 1.573   -6.276  11.484  1.00 12.79 ? 104 GLU A OE1 1 
ATOM   714  O OE2 . GLU A 1 104 ? 3.537   -5.369  12.059  1.00 17.87 ? 104 GLU A OE2 1 
ATOM   715  N N   . SER A 1 105 ? 0.621   -10.246 9.310   1.00 10.39 ? 105 SER A N   1 
ATOM   716  C CA  . SER A 1 105 ? 0.060   -11.524 9.092   1.00 11.37 ? 105 SER A CA  1 
ATOM   717  C C   . SER A 1 105 ? -0.367  -11.743 7.632   1.00 11.26 ? 105 SER A C   1 
ATOM   718  O O   . SER A 1 105 ? -0.014  -12.715 6.975   1.00 11.52 ? 105 SER A O   1 
ATOM   719  C CB  . SER A 1 105 ? -1.096  -11.793 10.001  1.00 14.07 ? 105 SER A CB  1 
ATOM   720  O OG  . SER A 1 105 ? -1.525  -13.088 9.740   1.00 18.08 ? 105 SER A OG  1 
ATOM   721  N N   . LEU A 1 106 ? -1.100  -10.782 7.111   1.00 8.78  ? 106 LEU A N   1 
ATOM   722  C CA  . LEU A 1 106 ? -1.512  -10.862 5.716   1.00 7.48  ? 106 LEU A CA  1 
ATOM   723  C C   . LEU A 1 106 ? -0.305  -10.713 4.791   1.00 8.09  ? 106 LEU A C   1 
ATOM   724  O O   . LEU A 1 106 ? -0.326  -11.339 3.703   1.00 8.94  ? 106 LEU A O   1 
ATOM   725  C CB  . LEU A 1 106 ? -2.535  -9.753  5.366   1.00 8.15  ? 106 LEU A CB  1 
ATOM   726  C CG  . LEU A 1 106 ? -3.780  -9.960  6.258   1.00 9.00  ? 106 LEU A CG  1 
ATOM   727  C CD1 . LEU A 1 106 ? -4.800  -8.894  5.780   1.00 9.30  ? 106 LEU A CD1 1 
ATOM   728  C CD2 . LEU A 1 106 ? -4.364  -11.321 6.172   1.00 11.02 ? 106 LEU A CD2 1 
ATOM   729  N N   . ALA A 1 107 ? 0.646   -9.856  5.109   1.00 7.10  ? 107 ALA A N   1 
ATOM   730  C CA  . ALA A 1 107 ? 1.843   -9.709  4.164   1.00 5.88  ? 107 ALA A CA  1 
ATOM   731  C C   . ALA A 1 107 ? 2.559   -11.087 4.144   1.00 7.72  ? 107 ALA A C   1 
ATOM   732  O O   . ALA A 1 107 ? 2.919   -11.597 3.008   1.00 6.87  ? 107 ALA A O   1 
ATOM   733  C CB  . ALA A 1 107 ? 2.799   -8.622  4.605   1.00 6.65  ? 107 ALA A CB  1 
ATOM   734  N N   . SER A 1 108 ? 2.755   -11.693 5.329   1.00 7.68  ? 108 SER A N   1 
ATOM   735  C CA  . SER A 1 108 ? 3.434   -13.074 5.391   1.00 7.97  ? 108 SER A CA  1 
ATOM   736  C C   . SER A 1 108 ? 2.676   -14.092 4.546   1.00 9.49  ? 108 SER A C   1 
ATOM   737  O O   . SER A 1 108 ? 3.343   -14.886 3.842   1.00 9.61  ? 108 SER A O   1 
ATOM   738  C CB  . SER A 1 108 ? 3.553   -13.563 6.874   1.00 7.45  ? 108 SER A CB  1 
ATOM   739  O OG  . SER A 1 108 ? 4.367   -12.597 7.554   1.00 11.40 ? 108 SER A OG  1 
ATOM   740  N N   . GLN A 1 109 ? 1.354   -14.110 4.596   1.00 8.66  ? 109 GLN A N   1 
ATOM   741  C CA  . GLN A 1 109 ? 0.549   -15.118 3.913   1.00 10.46 ? 109 GLN A CA  1 
ATOM   742  C C   . GLN A 1 109 ? 0.311   -14.823 2.480   1.00 11.49 ? 109 GLN A C   1 
ATOM   743  O O   . GLN A 1 109 ? 0.262   -15.773 1.660   1.00 14.47 ? 109 GLN A O   1 
ATOM   744  C CB  . GLN A 1 109 ? -0.790  -15.282 4.618   1.00 11.46 ? 109 GLN A CB  1 
ATOM   745  C CG  . GLN A 1 109 ? -0.609  -15.826 6.010   1.00 12.58 ? 109 GLN A CG  1 
ATOM   746  C CD  . GLN A 1 109 ? -1.926  -15.870 6.759   1.00 18.63 ? 109 GLN A CD  1 
ATOM   747  O OE1 . GLN A 1 109 ? -2.233  -14.969 7.582   1.00 22.02 ? 109 GLN A OE1 1 
ATOM   748  N NE2 . GLN A 1 109 ? -2.737  -16.796 6.413   1.00 16.94 ? 109 GLN A NE2 1 
ATOM   749  N N   . PHE A 1 110 ? 0.149   -13.568 2.122   1.00 9.90  ? 110 PHE A N   1 
ATOM   750  C CA  . PHE A 1 110 ? -0.443  -13.349 0.789   1.00 9.73  ? 110 PHE A CA  1 
ATOM   751  C C   . PHE A 1 110 ? 0.329   -12.494 -0.116  1.00 8.67  ? 110 PHE A C   1 
ATOM   752  O O   . PHE A 1 110 ? -0.091  -12.404 -1.318  1.00 10.71 ? 110 PHE A O   1 
ATOM   753  C CB  . PHE A 1 110 ? -1.913  -12.818 0.933   1.00 9.83  ? 110 PHE A CB  1 
ATOM   754  C CG  . PHE A 1 110 ? -2.765  -13.722 1.752   1.00 11.24 ? 110 PHE A CG  1 
ATOM   755  C CD1 . PHE A 1 110 ? -3.039  -15.031 1.324   1.00 15.19 ? 110 PHE A CD1 1 
ATOM   756  C CD2 . PHE A 1 110 ? -3.293  -13.298 2.971   1.00 12.35 ? 110 PHE A CD2 1 
ATOM   757  C CE1 . PHE A 1 110 ? -3.743  -15.909 2.084   1.00 14.55 ? 110 PHE A CE1 1 
ATOM   758  C CE2 . PHE A 1 110 ? -4.119  -14.166 3.703   1.00 13.72 ? 110 PHE A CE2 1 
ATOM   759  C CZ  . PHE A 1 110 ? -4.341  -15.453 3.278   1.00 15.15 ? 110 PHE A CZ  1 
ATOM   760  N N   . SER A 1 111 ? 1.430   -11.824 0.294   1.00 7.48  ? 111 SER A N   1 
ATOM   761  C CA  . SER A 1 111 ? 2.185   -10.970 -0.568  1.00 7.28  ? 111 SER A CA  1 
ATOM   762  C C   . SER A 1 111 ? 2.932   -11.776 -1.642  1.00 8.00  ? 111 SER A C   1 
ATOM   763  O O   . SER A 1 111 ? 3.572   -12.795 -1.292  1.00 9.75  ? 111 SER A O   1 
ATOM   764  C CB  . SER A 1 111 ? 3.163   -10.141 0.135   1.00 5.99  ? 111 SER A CB  1 
ATOM   765  O OG  . SER A 1 111 ? 3.944   -9.241  -0.651  1.00 6.61  ? 111 SER A OG  1 
ATOM   766  N N   . ASP A 1 112 ? 2.791   -11.285 -2.867  1.00 7.75  ? 112 ASP A N   1 
ATOM   767  C CA  . ASP A 1 112 ? 3.591   -11.903 -4.026  1.00 10.46 ? 112 ASP A CA  1 
ATOM   768  C C   . ASP A 1 112 ? 5.024   -11.429 -4.065  1.00 14.43 ? 112 ASP A C   1 
ATOM   769  O O   . ASP A 1 112 ? 5.704   -11.454 -5.116  1.00 20.88 ? 112 ASP A O   1 
ATOM   770  C CB  . ASP A 1 112 ? 2.858   -11.520 -5.329  1.00 10.13 ? 112 ASP A CB  1 
ATOM   771  C CG  . ASP A 1 112 ? 1.645   -12.415 -5.581  1.00 10.65 ? 112 ASP A CG  1 
ATOM   772  O OD1 . ASP A 1 112 ? 1.705   -13.642 -5.374  1.00 13.56 ? 112 ASP A OD1 1 
ATOM   773  O OD2 . ASP A 1 112 ? 0.571   -11.829 -5.990  1.00 11.22 ? 112 ASP A OD2 1 
ATOM   774  N N   . CYS A 1 113 ? 5.590   -10.887 -3.002  1.00 15.11 ? 113 CYS A N   1 
ATOM   775  C CA  . CYS A 1 113 ? 6.979   -10.475 -3.001  1.00 11.78 ? 113 CYS A CA  1 
ATOM   776  C C   . CYS A 1 113 ? 7.710   -11.392 -2.028  1.00 12.49 ? 113 CYS A C   1 
ATOM   777  O O   . CYS A 1 113 ? 7.114   -11.898 -1.079  1.00 13.29 ? 113 CYS A O   1 
ATOM   778  C CB  . CYS A 1 113 ? 7.097   -9.059  -2.414  1.00 11.21 ? 113 CYS A CB  1 
ATOM   779  S SG  . CYS A 1 113 ? 8.650   -8.343  -2.369  1.00 12.15 ? 113 CYS A SG  1 
ATOM   780  N N   . SER A 1 114 ? 8.991   -11.644 -2.300  1.00 12.24 ? 114 SER A N   1 
ATOM   781  C CA  . SER A 1 114 ? 9.755   -12.515 -1.409  1.00 13.36 ? 114 SER A CA  1 
ATOM   782  C C   . SER A 1 114 ? 9.971   -11.832 -0.054  1.00 13.92 ? 114 SER A C   1 
ATOM   783  O O   . SER A 1 114 ? 10.333  -12.530 0.916   1.00 15.50 ? 114 SER A O   1 
ATOM   784  C CB  . SER A 1 114 ? 11.098  -12.906 -2.055  1.00 14.06 ? 114 SER A CB  1 
ATOM   785  O OG  . SER A 1 114 ? 11.870  -11.770 -2.272  1.00 18.51 ? 114 SER A OG  1 
ATOM   786  N N   . SER A 1 115 ? 9.760   -10.489 0.029   1.00 12.04 ? 115 SER A N   1 
ATOM   787  C CA  . SER A 1 115 ? 9.748   -9.870  1.373   1.00 9.18  ? 115 SER A CA  1 
ATOM   788  C C   . SER A 1 115 ? 8.634   -10.472 2.259   1.00 7.85  ? 115 SER A C   1 
ATOM   789  O O   . SER A 1 115 ? 8.655   -10.146 3.480   1.00 6.86  ? 115 SER A O   1 
ATOM   790  C CB  . SER A 1 115 ? 9.681   -8.387  1.336   1.00 9.88  ? 115 SER A CB  1 
ATOM   791  O OG  . SER A 1 115 ? 8.414   -8.024  0.653   1.00 11.18 ? 115 SER A OG  1 
ATOM   792  N N   . ALA A 1 116 ? 7.646   -11.276 1.814   1.00 7.79  ? 116 ALA A N   1 
ATOM   793  C CA  . ALA A 1 116 ? 6.648   -11.902 2.569   1.00 7.54  ? 116 ALA A CA  1 
ATOM   794  C C   . ALA A 1 116 ? 7.341   -12.704 3.761   1.00 9.28  ? 116 ALA A C   1 
ATOM   795  O O   . ALA A 1 116 ? 6.717   -12.814 4.837   1.00 9.78  ? 116 ALA A O   1 
ATOM   796  C CB  . ALA A 1 116 ? 5.751   -12.891 1.748   1.00 7.76  ? 116 ALA A CB  1 
ATOM   797  N N   . LYS A 1 117 ? 8.569   -13.220 3.471   1.00 9.06  ? 117 LYS A N   1 
ATOM   798  C CA  . LYS A 1 117 ? 9.202   -14.085 4.438   1.00 11.26 ? 117 LYS A CA  1 
ATOM   799  C C   . LYS A 1 117 ? 9.669   -13.266 5.642   1.00 9.26  ? 117 LYS A C   1 
ATOM   800  O O   . LYS A 1 117 ? 10.021  -13.843 6.717   1.00 9.51  ? 117 LYS A O   1 
ATOM   801  C CB  . LYS A 1 117 ? 10.451  -14.703 3.792   1.00 12.08 ? 117 LYS A CB  1 
ATOM   802  C CG  . LYS A 1 117 ? 10.086  -15.525 2.544   1.00 22.34 ? 117 LYS A CG  1 
ATOM   803  C CD  . LYS A 1 117 ? 9.137   -16.657 2.835   1.00 26.55 ? 117 LYS A CD  1 
ATOM   804  C CE  . LYS A 1 117 ? 9.002   -17.590 1.593   1.00 32.81 ? 117 LYS A CE  1 
ATOM   805  N NZ  . LYS A 1 117 ? 10.329  -18.064 1.061   1.00 30.34 ? 117 LYS A NZ  1 
ATOM   806  N N   . ALA A 1 118 ? 9.678   -11.953 5.541   1.00 8.40  ? 118 ALA A N   1 
ATOM   807  C CA  . ALA A 1 118 ? 10.033  -11.025 6.592   1.00 6.78  ? 118 ALA A CA  1 
ATOM   808  C C   . ALA A 1 118 ? 8.822   -10.097 6.957   1.00 6.56  ? 118 ALA A C   1 
ATOM   809  O O   . ALA A 1 118 ? 9.078   -8.928  7.277   1.00 7.11  ? 118 ALA A O   1 
ATOM   810  C CB  . ALA A 1 118 ? 11.269  -10.211 6.222   1.00 7.94  ? 118 ALA A CB  1 
ATOM   811  N N   . ARG A 1 119 ? 7.637   -10.648 6.921   1.00 6.91  ? 119 ARG A N   1 
ATOM   812  C CA  . ARG A 1 119 ? 6.402   -9.911  7.308   1.00 7.91  ? 119 ARG A CA  1 
ATOM   813  C C   . ARG A 1 119 ? 6.276   -8.678  6.384   1.00 7.77  ? 119 ARG A C   1 
ATOM   814  O O   . ARG A 1 119 ? 5.642   -7.648  6.783   1.00 8.18  ? 119 ARG A O   1 
ATOM   815  C CB  . ARG A 1 119 ? 6.490   -9.439  8.795   1.00 8.37  ? 119 ARG A CB  1 
ATOM   816  C CG  . ARG A 1 119 ? 6.432   -10.675 9.702   1.00 10.13 ? 119 ARG A CG  1 
ATOM   817  C CD  . ARG A 1 119 ? 6.757   -10.243 11.215  1.00 12.18 ? 119 ARG A CD  1 
ATOM   818  N NE  . ARG A 1 119 ? 6.619   -11.475 12.021  1.00 17.60 ? 119 ARG A NE  1 
ATOM   819  C CZ  . ARG A 1 119 ? 5.882   -11.669 13.152  1.00 20.80 ? 119 ARG A CZ  1 
ATOM   820  N NH1 . ARG A 1 119 ? 5.186   -10.654 13.757  1.00 24.81 ? 119 ARG A NH1 1 
ATOM   821  N NH2 . ARG A 1 119 ? 5.792   -12.901 13.675  1.00 19.74 ? 119 ARG A NH2 1 
ATOM   822  N N   . GLY A 1 120 ? 6.800   -8.753  5.176   1.00 7.82  ? 120 GLY A N   1 
ATOM   823  C CA  . GLY A 1 120 ? 6.748   -7.638  4.240   1.00 8.46  ? 120 GLY A CA  1 
ATOM   824  C C   . GLY A 1 120 ? 7.785   -6.555  4.312   1.00 8.06  ? 120 GLY A C   1 
ATOM   825  O O   . GLY A 1 120 ? 7.808   -5.612  3.470   1.00 9.02  ? 120 GLY A O   1 
ATOM   826  N N   . ASP A 1 121 ? 8.673   -6.602  5.326   1.00 7.62  ? 121 ASP A N   1 
ATOM   827  C CA  . ASP A 1 121 ? 9.644   -5.574  5.488   1.00 8.15  ? 121 ASP A CA  1 
ATOM   828  C C   . ASP A 1 121 ? 10.629  -5.492  4.335   1.00 8.98  ? 121 ASP A C   1 
ATOM   829  O O   . ASP A 1 121 ? 11.181  -6.538  3.901   1.00 11.54 ? 121 ASP A O   1 
ATOM   830  C CB  . ASP A 1 121 ? 10.431  -5.927  6.782   1.00 9.31  ? 121 ASP A CB  1 
ATOM   831  C CG  . ASP A 1 121 ? 11.468  -4.911  7.070   1.00 11.73 ? 121 ASP A CG  1 
ATOM   832  O OD1 . ASP A 1 121 ? 11.292  -3.672  6.927   1.00 11.52 ? 121 ASP A OD1 1 
ATOM   833  O OD2 . ASP A 1 121 ? 12.581  -5.364  7.590   1.00 13.66 ? 121 ASP A OD2 1 
ATOM   834  N N   . LEU A 1 122 ? 10.824  -4.265  3.860   1.00 9.91  ? 122 LEU A N   1 
ATOM   835  C CA  . LEU A 1 122 ? 11.812  -3.869  2.845   1.00 10.54 ? 122 LEU A CA  1 
ATOM   836  C C   . LEU A 1 122 ? 13.074  -3.309  3.416   1.00 11.88 ? 122 LEU A C   1 
ATOM   837  O O   . LEU A 1 122 ? 13.985  -2.935  2.631   1.00 15.72 ? 122 LEU A O   1 
ATOM   838  C CB  . LEU A 1 122 ? 11.200  -2.895  1.824   1.00 10.37 ? 122 LEU A CB  1 
ATOM   839  C CG  . LEU A 1 122 ? 10.112  -3.656  1.053   1.00 11.19 ? 122 LEU A CG  1 
ATOM   840  C CD1 . LEU A 1 122 ? 9.366   -2.589  0.250   1.00 11.70 ? 122 LEU A CD1 1 
ATOM   841  C CD2 . LEU A 1 122 ? 10.518  -4.813  0.149   1.00 11.08 ? 122 LEU A CD2 1 
ATOM   842  N N   . GLY A 1 123 ? 13.100  -2.988  4.738   1.00 14.29 ? 123 GLY A N   1 
ATOM   843  C CA  . GLY A 1 123 ? 14.163  -2.196  5.234   1.00 13.67 ? 123 GLY A CA  1 
ATOM   844  C C   . GLY A 1 123 ? 14.119  -0.735  4.933   1.00 14.38 ? 123 GLY A C   1 
ATOM   845  O O   . GLY A 1 123 ? 13.100  -0.212  4.384   1.00 12.61 ? 123 GLY A O   1 
ATOM   846  N N   . ALA A 1 124 ? 15.159  -0.026  5.295   1.00 14.18 ? 124 ALA A N   1 
ATOM   847  C CA  . ALA A 1 124 ? 15.231  1.405   5.102   1.00 15.47 ? 124 ALA A CA  1 
ATOM   848  C C   . ALA A 1 124 ? 15.799  1.747   3.753   1.00 18.02 ? 124 ALA A C   1 
ATOM   849  O O   . ALA A 1 124 ? 16.593  1.024   3.187   1.00 18.49 ? 124 ALA A O   1 
ATOM   850  C CB  . ALA A 1 124 ? 16.000  2.094   6.247   1.00 16.34 ? 124 ALA A CB  1 
ATOM   851  N N   . PHE A 1 125 ? 15.295  2.826   3.194   1.00 15.44 ? 125 PHE A N   1 
ATOM   852  C CA  . PHE A 1 125 ? 15.689  3.290   1.829   1.00 16.06 ? 125 PHE A CA  1 
ATOM   853  C C   . PHE A 1 125 ? 15.605  4.810   1.707   1.00 18.59 ? 125 PHE A C   1 
ATOM   854  O O   . PHE A 1 125 ? 14.908  5.479   2.514   1.00 17.26 ? 125 PHE A O   1 
ATOM   855  C CB  . PHE A 1 125 ? 14.957  2.548   0.761   1.00 15.77 ? 125 PHE A CB  1 
ATOM   856  C CG  . PHE A 1 125 ? 13.441  2.659   0.866   1.00 16.34 ? 125 PHE A CG  1 
ATOM   857  C CD1 . PHE A 1 125 ? 12.779  3.718   0.262   1.00 17.57 ? 125 PHE A CD1 1 
ATOM   858  C CD2 . PHE A 1 125 ? 12.748  1.643   1.530   1.00 16.71 ? 125 PHE A CD2 1 
ATOM   859  C CE1 . PHE A 1 125 ? 11.355  3.791   0.360   1.00 15.63 ? 125 PHE A CE1 1 
ATOM   860  C CE2 . PHE A 1 125 ? 11.347  1.695   1.629   1.00 14.86 ? 125 PHE A CE2 1 
ATOM   861  C CZ  . PHE A 1 125 ? 10.687  2.793   1.030   1.00 15.04 ? 125 PHE A CZ  1 
ATOM   862  N N   . SER A 1 126 ? 16.409  5.411   0.814   1.00 19.42 ? 126 SER A N   1 
ATOM   863  C CA  . SER A 1 126 ? 16.370  6.820   0.674   1.00 19.77 ? 126 SER A CA  1 
ATOM   864  C C   . SER A 1 126 ? 15.647  7.066   -0.676  1.00 19.75 ? 126 SER A C   1 
ATOM   865  O O   . SER A 1 126 ? 15.310  6.141   -1.447  1.00 18.33 ? 126 SER A O   1 
ATOM   866  C CB  . SER A 1 126 ? 17.845  7.361   0.592   1.00 24.08 ? 126 SER A CB  1 
ATOM   867  O OG  . SER A 1 126 ? 18.325  6.781   -0.596  1.00 28.75 ? 126 SER A OG  1 
ATOM   868  N N   . ARG A 1 127 ? 15.413  8.333   -1.012  1.00 20.10 ? 127 ARG A N   1 
ATOM   869  C CA  . ARG A 1 127 ? 14.849  8.555   -2.331  1.00 20.02 ? 127 ARG A CA  1 
ATOM   870  C C   . ARG A 1 127 ? 15.904  8.196   -3.358  1.00 24.50 ? 127 ARG A C   1 
ATOM   871  O O   . ARG A 1 127 ? 17.094  8.284   -3.059  1.00 23.46 ? 127 ARG A O   1 
ATOM   872  C CB  . ARG A 1 127 ? 14.429  10.000  -2.503  1.00 21.59 ? 127 ARG A CB  1 
ATOM   873  C CG  . ARG A 1 127 ? 13.109  10.322  -1.792  1.00 20.53 ? 127 ARG A CG  1 
ATOM   874  C CD  . ARG A 1 127 ? 12.530  11.481  -2.545  1.00 19.06 ? 127 ARG A CD  1 
ATOM   875  N NE  . ARG A 1 127 ? 11.314  12.003  -1.942  1.00 19.46 ? 127 ARG A NE  1 
ATOM   876  C CZ  . ARG A 1 127 ? 10.101  11.744  -2.449  1.00 14.28 ? 127 ARG A CZ  1 
ATOM   877  N NH1 . ARG A 1 127 ? 9.952   10.920  -3.466  1.00 13.62 ? 127 ARG A NH1 1 
ATOM   878  N NH2 . ARG A 1 127 ? 9.070   12.248  -1.805  1.00 15.64 ? 127 ARG A NH2 1 
ATOM   879  N N   . GLY A 1 128 ? 15.455  7.694   -4.493  1.00 23.29 ? 128 GLY A N   1 
ATOM   880  C CA  . GLY A 1 128 ? 16.343  7.253   -5.556  1.00 26.90 ? 128 GLY A CA  1 
ATOM   881  C C   . GLY A 1 128 ? 16.445  5.765   -5.795  1.00 32.14 ? 128 GLY A C   1 
ATOM   882  O O   . GLY A 1 128 ? 17.070  5.353   -6.768  1.00 38.07 ? 128 GLY A O   1 
ATOM   883  N N   . GLN A 1 129 ? 15.848  4.946   -4.931  1.00 26.09 ? 129 GLN A N   1 
ATOM   884  C CA  . GLN A 1 129 ? 16.053  3.490   -4.939  1.00 23.78 ? 129 GLN A CA  1 
ATOM   885  C C   . GLN A 1 129 ? 14.861  2.664   -5.442  1.00 22.58 ? 129 GLN A C   1 
ATOM   886  O O   . GLN A 1 129 ? 15.033  1.724   -6.189  1.00 23.17 ? 129 GLN A O   1 
ATOM   887  C CB  . GLN A 1 129 ? 16.434  2.983   -3.498  1.00 24.04 ? 129 GLN A CB  1 
ATOM   888  C CG  . GLN A 1 129 ? 17.647  3.615   -2.813  1.00 27.75 ? 129 GLN A CG  1 
ATOM   889  C CD  . GLN A 1 129 ? 17.946  3.038   -1.401  1.00 26.83 ? 129 GLN A CD  1 
ATOM   890  O OE1 . GLN A 1 129 ? 18.205  3.770   -0.442  1.00 26.59 ? 129 GLN A OE1 1 
ATOM   891  N NE2 . GLN A 1 129 ? 17.817  1.722   -1.264  1.00 35.92 ? 129 GLN A NE2 1 
ATOM   892  N N   . MET A 1 130 ? 13.617  3.014   -5.036  1.00 18.95 ? 130 MET A N   1 
ATOM   893  C CA  . MET A 1 130 ? 12.423  2.228   -5.389  1.00 18.10 ? 130 MET A CA  1 
ATOM   894  C C   . MET A 1 130 ? 11.668  2.820   -6.613  1.00 18.05 ? 130 MET A C   1 
ATOM   895  O O   . MET A 1 130 ? 11.842  4.009   -6.835  1.00 23.75 ? 130 MET A O   1 
ATOM   896  C CB  . MET A 1 130 ? 11.457  2.319   -4.133  1.00 17.22 ? 130 MET A CB  1 
ATOM   897  C CG  . MET A 1 130 ? 12.060  1.758   -2.844  1.00 19.67 ? 130 MET A CG  1 
ATOM   898  S SD  . MET A 1 130 ? 12.471  0.019   -2.943  1.00 24.60 ? 130 MET A SD  1 
ATOM   899  C CE  . MET A 1 130 ? 12.995  -0.425  -1.279  1.00 23.23 ? 130 MET A CE  1 
ATOM   900  N N   . GLN A 1 131 ? 10.789  2.047   -7.247  1.00 17.09 ? 131 GLN A N   1 
ATOM   901  C CA  . GLN A 1 131 ? 9.841   2.553   -8.314  1.00 18.69 ? 131 GLN A CA  1 
ATOM   902  C C   . GLN A 1 131 ? 9.147   3.845   -7.827  1.00 19.15 ? 131 GLN A C   1 
ATOM   903  O O   . GLN A 1 131 ? 8.868   4.050   -6.641  1.00 16.25 ? 131 GLN A O   1 
ATOM   904  C CB  . GLN A 1 131 ? 8.855   1.487   -8.727  1.00 22.37 ? 131 GLN A CB  1 
ATOM   905  C CG  . GLN A 1 131 ? 9.465   0.248   -9.407  1.00 26.80 ? 131 GLN A CG  1 
ATOM   906  C CD  . GLN A 1 131 ? 8.446   -0.865  -9.641  1.00 29.94 ? 131 GLN A CD  1 
ATOM   907  O OE1 . GLN A 1 131 ? 8.059   -1.575  -8.715  1.00 37.57 ? 131 GLN A OE1 1 
ATOM   908  N NE2 . GLN A 1 131 ? 7.959   -0.965  -10.852 1.00 32.52 ? 131 GLN A NE2 1 
ATOM   909  N N   . LYS A 1 132 ? 9.008   4.850   -8.692  1.00 16.17 ? 132 LYS A N   1 
ATOM   910  C CA  . LYS A 1 132 ? 8.662   6.184   -8.181  1.00 15.02 ? 132 LYS A CA  1 
ATOM   911  C C   . LYS A 1 132 ? 7.302   6.211   -7.385  1.00 12.60 ? 132 LYS A C   1 
ATOM   912  O O   . LYS A 1 132 ? 7.294   6.994   -6.388  1.00 13.53 ? 132 LYS A O   1 
ATOM   913  C CB  . LYS A 1 132 ? 8.625   7.276   -9.318  1.00 17.56 ? 132 LYS A CB  1 
ATOM   914  C CG  . LYS A 1 132 ? 9.686   8.290   -9.057  1.00 20.24 ? 132 LYS A CG  1 
ATOM   915  C CD  . LYS A 1 132 ? 9.000   9.469   -8.458  1.00 22.64 ? 132 LYS A CD  1 
ATOM   916  C CE  . LYS A 1 132 ? 9.911   10.206  -7.518  1.00 23.95 ? 132 LYS A CE  1 
ATOM   917  N NZ  . LYS A 1 132 ? 9.232   11.451  -7.034  1.00 27.71 ? 132 LYS A NZ  1 
ATOM   918  N N   . PRO A 1 133 ? 6.243   5.572   -7.937  1.00 13.43 ? 133 PRO A N   1 
ATOM   919  C CA  . PRO A 1 133 ? 4.898   5.621   -7.200  1.00 11.96 ? 133 PRO A CA  1 
ATOM   920  C C   . PRO A 1 133 ? 5.109   5.044   -5.796  1.00 13.49 ? 133 PRO A C   1 
ATOM   921  O O   . PRO A 1 133 ? 4.569   5.624   -4.825  1.00 12.55 ? 133 PRO A O   1 
ATOM   922  C CB  . PRO A 1 133 ? 3.988   4.706   -8.018  1.00 13.18 ? 133 PRO A CB  1 
ATOM   923  C CG  . PRO A 1 133 ? 4.571   4.818   -9.445  1.00 14.08 ? 133 PRO A CG  1 
ATOM   924  C CD  . PRO A 1 133 ? 6.070   4.715   -9.105  1.00 12.56 ? 133 PRO A CD  1 
ATOM   925  N N   . PHE A 1 134 ? 5.919   3.978   -5.725  1.00 10.44 ? 134 PHE A N   1 
ATOM   926  C CA  . PHE A 1 134 ? 6.148   3.351   -4.352  1.00 9.04  ? 134 PHE A CA  1 
ATOM   927  C C   . PHE A 1 134 ? 6.925   4.289   -3.477  1.00 9.81  ? 134 PHE A C   1 
ATOM   928  O O   . PHE A 1 134 ? 6.629   4.569   -2.286  1.00 8.27  ? 134 PHE A O   1 
ATOM   929  C CB  . PHE A 1 134 ? 6.874   2.015   -4.546  1.00 9.31  ? 134 PHE A CB  1 
ATOM   930  C CG  . PHE A 1 134 ? 6.973   1.198   -3.269  1.00 8.17  ? 134 PHE A CG  1 
ATOM   931  C CD1 . PHE A 1 134 ? 6.084   0.135   -3.082  1.00 7.77  ? 134 PHE A CD1 1 
ATOM   932  C CD2 . PHE A 1 134 ? 7.939   1.503   -2.283  1.00 8.69  ? 134 PHE A CD2 1 
ATOM   933  C CE1 . PHE A 1 134 ? 6.097   -0.674  -1.918  1.00 8.21  ? 134 PHE A CE1 1 
ATOM   934  C CE2 . PHE A 1 134 ? 7.960   0.690   -1.128  1.00 8.33  ? 134 PHE A CE2 1 
ATOM   935  C CZ  . PHE A 1 134 ? 7.070   -0.343  -0.984  1.00 8.47  ? 134 PHE A CZ  1 
ATOM   936  N N   . GLU A 1 135 ? 8.068   4.835   -3.971  1.00 8.77  ? 135 GLU A N   1 
ATOM   937  C CA  . GLU A 1 135 ? 8.794   5.856   -3.276  1.00 10.01 ? 135 GLU A CA  1 
ATOM   938  C C   . GLU A 1 135 ? 7.957   7.082   -2.747  1.00 8.92  ? 135 GLU A C   1 
ATOM   939  O O   . GLU A 1 135 ? 8.060   7.523   -1.607  1.00 8.56  ? 135 GLU A O   1 
ATOM   940  C CB  . GLU A 1 135 ? 9.942   6.353   -4.183  1.00 11.51 ? 135 GLU A CB  1 
ATOM   941  C CG  . GLU A 1 135 ? 10.642  7.521   -3.586  1.00 13.99 ? 135 GLU A CG  1 
ATOM   942  C CD  . GLU A 1 135 ? 11.732  8.114   -4.556  1.00 17.21 ? 135 GLU A CD  1 
ATOM   943  O OE1 . GLU A 1 135 ? 11.681  9.358   -4.796  1.00 18.38 ? 135 GLU A OE1 1 
ATOM   944  O OE2 . GLU A 1 135 ? 12.567  7.244   -5.019  1.00 18.51 ? 135 GLU A OE2 1 
ATOM   945  N N   . ASP A 1 136 ? 7.175   7.696   -3.688  1.00 9.80  ? 136 ASP A N   1 
ATOM   946  C CA  . ASP A 1 136 ? 6.446   8.870   -3.347  1.00 9.48  ? 136 ASP A CA  1 
ATOM   947  C C   . ASP A 1 136 ? 5.388   8.539   -2.233  1.00 7.43  ? 136 ASP A C   1 
ATOM   948  O O   . ASP A 1 136 ? 5.296   9.284   -1.297  1.00 7.86  ? 136 ASP A O   1 
ATOM   949  C CB  . ASP A 1 136 ? 5.700   9.353   -4.571  1.00 10.07 ? 136 ASP A CB  1 
ATOM   950  C CG  . ASP A 1 136 ? 6.614   10.088  -5.566  1.00 14.61 ? 136 ASP A CG  1 
ATOM   951  O OD1 . ASP A 1 136 ? 7.768   10.385  -5.186  1.00 14.44 ? 136 ASP A OD1 1 
ATOM   952  O OD2 . ASP A 1 136 ? 6.067   10.339  -6.664  1.00 15.26 ? 136 ASP A OD2 1 
ATOM   953  N N   . ALA A 1 137 ? 4.802   7.387   -2.365  1.00 8.43  ? 137 ALA A N   1 
ATOM   954  C CA  . ALA A 1 137 ? 3.786   7.007   -1.262  1.00 7.50  ? 137 ALA A CA  1 
ATOM   955  C C   . ALA A 1 137 ? 4.513   6.794   0.079   1.00 7.62  ? 137 ALA A C   1 
ATOM   956  O O   . ALA A 1 137 ? 4.158   7.376   1.081   1.00 8.31  ? 137 ALA A O   1 
ATOM   957  C CB  . ALA A 1 137 ? 3.034   5.805   -1.682  1.00 7.23  ? 137 ALA A CB  1 
ATOM   958  N N   . SER A 1 138 ? 5.653   6.120   0.031   1.00 7.74  ? 138 SER A N   1 
ATOM   959  C CA  . SER A 1 138 ? 6.395   5.812   1.250   1.00 8.29  ? 138 SER A CA  1 
ATOM   960  C C   . SER A 1 138 ? 6.872   7.040   1.979   1.00 8.12  ? 138 SER A C   1 
ATOM   961  O O   . SER A 1 138 ? 6.787   7.181   3.210   1.00 10.44 ? 138 SER A O   1 
ATOM   962  C CB  . SER A 1 138 ? 7.642   5.002   0.771   1.00 6.11  ? 138 SER A CB  1 
ATOM   963  O OG  . SER A 1 138 ? 7.353   3.708   0.309   1.00 6.76  ? 138 SER A OG  1 
ATOM   964  N N   . PHE A 1 139 ? 7.281   8.094   1.245   1.00 9.13  ? 139 PHE A N   1 
ATOM   965  C CA  . PHE A 1 139 ? 7.841   9.280   1.891   1.00 10.19 ? 139 PHE A CA  1 
ATOM   966  C C   . PHE A 1 139 ? 6.783   10.234  2.284   1.00 10.33 ? 139 PHE A C   1 
ATOM   967  O O   . PHE A 1 139 ? 7.015   11.149  3.088   1.00 13.77 ? 139 PHE A O   1 
ATOM   968  C CB  . PHE A 1 139 ? 8.872   9.985   0.899   1.00 10.98 ? 139 PHE A CB  1 
ATOM   969  C CG  . PHE A 1 139 ? 10.280  9.375   1.010   1.00 12.22 ? 139 PHE A CG  1 
ATOM   970  C CD1 . PHE A 1 139 ? 11.198  9.912   1.978   1.00 14.47 ? 139 PHE A CD1 1 
ATOM   971  C CD2 . PHE A 1 139 ? 10.600  8.254   0.256   1.00 12.28 ? 139 PHE A CD2 1 
ATOM   972  C CE1 . PHE A 1 139 ? 12.446  9.272   2.153   1.00 11.92 ? 139 PHE A CE1 1 
ATOM   973  C CE2 . PHE A 1 139 ? 11.877  7.615   0.425   1.00 13.14 ? 139 PHE A CE2 1 
ATOM   974  C CZ  . PHE A 1 139 ? 12.747  8.189   1.382   1.00 11.54 ? 139 PHE A CZ  1 
ATOM   975  N N   . ALA A 1 140 ? 5.567   10.018  1.715   1.00 9.60  ? 140 ALA A N   1 
ATOM   976  C CA  . ALA A 1 140 ? 4.427   10.870  2.064   1.00 9.83  ? 140 ALA A CA  1 
ATOM   977  C C   . ALA A 1 140 ? 3.613   10.284  3.260   1.00 9.04  ? 140 ALA A C   1 
ATOM   978  O O   . ALA A 1 140 ? 2.919   11.023  3.939   1.00 11.77 ? 140 ALA A O   1 
ATOM   979  C CB  . ALA A 1 140 ? 3.517   11.069  0.874   1.00 9.89  ? 140 ALA A CB  1 
ATOM   980  N N   . LEU A 1 141 ? 3.856   9.041   3.627   1.00 8.84  ? 141 LEU A N   1 
ATOM   981  C CA  . LEU A 1 141 ? 3.159   8.461   4.822   1.00 7.59  ? 141 LEU A CA  1 
ATOM   982  C C   . LEU A 1 141 ? 3.771   8.939   6.089   1.00 8.53  ? 141 LEU A C   1 
ATOM   983  O O   . LEU A 1 141 ? 5.023   9.184   6.108   1.00 10.37 ? 141 LEU A O   1 
ATOM   984  C CB  . LEU A 1 141 ? 3.353   6.901   4.786   1.00 6.71  ? 141 LEU A CB  1 
ATOM   985  C CG  . LEU A 1 141 ? 2.602   6.098   3.749   1.00 6.75  ? 141 LEU A CG  1 
ATOM   986  C CD1 . LEU A 1 141 ? 3.046   4.616   3.619   1.00 6.69  ? 141 LEU A CD1 1 
ATOM   987  C CD2 . LEU A 1 141 ? 1.053   6.143   4.032   1.00 6.92  ? 141 LEU A CD2 1 
ATOM   988  N N   . ARG A 1 142 ? 2.974   9.057   7.158   1.00 8.57  ? 142 ARG A N   1 
ATOM   989  C CA  . ARG A 1 142 ? 3.476   9.284   8.515   1.00 10.37 ? 142 ARG A CA  1 
ATOM   990  C C   . ARG A 1 142 ? 3.977   7.929   9.047   1.00 8.39  ? 142 ARG A C   1 
ATOM   991  O O   . ARG A 1 142 ? 3.535   6.857   8.588   1.00 8.14  ? 142 ARG A O   1 
ATOM   992  C CB  . ARG A 1 142 ? 2.321   9.736   9.430   1.00 12.47 ? 142 ARG A CB  1 
ATOM   993  C CG  . ARG A 1 142 ? 1.719   11.057  8.966   1.00 21.18 ? 142 ARG A CG  1 
ATOM   994  C CD  . ARG A 1 142 ? 2.729   12.149  8.746   1.00 29.24 ? 142 ARG A CD  1 
ATOM   995  N NE  . ARG A 1 142 ? 3.409   12.674  9.952   1.00 40.09 ? 142 ARG A NE  1 
ATOM   996  C CZ  . ARG A 1 142 ? 3.308   13.937  10.407  1.00 45.24 ? 142 ARG A CZ  1 
ATOM   997  N NH1 . ARG A 1 142 ? 2.528   14.821  9.799   1.00 49.55 ? 142 ARG A NH1 1 
ATOM   998  N NH2 . ARG A 1 142 ? 3.990   14.327  11.483  1.00 53.61 ? 142 ARG A NH2 1 
ATOM   999  N N   . THR A 1 143 ? 4.807   7.954   10.094  1.00 10.59 ? 143 THR A N   1 
ATOM   1000 C CA  . THR A 1 143 ? 5.218   6.666   10.714  1.00 11.01 ? 143 THR A CA  1 
ATOM   1001 C C   . THR A 1 143 ? 4.010   6.008   11.307  1.00 10.41 ? 143 THR A C   1 
ATOM   1002 O O   . THR A 1 143 ? 3.229   6.674   12.073  1.00 11.31 ? 143 THR A O   1 
ATOM   1003 C CB  . THR A 1 143 ? 6.202   6.951   11.848  1.00 12.77 ? 143 THR A CB  1 
ATOM   1004 O OG1 . THR A 1 143 ? 7.323   7.637   11.309  1.00 16.27 ? 143 THR A OG1 1 
ATOM   1005 C CG2 . THR A 1 143 ? 6.669   5.673   12.562  1.00 13.32 ? 143 THR A CG2 1 
ATOM   1006 N N   . GLY A 1 144 ? 3.845   4.720   11.001  1.00 9.03  ? 144 GLY A N   1 
ATOM   1007 C CA  . GLY A 1 144 ? 2.696   3.954   11.432  1.00 8.91  ? 144 GLY A CA  1 
ATOM   1008 C C   . GLY A 1 144 ? 1.518   3.941   10.483  1.00 7.85  ? 144 GLY A C   1 
ATOM   1009 O O   . GLY A 1 144 ? 0.610   3.144   10.643  1.00 10.03 ? 144 GLY A O   1 
ATOM   1010 N N   . GLU A 1 145 ? 1.521   4.857   9.504   1.00 6.84  ? 145 GLU A N   1 
ATOM   1011 C CA  . GLU A 1 145 ? 0.453   4.984   8.556   1.00 5.99  ? 145 GLU A CA  1 
ATOM   1012 C C   . GLU A 1 145 ? 0.590   3.975   7.391   1.00 6.03  ? 145 GLU A C   1 
ATOM   1013 O O   . GLU A 1 145 ? 1.691   3.625   6.887   1.00 6.49  ? 145 GLU A O   1 
ATOM   1014 C CB  . GLU A 1 145 ? 0.431   6.417   7.996   1.00 6.01  ? 145 GLU A CB  1 
ATOM   1015 C CG  . GLU A 1 145 ? -0.838  6.724   7.172   1.00 6.58  ? 145 GLU A CG  1 
ATOM   1016 C CD  . GLU A 1 145 ? -0.794  8.127   6.630   1.00 8.09  ? 145 GLU A CD  1 
ATOM   1017 O OE1 . GLU A 1 145 ? 0.270   8.784   6.641   1.00 9.03  ? 145 GLU A OE1 1 
ATOM   1018 O OE2 . GLU A 1 145 ? -1.893  8.598   6.129   1.00 8.76  ? 145 GLU A OE2 1 
ATOM   1019 N N   . MET A 1 146 ? -0.574  3.537   6.935   1.00 6.04  ? 146 MET A N   1 
ATOM   1020 C CA  . MET A 1 146 ? -0.656  2.579   5.824   1.00 5.51  ? 146 MET A CA  1 
ATOM   1021 C C   . MET A 1 146 ? -1.285  3.306   4.660   1.00 5.29  ? 146 MET A C   1 
ATOM   1022 O O   . MET A 1 146 ? -2.269  4.149   4.755   1.00 5.84  ? 146 MET A O   1 
ATOM   1023 C CB  . MET A 1 146 ? -1.575  1.421   6.248   1.00 5.97  ? 146 MET A CB  1 
ATOM   1024 C CG  . MET A 1 146 ? -1.542  0.221   5.238   1.00 7.35  ? 146 MET A CG  1 
ATOM   1025 S SD  . MET A 1 146 ? -2.534  -1.135  5.860   1.00 10.14 ? 146 MET A SD  1 
ATOM   1026 C CE  . MET A 1 146 ? -4.186  -0.537  5.606   1.00 10.35 ? 146 MET A CE  1 
ATOM   1027 N N   . SER A 1 147 ? -0.770  2.970   3.480   1.00 4.22  ? 147 SER A N   1 
ATOM   1028 C CA  . SER A 1 147 ? -1.338  3.566   2.244   1.00 4.53  ? 147 SER A CA  1 
ATOM   1029 C C   . SER A 1 147 ? -2.651  2.956   1.836   1.00 4.69  ? 147 SER A C   1 
ATOM   1030 O O   . SER A 1 147 ? -3.074  1.919   2.361   1.00 5.53  ? 147 SER A O   1 
ATOM   1031 C CB  . SER A 1 147 ? -0.268  3.281   1.098   1.00 4.40  ? 147 SER A CB  1 
ATOM   1032 O OG  . SER A 1 147 ? -0.293  1.927   0.641   1.00 4.43  ? 147 SER A OG  1 
ATOM   1033 N N   . GLY A 1 148 ? -3.306  3.581   0.813   1.00 4.90  ? 148 GLY A N   1 
ATOM   1034 C CA  . GLY A 1 148 ? -4.275  2.846   0.030   1.00 5.97  ? 148 GLY A CA  1 
ATOM   1035 C C   . GLY A 1 148 ? -3.593  2.009   -1.051  1.00 7.56  ? 148 GLY A C   1 
ATOM   1036 O O   . GLY A 1 148 ? -2.388  1.764   -1.030  1.00 7.23  ? 148 GLY A O   1 
ATOM   1037 N N   . PRO A 1 149 ? -4.361  1.482   -2.022  1.00 8.12  ? 149 PRO A N   1 
ATOM   1038 C CA  . PRO A 1 149 ? -3.743  0.713   -3.118  1.00 9.26  ? 149 PRO A CA  1 
ATOM   1039 C C   . PRO A 1 149 ? -2.763  1.593   -3.854  1.00 9.98  ? 149 PRO A C   1 
ATOM   1040 O O   . PRO A 1 149 ? -3.071  2.786   -4.267  1.00 11.75 ? 149 PRO A O   1 
ATOM   1041 C CB  . PRO A 1 149 ? -5.018  0.296   -3.987  1.00 10.10 ? 149 PRO A CB  1 
ATOM   1042 C CG  . PRO A 1 149 ? -6.177  0.210   -2.974  1.00 10.95 ? 149 PRO A CG  1 
ATOM   1043 C CD  . PRO A 1 149 ? -5.840  1.483   -2.136  1.00 8.56  ? 149 PRO A CD  1 
ATOM   1044 N N   . VAL A 1 150 ? -1.529  1.110   -4.081  1.00 9.66  ? 150 VAL A N   1 
ATOM   1045 C CA  . VAL A 1 150 ? -0.475  1.901   -4.793  1.00 8.63  ? 150 VAL A CA  1 
ATOM   1046 C C   . VAL A 1 150 ? 0.011   1.078   -6.000  1.00 10.92 ? 150 VAL A C   1 
ATOM   1047 O O   . VAL A 1 150 ? 0.209   -0.090  -5.882  1.00 8.69  ? 150 VAL A O   1 
ATOM   1048 C CB  . VAL A 1 150 ? 0.742   2.283   -3.911  1.00 8.90  ? 150 VAL A CB  1 
ATOM   1049 C CG1 . VAL A 1 150 ? 1.882   2.882   -4.736  1.00 9.73  ? 150 VAL A CG1 1 
ATOM   1050 C CG2 . VAL A 1 150 ? 0.297   3.279   -2.842  1.00 9.44  ? 150 VAL A CG2 1 
ATOM   1051 N N   . PHE A 1 151 ? -0.059  1.710   -7.212  1.00 12.47 ? 151 PHE A N   1 
ATOM   1052 C CA  . PHE A 1 151 ? 0.143   0.934   -8.472  1.00 13.90 ? 151 PHE A CA  1 
ATOM   1053 C C   . PHE A 1 151 ? 1.506   1.218   -9.056  1.00 12.25 ? 151 PHE A C   1 
ATOM   1054 O O   . PHE A 1 151 ? 1.992   2.383   -9.129  1.00 13.64 ? 151 PHE A O   1 
ATOM   1055 C CB  . PHE A 1 151 ? -0.922  1.444   -9.470  1.00 13.61 ? 151 PHE A CB  1 
ATOM   1056 C CG  . PHE A 1 151 ? -2.316  1.217   -9.028  1.00 12.85 ? 151 PHE A CG  1 
ATOM   1057 C CD1 . PHE A 1 151 ? -3.003  0.130   -9.361  1.00 14.45 ? 151 PHE A CD1 1 
ATOM   1058 C CD2 . PHE A 1 151 ? -2.964  2.193   -8.207  1.00 12.53 ? 151 PHE A CD2 1 
ATOM   1059 C CE1 . PHE A 1 151 ? -4.308  -0.109  -8.982  1.00 18.11 ? 151 PHE A CE1 1 
ATOM   1060 C CE2 . PHE A 1 151 ? -4.284  1.934   -7.853  1.00 12.01 ? 151 PHE A CE2 1 
ATOM   1061 C CZ  . PHE A 1 151 ? -4.955  0.809   -8.180  1.00 14.49 ? 151 PHE A CZ  1 
ATOM   1062 N N   . THR A 1 152 ? 2.222   0.107   -9.261  1.00 12.77 ? 152 THR A N   1 
ATOM   1063 C CA  . THR A 1 152 ? 3.512   0.162   -9.865  1.00 14.38 ? 152 THR A CA  1 
ATOM   1064 C C   . THR A 1 152 ? 3.509   -0.811  -11.031 1.00 14.65 ? 152 THR A C   1 
ATOM   1065 O O   . THR A 1 152 ? 2.639   -1.646  -11.170 1.00 13.83 ? 152 THR A O   1 
ATOM   1066 C CB  . THR A 1 152 ? 4.668   -0.247  -8.916  1.00 13.98 ? 152 THR A CB  1 
ATOM   1067 O OG1 . THR A 1 152 ? 4.523   -1.650  -8.633  1.00 14.56 ? 152 THR A OG1 1 
ATOM   1068 C CG2 . THR A 1 152 ? 4.650   0.649   -7.625  1.00 13.38 ? 152 THR A CG2 1 
ATOM   1069 N N   . ASP A 1 153 ? 4.607   -0.796  -11.801 1.00 19.58 ? 153 ASP A N   1 
ATOM   1070 C CA  . ASP A 1 153 ? 4.740   -1.896  -12.750 1.00 20.31 ? 153 ASP A CA  1 
ATOM   1071 C C   . ASP A 1 153 ? 4.803   -3.302  -12.143 1.00 21.02 ? 153 ASP A C   1 
ATOM   1072 O O   . ASP A 1 153 ? 4.564   -4.327  -12.812 1.00 18.42 ? 153 ASP A O   1 
ATOM   1073 C CB  . ASP A 1 153 ? 5.957   -1.634  -13.623 1.00 22.59 ? 153 ASP A CB  1 
ATOM   1074 C CG  . ASP A 1 153 ? 5.699   -0.478  -14.573 1.00 30.39 ? 153 ASP A CG  1 
ATOM   1075 O OD1 . ASP A 1 153 ? 4.497   -0.128  -14.747 1.00 29.25 ? 153 ASP A OD1 1 
ATOM   1076 O OD2 . ASP A 1 153 ? 6.671   0.115   -15.074 1.00 38.63 ? 153 ASP A OD2 1 
ATOM   1077 N N   . SER A 1 154 ? 5.142   -3.442  -10.835 1.00 15.97 ? 154 SER A N   1 
ATOM   1078 C CA  . SER A 1 154 ? 5.111   -4.780  -10.299 1.00 14.72 ? 154 SER A CA  1 
ATOM   1079 C C   . SER A 1 154 ? 3.740   -5.365  -9.957  1.00 13.95 ? 154 SER A C   1 
ATOM   1080 O O   . SER A 1 154 ? 3.595   -6.545  -9.923  1.00 15.10 ? 154 SER A O   1 
ATOM   1081 C CB  . SER A 1 154 ? 5.901   -4.803  -8.971  1.00 15.70 ? 154 SER A CB  1 
ATOM   1082 O OG  . SER A 1 154 ? 7.251   -4.438  -9.107  1.00 21.51 ? 154 SER A OG  1 
ATOM   1083 N N   . GLY A 1 155 ? 2.747   -4.489  -9.651  1.00 11.37 ? 155 GLY A N   1 
ATOM   1084 C CA  . GLY A 1 155 ? 1.444   -4.981  -9.247  1.00 12.24 ? 155 GLY A CA  1 
ATOM   1085 C C   . GLY A 1 155 ? 0.835   -3.846  -8.408  1.00 10.38 ? 155 GLY A C   1 
ATOM   1086 O O   . GLY A 1 155 ? 1.130   -2.644  -8.623  1.00 13.84 ? 155 GLY A O   1 
ATOM   1087 N N   . ILE A 1 156 ? -0.004  -4.292  -7.478  1.00 8.95  ? 156 ILE A N   1 
ATOM   1088 C CA  . ILE A 1 156 ? -0.627  -3.242  -6.634  1.00 7.18  ? 156 ILE A CA  1 
ATOM   1089 C C   . ILE A 1 156 ? -0.048  -3.551  -5.190  1.00 7.03  ? 156 ILE A C   1 
ATOM   1090 O O   . ILE A 1 156 ? -0.098  -4.731  -4.767  1.00 7.09  ? 156 ILE A O   1 
ATOM   1091 C CB  . ILE A 1 156 ? -2.138  -3.485  -6.626  1.00 8.82  ? 156 ILE A CB  1 
ATOM   1092 C CG1 . ILE A 1 156 ? -2.818  -3.524  -8.115  1.00 9.95  ? 156 ILE A CG1 1 
ATOM   1093 C CG2 . ILE A 1 156 ? -2.810  -2.312  -5.914  1.00 10.21 ? 156 ILE A CG2 1 
ATOM   1094 C CD1 . ILE A 1 156 ? -4.231  -4.143  -7.998  1.00 11.77 ? 156 ILE A CD1 1 
ATOM   1095 N N   . HIS A 1 157 ? 0.275   -2.454  -4.506  1.00 6.86  ? 157 HIS A N   1 
ATOM   1096 C CA  . HIS A 1 157 ? 0.906   -2.612  -3.108  1.00 5.85  ? 157 HIS A CA  1 
ATOM   1097 C C   . HIS A 1 157 ? -0.108  -1.969  -2.052  1.00 6.32  ? 157 HIS A C   1 
ATOM   1098 O O   . HIS A 1 157 ? -0.781  -0.949  -2.320  1.00 6.30  ? 157 HIS A O   1 
ATOM   1099 C CB  . HIS A 1 157 ? 2.125   -1.849  -3.042  1.00 6.61  ? 157 HIS A CB  1 
ATOM   1100 C CG  . HIS A 1 157 ? 3.100   -2.173  -4.162  1.00 7.53  ? 157 HIS A CG  1 
ATOM   1101 N ND1 . HIS A 1 157 ? 4.289   -2.843  -3.923  1.00 7.87  ? 157 HIS A ND1 1 
ATOM   1102 C CD2 . HIS A 1 157 ? 3.067   -1.870  -5.504  1.00 9.36  ? 157 HIS A CD2 1 
ATOM   1103 C CE1 . HIS A 1 157 ? 4.938   -2.966  -5.100  1.00 8.86  ? 157 HIS A CE1 1 
ATOM   1104 N NE2 . HIS A 1 157 ? 4.226   -2.381  -6.060  1.00 9.54  ? 157 HIS A NE2 1 
ATOM   1105 N N   . ILE A 1 158 ? 0.018   -2.554  -0.864  1.00 4.68  ? 158 ILE A N   1 
ATOM   1106 C CA  . ILE A 1 158 ? -0.358  -1.796  0.381   1.00 5.49  ? 158 ILE A CA  1 
ATOM   1107 C C   . ILE A 1 158 ? 0.970   -1.542  1.046   1.00 4.94  ? 158 ILE A C   1 
ATOM   1108 O O   . ILE A 1 158 ? 1.748   -2.501  1.221   1.00 5.97  ? 158 ILE A O   1 
ATOM   1109 C CB  . ILE A 1 158 ? -1.200  -2.694  1.244   1.00 6.29  ? 158 ILE A CB  1 
ATOM   1110 C CG1 . ILE A 1 158 ? -2.566  -3.018  0.561   1.00 9.10  ? 158 ILE A CG1 1 
ATOM   1111 C CG2 . ILE A 1 158 ? -1.567  -1.960  2.602   1.00 6.63  ? 158 ILE A CG2 1 
ATOM   1112 C CD1 . ILE A 1 158 ? -3.153  -4.210  1.264   1.00 11.36 ? 158 ILE A CD1 1 
ATOM   1113 N N   . ILE A 1 159 ? 1.271   -0.340  1.476   1.00 4.57  ? 159 ILE A N   1 
ATOM   1114 C CA  . ILE A 1 159 ? 2.572   0.040   2.031   1.00 5.33  ? 159 ILE A CA  1 
ATOM   1115 C C   . ILE A 1 159 ? 2.343   0.497   3.502   1.00 4.98  ? 159 ILE A C   1 
ATOM   1116 O O   . ILE A 1 159 ? 1.420   1.300   3.729   1.00 5.52  ? 159 ILE A O   1 
ATOM   1117 C CB  . ILE A 1 159 ? 3.168   1.194   1.289   1.00 6.56  ? 159 ILE A CB  1 
ATOM   1118 C CG1 . ILE A 1 159 ? 3.283   0.793   -0.201  1.00 7.14  ? 159 ILE A CG1 1 
ATOM   1119 C CG2 . ILE A 1 159 ? 4.565   1.525   1.827   1.00 7.03  ? 159 ILE A CG2 1 
ATOM   1120 C CD1 . ILE A 1 159 ? 3.847   1.944   -1.062  1.00 9.02  ? 159 ILE A CD1 1 
ATOM   1121 N N   . LEU A 1 160 ? 3.141   -0.065  4.432   1.00 4.60  ? 160 LEU A N   1 
ATOM   1122 C CA  . LEU A 1 160 ? 3.115   0.424   5.845   1.00 4.62  ? 160 LEU A CA  1 
ATOM   1123 C C   . LEU A 1 160 ? 4.479   1.084   6.139   1.00 4.81  ? 160 LEU A C   1 
ATOM   1124 O O   . LEU A 1 160 ? 5.494   0.436   6.037   1.00 5.65  ? 160 LEU A O   1 
ATOM   1125 C CB  . LEU A 1 160 ? 2.846   -0.789  6.756   1.00 4.79  ? 160 LEU A CB  1 
ATOM   1126 C CG  . LEU A 1 160 ? 2.990   -0.429  8.236   1.00 5.25  ? 160 LEU A CG  1 
ATOM   1127 C CD1 . LEU A 1 160 ? 1.790   0.496   8.563   1.00 6.83  ? 160 LEU A CD1 1 
ATOM   1128 C CD2 . LEU A 1 160 ? 2.997   -1.750  8.980   1.00 5.36  ? 160 LEU A CD2 1 
ATOM   1129 N N   . ARG A 1 161 ? 4.472   2.345   6.517   1.00 5.29  ? 161 ARG A N   1 
ATOM   1130 C CA  . ARG A 1 161 ? 5.719   3.026   6.908   1.00 6.20  ? 161 ARG A CA  1 
ATOM   1131 C C   . ARG A 1 161 ? 5.956   2.636   8.377   1.00 6.60  ? 161 ARG A C   1 
ATOM   1132 O O   . ARG A 1 161 ? 5.113   2.957   9.235   1.00 6.83  ? 161 ARG A O   1 
ATOM   1133 C CB  . ARG A 1 161 ? 5.654   4.545   6.662   1.00 6.76  ? 161 ARG A CB  1 
ATOM   1134 C CG  . ARG A 1 161 ? 6.854   5.167   7.334   1.00 7.85  ? 161 ARG A CG  1 
ATOM   1135 C CD  . ARG A 1 161 ? 6.946   6.661   6.964   1.00 9.56  ? 161 ARG A CD  1 
ATOM   1136 N NE  . ARG A 1 161 ? 8.120   7.140   7.700   1.00 11.27 ? 161 ARG A NE  1 
ATOM   1137 C CZ  . ARG A 1 161 ? 8.235   8.396   8.098   1.00 12.54 ? 161 ARG A CZ  1 
ATOM   1138 N NH1 . ARG A 1 161 ? 7.307   9.366   7.778   1.00 10.98 ? 161 ARG A NH1 1 
ATOM   1139 N NH2 . ARG A 1 161 ? 9.351   8.752   8.771   1.00 13.78 ? 161 ARG A NH2 1 
ATOM   1140 N N   . THR A 1 162 ? 7.108   2.064   8.680   1.00 7.60  ? 162 THR A N   1 
ATOM   1141 C CA  . THR A 1 162 ? 7.381   1.582   10.051  1.00 9.40  ? 162 THR A CA  1 
ATOM   1142 C C   . THR A 1 162 ? 8.379   2.509   10.794  1.00 11.22 ? 162 THR A C   1 
ATOM   1143 O O   . THR A 1 162 ? 8.409   2.520   12.020  1.00 13.38 ? 162 THR A O   1 
ATOM   1144 C CB  . THR A 1 162 ? 7.887   0.143   9.983   1.00 9.27  ? 162 THR A CB  1 
ATOM   1145 O OG1 . THR A 1 162 ? 9.016   0.126   9.155   1.00 9.32  ? 162 THR A OG1 1 
ATOM   1146 C CG2 . THR A 1 162 ? 6.752   -0.797  9.507   1.00 8.99  ? 162 THR A CG2 1 
ATOM   1147 N N   . GLU A 1 163 ? 9.166   3.246   10.045  1.00 10.34 ? 163 GLU A N   1 
ATOM   1148 C CA  . GLU A 1 163 ? 10.074  4.308   10.622  1.00 12.39 ? 163 GLU A CA  1 
ATOM   1149 C C   . GLU A 1 163 ? 10.259  5.410   9.628   1.00 13.44 ? 163 GLU A C   1 
ATOM   1150 O O   . GLU A 1 163 ? 10.736  6.468   10.099  1.00 14.83 ? 163 GLU A O   1 
ATOM   1151 C CB  . GLU A 1 163 ? 11.497  3.735   10.951  1.00 13.29 ? 163 GLU A CB  1 
ATOM   1152 C CG  . GLU A 1 163 ? 11.533  2.428   11.628  1.00 16.77 ? 163 GLU A CG  1 
ATOM   1153 C CD  . GLU A 1 163 ? 12.942  1.769   11.765  1.00 19.92 ? 163 GLU A CD  1 
ATOM   1154 O OE1 . GLU A 1 163 ? 13.940  2.267   11.141  1.00 25.90 ? 163 GLU A OE1 1 
ATOM   1155 O OE2 . GLU A 1 163 ? 12.929  0.686   12.433  1.00 24.61 ? 163 GLU A OE2 1 
ATOM   1156 O OXT . GLU A 1 163 ? 10.142  5.284   8.380   1.00 13.21 ? 163 GLU A OXT 1 
HETATM 1157 S S   . SO4 B 2 .   ? 8.946   -7.807  -9.811  0.80 37.06 ? 201 SO4 A S   1 
HETATM 1158 O O1  . SO4 B 2 .   ? 8.293   -7.011  -10.861 0.80 30.80 ? 201 SO4 A O1  1 
HETATM 1159 O O2  . SO4 B 2 .   ? 10.331  -8.002  -10.298 0.80 41.49 ? 201 SO4 A O2  1 
HETATM 1160 O O3  . SO4 B 2 .   ? 8.429   -9.161  -9.579  0.80 30.64 ? 201 SO4 A O3  1 
HETATM 1161 O O4  . SO4 B 2 .   ? 8.995   -7.047  -8.559  0.80 34.35 ? 201 SO4 A O4  1 
HETATM 1162 C CAA . O4B C 3 .   ? -11.861 5.272   7.081   1.00 18.75 ? 202 O4B A CAA 1 
HETATM 1163 O OAM . O4B C 3 .   ? -11.584 4.286   6.088   1.00 19.96 ? 202 O4B A OAM 1 
HETATM 1164 C CAC . O4B C 3 .   ? -11.820 2.966   6.503   1.00 23.66 ? 202 O4B A CAC 1 
HETATM 1165 C CAD . O4B C 3 .   ? -11.233 2.052   5.453   1.00 20.18 ? 202 O4B A CAD 1 
HETATM 1166 O OAO . O4B C 3 .   ? -12.028 2.129   4.301   1.00 22.12 ? 202 O4B A OAO 1 
HETATM 1167 C CAG . O4B C 3 .   ? -11.433 1.322   3.223   1.00 22.28 ? 202 O4B A CAG 1 
HETATM 1168 C CAH . O4B C 3 .   ? -12.238 1.516   2.001   1.00 23.81 ? 202 O4B A CAH 1 
HETATM 1169 O OAQ . O4B C 3 .   ? -12.035 2.927   1.542   1.00 22.16 ? 202 O4B A OAQ 1 
HETATM 1170 C CAK . O4B C 3 .   ? -12.820 3.234   0.481   1.00 24.61 ? 202 O4B A CAK 1 
HETATM 1171 C CAL . O4B C 3 .   ? -12.645 4.741   0.299   1.00 26.27 ? 202 O4B A CAL 1 
HETATM 1172 O OAR . O4B C 3 .   ? -13.768 5.435   0.877   1.00 28.05 ? 202 O4B A OAR 1 
HETATM 1173 C CAJ . O4B C 3 .   ? -13.730 6.892   1.170   1.00 24.22 ? 202 O4B A CAJ 1 
HETATM 1174 C CAI . O4B C 3 .   ? -13.316 7.027   2.657   1.00 17.86 ? 202 O4B A CAI 1 
HETATM 1175 O OAP . O4B C 3 .   ? -14.245 7.659   3.229   1.00 24.56 ? 202 O4B A OAP 1 
HETATM 1176 C CAF . O4B C 3 .   ? -13.824 8.288   4.457   1.00 17.41 ? 202 O4B A CAF 1 
HETATM 1177 C CAE . O4B C 3 .   ? -12.786 7.872   5.024   1.00 18.58 ? 202 O4B A CAE 1 
HETATM 1178 O OAN . O4B C 3 .   ? -12.967 6.600   5.472   1.00 16.59 ? 202 O4B A OAN 1 
HETATM 1179 C CAB . O4B C 3 .   ? -11.991 6.634   6.413   1.00 16.10 ? 202 O4B A CAB 1 
HETATM 1180 C CAA . O4B D 3 .   ? 10.704  -21.594 2.461   1.00 43.91 ? 203 O4B A CAA 1 
HETATM 1181 O OAM . O4B D 3 .   ? 11.140  -20.205 2.612   1.00 41.37 ? 203 O4B A OAM 1 
HETATM 1182 C CAC . O4B D 3 .   ? 12.108  -19.948 3.702   1.00 34.92 ? 203 O4B A CAC 1 
HETATM 1183 C CAD . O4B D 3 .   ? 12.193  -18.428 3.930   1.00 40.65 ? 203 O4B A CAD 1 
HETATM 1184 O OAO . O4B D 3 .   ? 13.127  -17.818 3.005   1.00 43.31 ? 203 O4B A OAO 1 
HETATM 1185 C CAG . O4B D 3 .   ? 13.258  -16.393 3.277   1.00 44.75 ? 203 O4B A CAG 1 
HETATM 1186 C CAH . O4B D 3 .   ? 13.910  -15.625 2.115   1.00 51.44 ? 203 O4B A CAH 1 
HETATM 1187 O OAQ . O4B D 3 .   ? 12.970  -15.129 1.072   1.00 56.16 ? 203 O4B A OAQ 1 
HETATM 1188 C CAK . O4B D 3 .   ? 13.744  -14.970 -0.183  1.00 51.04 ? 203 O4B A CAK 1 
HETATM 1189 C CAL . O4B D 3 .   ? 13.300  -15.947 -1.321  1.00 46.29 ? 203 O4B A CAL 1 
HETATM 1190 O OAR . O4B D 3 .   ? 11.974  -16.484 -1.092  1.00 44.47 ? 203 O4B A OAR 1 
HETATM 1191 C CAJ . O4B D 3 .   ? 11.312  -16.720 -2.364  1.00 46.02 ? 203 O4B A CAJ 1 
HETATM 1192 C CAI . O4B D 3 .   ? 11.369  -18.220 -2.743  1.00 42.44 ? 203 O4B A CAI 1 
HETATM 1193 O OAP . O4B D 3 .   ? 10.570  -19.040 -1.817  1.00 34.16 ? 203 O4B A OAP 1 
HETATM 1194 C CAF . O4B D 3 .   ? 10.173  -20.394 -2.188  1.00 33.24 ? 203 O4B A CAF 1 
HETATM 1195 C CAE . O4B D 3 .   ? 9.298   -20.916 -1.029  1.00 38.99 ? 203 O4B A CAE 1 
HETATM 1196 O OAN . O4B D 3 .   ? 10.250  -21.030 0.107   1.00 43.29 ? 203 O4B A OAN 1 
HETATM 1197 C CAB . O4B D 3 .   ? 9.727   -21.771 1.244   1.00 41.63 ? 203 O4B A CAB 1 
HETATM 1198 S S1  . DTT E 4 .   ? 8.285   -6.102  -5.180  1.00 64.12 ? 204 DTT A S1  1 
HETATM 1199 C C1  . DTT E 4 .   ? 7.734   -4.493  -5.828  1.00 41.42 ? 204 DTT A C1  1 
HETATM 1200 C C2  . DTT E 4 .   ? 8.830   -3.434  -5.808  1.00 45.63 ? 204 DTT A C2  1 
HETATM 1201 O O2  . DTT E 4 .   ? 10.053  -3.995  -5.301  1.00 55.45 ? 204 DTT A O2  1 
HETATM 1202 C C3  . DTT E 4 .   ? 8.554   -2.282  -4.859  1.00 42.20 ? 204 DTT A C3  1 
HETATM 1203 O O3  . DTT E 4 .   ? 9.434   -2.450  -3.748  1.00 41.76 ? 204 DTT A O3  1 
HETATM 1204 C C4  . DTT E 4 .   ? 8.794   -0.905  -5.462  1.00 36.98 ? 204 DTT A C4  1 
HETATM 1205 S S4  . DTT E 4 .   ? 10.427  -0.583  -6.161  1.00 48.22 ? 204 DTT A S4  1 
HETATM 1206 O O   . HOH F 5 .   ? 9.208   -2.301  7.975   1.00 11.19 ? 301 HOH A O   1 
HETATM 1207 O O   . HOH F 5 .   ? 0.490   11.075  5.137   1.00 11.35 ? 302 HOH A O   1 
HETATM 1208 O O   . HOH F 5 .   ? -1.284  9.583   3.595   1.00 11.16 ? 303 HOH A O   1 
HETATM 1209 O O   . HOH F 5 .   ? -4.423  5.048   6.187   1.00 19.09 ? 304 HOH A O   1 
HETATM 1210 O O   . HOH F 5 .   ? -6.565  4.747   4.136   1.00 15.17 ? 305 HOH A O   1 
HETATM 1211 O O   . HOH F 5 .   ? -5.878  1.971   3.234   1.00 18.20 ? 306 HOH A O   1 
HETATM 1212 O O   . HOH F 5 .   ? -4.232  7.810   6.671   1.00 14.89 ? 307 HOH A O   1 
HETATM 1213 O O   . HOH F 5 .   ? 6.094   1.840   -11.388 1.00 25.97 ? 308 HOH A O   1 
HETATM 1214 O O   . HOH F 5 .   ? 6.316   11.749  -1.714  1.00 13.03 ? 309 HOH A O   1 
HETATM 1215 O O   . HOH F 5 .   ? -8.993  20.416  -0.303  1.00 23.56 ? 310 HOH A O   1 
HETATM 1216 O O   . HOH F 5 .   ? -17.311 8.069   -1.039  1.00 25.13 ? 311 HOH A O   1 
HETATM 1217 O O   . HOH F 5 .   ? 0.430   13.566  6.116   1.00 23.29 ? 312 HOH A O   1 
HETATM 1218 O O   . HOH F 5 .   ? -12.424 18.108  9.732   1.00 29.08 ? 313 HOH A O   1 
HETATM 1219 O O   . HOH F 5 .   ? -18.729 16.376  7.937   1.00 25.22 ? 314 HOH A O   1 
HETATM 1220 O O   . HOH F 5 .   ? 6.982   13.423  1.381   1.00 41.02 ? 315 HOH A O   1 
HETATM 1221 O O   . HOH F 5 .   ? 15.927  10.608  0.450   1.00 25.92 ? 316 HOH A O   1 
HETATM 1222 O O   . HOH F 5 .   ? 12.920  7.799   9.007   1.00 28.54 ? 317 HOH A O   1 
HETATM 1223 O O   . HOH F 5 .   ? 6.114   -7.841  -11.201 1.00 26.21 ? 318 HOH A O   1 
HETATM 1224 O O   . HOH F 5 .   ? -11.977 -3.656  -5.801  1.00 32.50 ? 319 HOH A O   1 
HETATM 1225 O O   . HOH F 5 .   ? -10.836 -1.532  1.304   1.00 17.46 ? 320 HOH A O   1 
HETATM 1226 O O   . HOH F 5 .   ? -9.036  -10.674 2.872   1.00 31.36 ? 321 HOH A O   1 
HETATM 1227 O O   . HOH F 5 .   ? -10.286 -10.906 -6.558  1.00 24.08 ? 322 HOH A O   1 
HETATM 1228 O O   . HOH F 5 .   ? 1.239   14.264  1.310   1.00 25.62 ? 323 HOH A O   1 
HETATM 1229 O O   . HOH F 5 .   ? 5.918   12.055  5.773   1.00 30.74 ? 324 HOH A O   1 
HETATM 1230 O O   . HOH F 5 .   ? 5.542   13.074  -4.315  1.00 35.16 ? 325 HOH A O   1 
HETATM 1231 O O   . HOH F 5 .   ? 16.305  -1.344  2.460   1.00 32.86 ? 326 HOH A O   1 
HETATM 1232 O O   . HOH F 5 .   ? 9.583   -3.344  10.549  1.00 26.51 ? 327 HOH A O   1 
HETATM 1233 O O   . HOH F 5 .   ? -0.374  -15.093 -6.156  1.00 20.08 ? 328 HOH A O   1 
HETATM 1234 O O   . HOH F 5 .   ? -1.174  -12.269 -3.674  1.00 13.04 ? 329 HOH A O   1 
HETATM 1235 O O   . HOH F 5 .   ? -3.743  -12.161 -3.042  1.00 18.58 ? 330 HOH A O   1 
HETATM 1236 O O   . HOH F 5 .   ? -3.306  -15.245 -10.482 1.00 27.66 ? 331 HOH A O   1 
HETATM 1237 O O   . HOH F 5 .   ? -4.762  -15.112 -3.441  1.00 28.71 ? 332 HOH A O   1 
HETATM 1238 O O   . HOH F 5 .   ? -8.868  -10.003 0.048   1.00 18.59 ? 333 HOH A O   1 
HETATM 1239 O O   . HOH F 5 .   ? 6.349   -5.761  8.624   1.00 11.45 ? 334 HOH A O   1 
HETATM 1240 O O   . HOH F 5 .   ? 13.364  5.401   -3.344  1.00 22.72 ? 335 HOH A O   1 
HETATM 1241 O O   . HOH F 5 .   ? 2.099   7.608   -5.420  1.00 14.06 ? 336 HOH A O   1 
HETATM 1242 O O   . HOH F 5 .   ? -0.625  -2.393  -11.034 1.00 25.72 ? 337 HOH A O   1 
HETATM 1243 O O   . HOH F 5 .   ? -4.490  -7.419  -15.901 1.00 29.72 ? 338 HOH A O   1 
HETATM 1244 O O   . HOH F 5 .   ? -7.666  2.356   1.069   1.00 25.58 ? 339 HOH A O   1 
HETATM 1245 O O   . HOH F 5 .   ? -9.274  0.328   -0.216  1.00 21.35 ? 340 HOH A O   1 
HETATM 1246 O O   . HOH F 5 .   ? 10.149  -8.446  9.880   1.00 29.57 ? 341 HOH A O   1 
HETATM 1247 O O   . HOH F 5 .   ? -7.668  -12.756 4.300   1.00 43.64 ? 342 HOH A O   1 
HETATM 1248 O O   . HOH F 5 .   ? -8.913  -12.900 -0.159  1.00 30.04 ? 343 HOH A O   1 
HETATM 1249 O O   . HOH F 5 .   ? -6.632  -14.393 -0.043  1.00 32.16 ? 344 HOH A O   1 
HETATM 1250 O O   . HOH F 5 .   ? -0.463  -18.400 2.748   1.00 26.46 ? 345 HOH A O   1 
HETATM 1251 O O   . HOH F 5 .   ? -2.279  -18.834 4.736   1.00 27.25 ? 346 HOH A O   1 
HETATM 1252 O O   . HOH F 5 .   ? 7.765   -7.153  12.551  1.00 31.48 ? 347 HOH A O   1 
HETATM 1253 O O   . HOH F 5 .   ? 7.913   -6.130  10.757  1.00 27.33 ? 348 HOH A O   1 
HETATM 1254 O O   . HOH F 5 .   ? 7.232   -2.901  12.336  1.00 30.06 ? 349 HOH A O   1 
HETATM 1255 O O   . HOH F 5 .   ? -11.460 -6.076  15.262  1.00 25.56 ? 350 HOH A O   1 
HETATM 1256 O O   . HOH F 5 .   ? 9.021   3.508   14.464  1.00 28.31 ? 351 HOH A O   1 
HETATM 1257 O O   . HOH F 5 .   ? 14.185  12.362  1.441   1.00 28.27 ? 352 HOH A O   1 
HETATM 1258 O O   . HOH F 5 .   ? 12.275  -7.244  -2.723  1.00 37.26 ? 353 HOH A O   1 
HETATM 1259 O O   . HOH F 5 .   ? 12.907  -7.466  1.991   1.00 27.20 ? 354 HOH A O   1 
HETATM 1260 O O   . HOH F 5 .   ? 9.886   -10.837 -4.907  1.00 26.58 ? 355 HOH A O   1 
HETATM 1261 O O   . HOH F 5 .   ? -3.170  4.148   8.504   1.00 16.92 ? 356 HOH A O   1 
HETATM 1262 O O   . HOH F 5 .   ? 14.674  4.232   8.932   1.00 35.06 ? 357 HOH A O   1 
HETATM 1263 O O   . HOH F 5 .   ? 16.222  0.531   10.037  1.00 37.75 ? 358 HOH A O   1 
HETATM 1264 O O   . HOH F 5 .   ? -8.083  6.041   8.020   1.00 24.73 ? 359 HOH A O   1 
HETATM 1265 O O   . HOH F 5 .   ? 3.936   -21.207 -2.158  1.00 36.02 ? 360 HOH A O   1 
HETATM 1266 O O   . HOH F 5 .   ? 2.299   -22.769 -8.732  1.00 29.81 ? 361 HOH A O   1 
HETATM 1267 O O   . HOH F 5 .   ? 2.872   1.688   -13.022 1.00 31.82 ? 362 HOH A O   1 
HETATM 1268 O O   . HOH F 5 .   ? -2.197  -0.718  9.333   1.00 20.82 ? 363 HOH A O   1 
HETATM 1269 O O   . HOH F 5 .   ? 8.308   -13.915 -4.980  1.00 23.34 ? 364 HOH A O   1 
HETATM 1270 O O   . HOH F 5 .   ? 5.855   -5.099  11.274  1.00 33.65 ? 365 HOH A O   1 
HETATM 1271 O O   . HOH F 5 .   ? 10.472  -1.529  12.439  1.00 34.28 ? 366 HOH A O   1 
HETATM 1272 O O   . HOH F 5 .   ? -1.746  2.160   9.971   1.00 26.37 ? 367 HOH A O   1 
HETATM 1273 O O   . HOH F 5 .   ? -5.831  9.510   11.331  1.00 31.90 ? 368 HOH A O   1 
HETATM 1274 O O   . HOH F 5 .   ? -9.031  9.659   11.083  1.00 14.71 ? 369 HOH A O   1 
HETATM 1275 O O   . HOH F 5 .   ? -10.091 7.566   9.651   1.00 15.07 ? 370 HOH A O   1 
HETATM 1276 O O   . HOH F 5 .   ? -19.460 8.134   7.951   1.00 18.59 ? 371 HOH A O   1 
HETATM 1277 O O   . HOH F 5 .   ? -25.309 11.229  7.289   1.00 33.04 ? 372 HOH A O   1 
HETATM 1278 O O   . HOH F 5 .   ? -22.775 16.257  2.758   1.00 31.57 ? 373 HOH A O   1 
HETATM 1279 O O   . HOH F 5 .   ? -9.991  16.509  12.743  1.00 21.11 ? 375 HOH A O   1 
HETATM 1280 O O   . HOH F 5 .   ? -11.204 19.603  11.723  1.00 36.76 ? 376 HOH A O   1 
HETATM 1281 O O   . HOH F 5 .   ? -2.927  20.115  0.023   1.00 37.22 ? 377 HOH A O   1 
HETATM 1282 O O   . HOH F 5 .   ? -5.348  14.978  -2.559  1.00 22.80 ? 378 HOH A O   1 
HETATM 1283 O O   . HOH F 5 .   ? -9.391  22.817  3.827   1.00 40.69 ? 379 HOH A O   1 
HETATM 1284 O O   . HOH F 5 .   ? -11.090 -9.790  -1.642  1.00 29.15 ? 380 HOH A O   1 
HETATM 1285 O O   . HOH F 5 .   ? -11.426 -11.167 -4.028  1.00 39.43 ? 381 HOH A O   1 
HETATM 1286 O O   . HOH F 5 .   ? -12.794 -10.433 -7.740  1.00 41.20 ? 382 HOH A O   1 
HETATM 1287 O O   . HOH F 5 .   ? -11.329 -8.884  -14.256 1.00 29.43 ? 383 HOH A O   1 
HETATM 1288 O O   . HOH F 5 .   ? -12.131 -8.220  3.513   1.00 34.88 ? 384 HOH A O   1 
HETATM 1289 O O   . HOH F 5 .   ? -13.124 -1.678  0.385   1.00 32.63 ? 385 HOH A O   1 
HETATM 1290 O O   . HOH F 5 .   ? -13.624 4.309   3.670   1.00 27.08 ? 386 HOH A O   1 
HETATM 1291 O O   . HOH F 5 .   ? -10.160 2.921   9.801   1.00 14.16 ? 387 HOH A O   1 
HETATM 1292 O O   . HOH F 5 .   ? -11.422 5.265   10.870  1.00 22.32 ? 388 HOH A O   1 
HETATM 1293 O O   . HOH F 5 .   ? -14.085 4.666   10.006  1.00 14.73 ? 389 HOH A O   1 
HETATM 1294 O O   . HOH F 5 .   ? -16.599 4.097   7.930   1.00 14.27 ? 390 HOH A O   1 
HETATM 1295 O O   . HOH F 5 .   ? -18.077 5.928   9.515   1.00 11.81 ? 391 HOH A O   1 
HETATM 1296 O O   . HOH F 5 .   ? -14.549 14.278  9.216   1.00 29.88 ? 392 HOH A O   1 
HETATM 1297 O O   . HOH F 5 .   ? -3.886  8.922   -6.464  1.00 9.04  ? 393 HOH A O   1 
HETATM 1298 O O   . HOH F 5 .   ? -6.242  10.139  -7.164  1.00 14.29 ? 394 HOH A O   1 
HETATM 1299 O O   . HOH F 5 .   ? -2.129  8.308   -8.531  1.00 13.71 ? 395 HOH A O   1 
HETATM 1300 O O   . HOH F 5 .   ? -0.336  4.895   -7.194  1.00 22.64 ? 396 HOH A O   1 
HETATM 1301 O O   . HOH F 5 .   ? 0.386   7.313   -7.574  1.00 17.99 ? 397 HOH A O   1 
HETATM 1302 O O   . HOH F 5 .   ? 0.305   10.426  -6.965  1.00 29.49 ? 398 HOH A O   1 
HETATM 1303 O O   . HOH F 5 .   ? 1.006   4.841   -9.801  1.00 17.73 ? 399 HOH A O   1 
HETATM 1304 O O   . HOH F 5 .   ? -0.068  15.217  9.117   1.00 42.22 ? 400 HOH A O   1 
HETATM 1305 O O   . HOH F 5 .   ? -12.058 -0.705  -6.502  1.00 33.36 ? 401 HOH A O   1 
HETATM 1306 O O   . HOH F 5 .   ? 1.133   -21.719 -11.660 1.00 26.98 ? 402 HOH A O   1 
HETATM 1307 O O   . HOH F 5 .   ? 5.690   -8.513  1.051   1.00 6.97  ? 403 HOH A O   1 
HETATM 1308 O O   . HOH F 5 .   ? 13.398  -7.539  8.542   1.00 23.90 ? 404 HOH A O   1 
HETATM 1309 O O   . HOH F 5 .   ? -17.445 8.022   -5.359  1.00 29.99 ? 405 HOH A O   1 
HETATM 1310 O O   . HOH F 5 .   ? -15.794 9.750   -4.333  1.00 27.30 ? 406 HOH A O   1 
HETATM 1311 O O   . HOH F 5 .   ? -15.866 10.253  -1.963  1.00 25.38 ? 407 HOH A O   1 
HETATM 1312 O O   . HOH F 5 .   ? -23.526 15.475  0.322   1.00 24.24 ? 408 HOH A O   1 
HETATM 1313 O O   . HOH F 5 .   ? -6.242  -2.595  -16.534 1.00 35.50 ? 409 HOH A O   1 
HETATM 1314 O O   . HOH F 5 .   ? 8.998   1.234   -12.878 1.00 43.60 ? 410 HOH A O   1 
HETATM 1315 O O   . HOH F 5 .   ? 6.950   -2.618  -17.022 1.00 45.51 ? 411 HOH A O   1 
HETATM 1316 O O   . HOH F 5 .   ? -8.851  -13.149 -7.746  1.00 43.96 ? 413 HOH A O   1 
HETATM 1317 O O   . HOH F 5 .   ? -1.575  -17.589 -4.944  1.00 38.48 ? 414 HOH A O   1 
HETATM 1318 O O   . HOH F 5 .   ? -1.536  -21.685 -9.838  1.00 51.04 ? 415 HOH A O   1 
HETATM 1319 O O   . HOH F 5 .   ? -6.599  -14.808 -7.462  1.00 24.50 ? 416 HOH A O   1 
HETATM 1320 O O   . HOH F 5 .   ? 12.963  -20.037 -0.306  1.00 31.72 ? 417 HOH A O   1 
HETATM 1321 O O   . HOH F 5 .   ? 15.717  -17.587 1.750   1.00 38.04 ? 418 HOH A O   1 
HETATM 1322 O O   . HOH F 5 .   ? 0.830   -18.983 -0.563  1.00 38.46 ? 419 HOH A O   1 
HETATM 1323 O O   . HOH F 5 .   ? 1.233   -22.006 -1.023  1.00 45.28 ? 420 HOH A O   1 
HETATM 1324 O O   . HOH F 5 .   ? 7.603   -5.670  15.403  1.00 40.91 ? 421 HOH A O   1 
HETATM 1325 O O   . HOH F 5 .   ? -11.771 11.382  -2.672  1.00 31.53 ? 422 HOH A O   1 
HETATM 1326 O O   . HOH F 5 .   ? 7.645   -11.815 -6.767  1.00 28.29 ? 425 HOH A O   1 
HETATM 1327 O O   . HOH F 5 .   ? 2.051   -11.455 12.461  1.00 34.93 ? 426 HOH A O   1 
HETATM 1328 O O   . HOH F 5 .   ? 3.118   -12.733 10.270  1.00 35.02 ? 427 HOH A O   1 
HETATM 1329 O O   . HOH F 5 .   ? 2.921   -11.496 15.097  1.00 26.42 ? 428 HOH A O   1 
HETATM 1330 O O   . HOH F 5 .   ? 2.232   17.000  3.274   1.00 34.88 ? 429 HOH A O   1 
HETATM 1331 O O   . HOH F 5 .   ? -3.631  12.565  10.774  1.00 31.30 ? 430 HOH A O   1 
HETATM 1332 O O   . HOH F 5 .   ? 9.663   6.122   15.014  1.00 37.87 ? 432 HOH A O   1 
HETATM 1333 O O   . HOH F 5 .   ? 15.692  -2.233  8.146   1.00 35.25 ? 434 HOH A O   1 
HETATM 1334 O O   . HOH F 5 .   ? -15.145 14.417  -2.891  1.00 40.10 ? 435 HOH A O   1 
HETATM 1335 O O   . HOH F 5 .   ? -19.263 12.629  -3.037  1.00 46.68 ? 436 HOH A O   1 
HETATM 1336 O O   . HOH F 5 .   ? -24.749 8.861   -2.866  1.00 30.55 ? 437 HOH A O   1 
HETATM 1337 O O   . HOH F 5 .   ? 5.849   -9.519  -19.036 1.00 51.43 ? 439 HOH A O   1 
HETATM 1338 O O   . HOH F 5 .   ? 0.055   -14.610 -16.984 1.00 35.42 ? 440 HOH A O   1 
HETATM 1339 O O   . HOH F 5 .   ? 0.085   -12.473 -18.412 1.00 41.46 ? 441 HOH A O   1 
HETATM 1340 O O   . HOH F 5 .   ? 2.271   -11.836 -19.555 1.00 48.02 ? 442 HOH A O   1 
HETATM 1341 O O   . HOH F 5 .   ? -3.742  -7.716  -21.006 1.00 44.44 ? 443 HOH A O   1 
HETATM 1342 O O   . HOH F 5 .   ? -7.999  5.059   0.845   1.00 26.04 ? 445 HOH A O   1 
HETATM 1343 O O   . HOH F 5 .   ? -6.477  13.785  -5.360  1.00 39.36 ? 446 HOH A O   1 
HETATM 1344 O O   . HOH F 5 .   ? -5.144  -8.211  14.703  1.00 36.67 ? 447 HOH A O   1 
HETATM 1345 O O   . HOH F 5 .   ? -6.767  -11.228 15.548  1.00 41.75 ? 448 HOH A O   1 
HETATM 1346 O O   . HOH F 5 .   ? -4.270  -5.661  15.629  1.00 38.28 ? 449 HOH A O   1 
HETATM 1347 O O   . HOH F 5 .   ? -5.192  -4.090  14.713  1.00 31.99 ? 450 HOH A O   1 
HETATM 1348 O O   . HOH F 5 .   ? -4.885  -14.634 9.038   1.00 40.00 ? 451 HOH A O   1 
HETATM 1349 O O   . HOH F 5 .   ? -0.044  -15.081 10.730  1.00 31.78 ? 452 HOH A O   1 
HETATM 1350 O O   . HOH F 5 .   ? 12.505  9.794   -7.549  1.00 28.61 ? 453 HOH A O   1 
HETATM 1351 O O   . HOH F 5 .   ? -2.306  10.509  8.442   1.00 14.99 ? 454 HOH A O   1 
HETATM 1352 O O   . HOH F 5 .   ? -1.114  13.013  8.507   1.00 30.86 ? 455 HOH A O   1 
HETATM 1353 O O   . HOH F 5 .   ? -16.709 14.126  11.084  1.00 29.47 ? 456 HOH A O   1 
HETATM 1354 O O   . HOH F 5 .   ? -8.788  4.209   5.148   1.00 26.10 ? 457 HOH A O   1 
HETATM 1355 O O   . HOH F 5 .   ? -6.241  6.967   12.550  0.50 21.94 ? 458 HOH A O   1 
HETATM 1356 O O   . HOH F 5 .   ? -12.801 -6.377  -2.054  1.00 40.79 ? 459 HOH A O   1 
HETATM 1357 O O   . HOH F 5 .   ? -11.558 -3.952  -9.164  1.00 44.25 ? 461 HOH A O   1 
HETATM 1358 O O   . HOH F 5 .   ? -10.969 -2.172  -11.330 1.00 42.42 ? 462 HOH A O   1 
HETATM 1359 O O   . HOH F 5 .   ? -13.273 -7.366  5.899   1.00 47.99 ? 463 HOH A O   1 
HETATM 1360 O O   . HOH F 5 .   ? 8.282   -8.771  -6.484  1.00 34.98 ? 465 HOH A O   1 
HETATM 1361 O O   . HOH F 5 .   ? 14.034  -10.407 2.738   1.00 42.26 ? 466 HOH A O   1 
HETATM 1362 O O   . HOH F 5 .   ? 13.611  -7.534  -0.543  1.00 41.10 ? 467 HOH A O   1 
HETATM 1363 O O   . HOH F 5 .   ? 14.487  -3.325  -0.619  1.00 45.21 ? 468 HOH A O   1 
HETATM 1364 O O   . HOH F 5 .   ? 16.622  -0.248  -2.399  1.00 45.91 ? 469 HOH A O   1 
HETATM 1365 O O   . HOH F 5 .   ? 2.769   13.811  3.666   1.00 35.24 ? 470 HOH A O   1 
HETATM 1366 O O   . HOH F 5 .   ? 9.101   -12.914 -10.591 1.00 52.08 ? 471 HOH A O   1 
HETATM 1367 O O   . HOH F 5 .   ? 19.552  9.426   2.092   1.00 44.28 ? 472 HOH A O   1 
HETATM 1368 O O   . HOH F 5 .   ? 15.001  -7.036  9.838   1.00 29.74 ? 473 HOH A O   1 
HETATM 1369 O O   . HOH F 5 .   ? 15.463  -6.067  3.567   1.00 47.20 ? 474 HOH A O   1 
HETATM 1370 O O   . HOH F 5 .   ? 15.089  -6.829  5.708   1.00 44.04 ? 475 HOH A O   1 
HETATM 1371 O O   . HOH F 5 .   ? 8.829   -20.762 -13.524 1.00 29.70 ? 476 HOH A O   1 
HETATM 1372 O O   . HOH F 5 .   ? 4.179   -24.385 -10.217 1.00 33.98 ? 477 HOH A O   1 
HETATM 1373 O O   . HOH F 5 .   ? -3.468  -11.096 12.527  1.00 39.60 ? 478 HOH A O   1 
HETATM 1374 O O   . HOH F 5 .   ? 6.189   0.838   13.522  1.00 30.73 ? 479 HOH A O   1 
HETATM 1375 O O   . HOH F 5 .   ? 7.556   16.091  -7.672  1.00 38.88 ? 480 HOH A O   1 
HETATM 1376 O O   . HOH F 5 .   ? 8.536   13.212  -6.571  1.00 40.61 ? 481 HOH A O   1 
HETATM 1377 O O   . HOH F 5 .   ? 11.919  -11.828 -6.193  1.00 50.14 ? 482 HOH A O   1 
HETATM 1378 O O   . HOH F 5 .   ? -19.498 3.919   1.239   1.00 37.19 ? 483 HOH A O   1 
HETATM 1379 O O   . HOH F 5 .   ? -5.303  6.839   9.380   1.00 41.35 ? 484 HOH A O   1 
HETATM 1380 O O   . HOH F 5 .   ? -12.953 -7.024  8.581   1.00 32.79 ? 485 HOH A O   1 
HETATM 1381 O O   . HOH F 5 .   ? 10.298  7.264   12.754  1.00 34.39 ? 486 HOH A O   1 
HETATM 1382 O O   . HOH F 5 .   ? 0.304   17.555  -3.973  1.00 42.94 ? 487 HOH A O   1 
HETATM 1383 O O   . HOH F 5 .   ? -0.906  19.386  -3.011  1.00 48.15 ? 488 HOH A O   1 
HETATM 1384 O O   . HOH F 5 .   ? -1.908  14.533  10.512  1.00 45.00 ? 490 HOH A O   1 
HETATM 1385 O O   . HOH F 5 .   ? 9.301   3.711   -11.605 1.00 37.89 ? 491 HOH A O   1 
HETATM 1386 O O   . HOH F 5 .   ? 4.447   3.686   -12.755 1.00 47.42 ? 492 HOH A O   1 
# 
